data_9MEJ
#
_entry.id   9MEJ
#
_cell.length_a   1.00
_cell.length_b   1.00
_cell.length_c   1.00
_cell.angle_alpha   90.00
_cell.angle_beta   90.00
_cell.angle_gamma   90.00
#
_symmetry.space_group_name_H-M   'P 1'
#
loop_
_entity.id
_entity.type
_entity.pdbx_description
1 polymer 'C-X-C chemokine receptor type 4'
2 polymer gp120
#
loop_
_entity_poly.entity_id
_entity_poly.type
_entity_poly.pdbx_seq_one_letter_code
_entity_poly.pdbx_strand_id
1 'polypeptide(L)'
;MEGISIYTSDNYTEEMGSGDYDSMKEPCFREENANFNKIFLPTIYSIIFLTGIVGNGLVILVMGYQKKLRSMTDKYRLHL
SVADLLFVITLPFWAVDAVANWYFGNFLCKAVHVIYTVNLYSSVLILAFISLDRYLAIVHATNSQRPRKLLAEKVVYVGV
WIPALLLTIPDFIFANVSEADDRYICDRFYPNDLWVVVFQFQHIMVGLILPGIVILSCYCIIISKLSHSKGHQKRKALKT
TVILILAFFACWLPYYIGISIDSFILLEIIKQGCEFENTVHKWISITEALAFFHCCLNPILYAFLGAKFKTSAQHALTSV
SRGSSLKILSKGKRGGHSSVSTESESSSFHSSDYKDDDDK
;
A,B,C,D
2 'polypeptide(L)'
;KQFVTVFYGIPAWRNASIPLFCATKNRDTWGTIQCLPDNDDYQEIALNVTEAFDAWNNTVTEQAVEDVWNLFETSIKPCV
KLTPLCVAMNCTRNMTTSTGTTDTQNITIINDTSPCVRADNCTGLKEEEMVDCQFNMTGLERDKRKQYTEAWYSKDVICD
NNTSSRSKCYMNHCNTSVITESCDKHYWDAMRFRYCAPPGFALLRCNDTNYSGFAPNCSKVVAATCTRMMETQSSTWFGF
NGTRAENRTYIYWHGKNNRTIISLNNFYNLTMHCKRPGNKTVLPIMSGFKFHSKPVINKKPRQAWCWFKGEWKEAMQEVK
ETLAKHPRYKGNRSRTENIKFKAPGRGSDPEAAYMWTNCRGEFLYCNMTWFLNWVDNRTGQKQRNYAPCHIRQIINTWHR
VGKNVYLPPREGELTCNSTVTSIIANIDTGDQTDITFSAEVAELYRLELGDYKLVEITPIGFAPTSVKRYSSAHQRHTR
;
E
#
# COMPACT_ATOMS: atom_id res chain seq x y z
N GLU A 26 -15.38 -15.06 -10.86
CA GLU A 26 -14.33 -14.09 -11.16
C GLU A 26 -14.30 -13.74 -12.66
N PRO A 27 -14.44 -12.44 -12.97
CA PRO A 27 -14.46 -12.02 -14.38
C PRO A 27 -13.11 -12.16 -15.09
N CYS A 28 -12.10 -11.49 -14.57
CA CYS A 28 -10.82 -11.31 -15.28
C CYS A 28 -9.82 -10.72 -14.30
N PHE A 29 -8.62 -10.41 -14.79
CA PHE A 29 -7.63 -9.67 -14.05
C PHE A 29 -7.64 -8.22 -14.52
N ARG A 30 -7.84 -7.30 -13.58
CA ARG A 30 -7.93 -5.87 -13.88
C ARG A 30 -6.64 -5.18 -13.49
N GLU A 31 -6.06 -4.43 -14.43
CA GLU A 31 -4.78 -3.77 -14.22
C GLU A 31 -5.02 -2.27 -14.01
N GLU A 32 -4.50 -1.74 -12.90
CA GLU A 32 -4.67 -0.35 -12.56
C GLU A 32 -3.55 0.06 -11.62
N ASN A 33 -2.95 1.23 -11.89
CA ASN A 33 -1.93 1.80 -11.03
C ASN A 33 -2.53 2.90 -10.18
N ALA A 34 -2.06 2.99 -8.94
CA ALA A 34 -2.58 3.99 -8.02
C ALA A 34 -2.10 5.39 -8.40
N ASN A 35 -2.88 6.39 -8.01
CA ASN A 35 -2.54 7.77 -8.36
C ASN A 35 -1.39 8.32 -7.54
N PHE A 36 -1.14 7.77 -6.35
CA PHE A 36 -0.01 8.22 -5.55
C PHE A 36 1.31 7.84 -6.19
N ASN A 37 1.37 6.72 -6.89
CA ASN A 37 2.55 6.38 -7.67
C ASN A 37 2.76 7.34 -8.83
N LYS A 38 1.67 7.81 -9.43
CA LYS A 38 1.75 8.64 -10.63
C LYS A 38 2.30 10.03 -10.39
N ILE A 39 2.47 10.45 -9.13
CA ILE A 39 3.03 11.76 -8.82
C ILE A 39 4.32 11.64 -8.01
N PHE A 40 4.35 10.74 -7.02
CA PHE A 40 5.57 10.49 -6.25
C PHE A 40 6.64 9.83 -7.12
N LEU A 41 6.22 8.97 -8.05
CA LEU A 41 7.15 8.27 -8.93
C LEU A 41 7.92 9.21 -9.88
N PRO A 42 7.29 10.14 -10.65
CA PRO A 42 8.11 11.04 -11.48
C PRO A 42 8.94 12.04 -10.69
N THR A 43 8.53 12.34 -9.45
CA THR A 43 9.38 13.10 -8.54
C THR A 43 10.69 12.37 -8.30
N ILE A 44 10.60 11.06 -8.09
CA ILE A 44 11.77 10.23 -7.87
C ILE A 44 12.64 10.17 -9.12
N TYR A 45 12.04 10.00 -10.31
CA TYR A 45 12.88 9.98 -11.52
C TYR A 45 13.53 11.34 -11.77
N SER A 46 12.86 12.44 -11.42
CA SER A 46 13.47 13.74 -11.66
C SER A 46 14.64 13.99 -10.72
N ILE A 47 14.52 13.64 -9.44
CA ILE A 47 15.64 13.89 -8.53
C ILE A 47 16.80 12.93 -8.84
N ILE A 48 16.49 11.68 -9.19
CA ILE A 48 17.52 10.71 -9.57
C ILE A 48 18.21 11.17 -10.85
N PHE A 49 17.44 11.71 -11.80
CA PHE A 49 18.02 12.23 -13.04
C PHE A 49 18.93 13.42 -12.78
N LEU A 50 18.51 14.35 -11.94
CA LEU A 50 19.30 15.56 -11.69
C LEU A 50 20.63 15.22 -11.02
N THR A 51 20.59 14.49 -9.90
CA THR A 51 21.85 14.16 -9.22
C THR A 51 22.68 13.17 -10.01
N GLY A 52 22.05 12.27 -10.77
CA GLY A 52 22.82 11.34 -11.58
C GLY A 52 23.58 12.01 -12.70
N ILE A 53 22.92 12.93 -13.43
CA ILE A 53 23.62 13.59 -14.53
C ILE A 53 24.67 14.55 -14.00
N VAL A 54 24.41 15.21 -12.85
CA VAL A 54 25.40 16.13 -12.29
C VAL A 54 26.63 15.38 -11.81
N GLY A 55 26.42 14.33 -11.02
CA GLY A 55 27.54 13.59 -10.47
C GLY A 55 28.32 12.82 -11.50
N ASN A 56 27.63 12.20 -12.47
CA ASN A 56 28.36 11.44 -13.47
C ASN A 56 29.06 12.34 -14.48
N GLY A 57 28.47 13.50 -14.82
CA GLY A 57 29.18 14.46 -15.64
C GLY A 57 30.40 15.02 -14.93
N LEU A 58 30.28 15.28 -13.62
CA LEU A 58 31.42 15.76 -12.84
C LEU A 58 32.53 14.71 -12.77
N VAL A 59 32.17 13.45 -12.54
CA VAL A 59 33.15 12.38 -12.42
C VAL A 59 33.84 12.13 -13.76
N ILE A 60 33.07 12.12 -14.85
CA ILE A 60 33.66 11.89 -16.17
C ILE A 60 34.54 13.05 -16.59
N LEU A 61 34.08 14.29 -16.40
CA LEU A 61 34.88 15.44 -16.78
C LEU A 61 36.01 15.74 -15.79
N VAL A 62 36.08 15.04 -14.65
CA VAL A 62 37.25 15.16 -13.80
C VAL A 62 38.20 13.96 -13.95
N MET A 63 37.75 12.86 -14.56
CA MET A 63 38.60 11.68 -14.70
C MET A 63 39.03 11.41 -16.13
N GLY A 64 38.07 11.24 -17.05
CA GLY A 64 38.39 10.86 -18.40
C GLY A 64 38.86 11.96 -19.30
N TYR A 65 38.82 13.21 -18.83
CA TYR A 65 39.29 14.34 -19.61
C TYR A 65 40.47 15.06 -18.99
N GLN A 66 40.54 15.13 -17.67
CA GLN A 66 41.69 15.74 -17.00
C GLN A 66 42.75 14.73 -16.59
N LYS A 67 42.47 13.43 -16.75
CA LYS A 67 43.40 12.33 -16.46
C LYS A 67 43.90 12.37 -15.01
N LYS A 68 42.96 12.45 -14.08
CA LYS A 68 43.25 12.45 -12.66
C LYS A 68 43.29 11.04 -12.06
N LEU A 69 43.38 10.01 -12.91
CA LEU A 69 43.40 8.64 -12.41
C LEU A 69 44.76 8.32 -11.80
N ARG A 70 44.74 7.73 -10.61
CA ARG A 70 45.94 7.27 -9.94
C ARG A 70 45.92 5.78 -9.63
N SER A 71 44.82 5.28 -9.09
CA SER A 71 44.70 3.90 -8.70
C SER A 71 44.28 3.05 -9.90
N MET A 72 43.84 1.82 -9.63
CA MET A 72 43.31 0.95 -10.67
C MET A 72 41.79 0.91 -10.68
N THR A 73 41.15 1.19 -9.56
CA THR A 73 39.68 1.16 -9.47
C THR A 73 39.04 2.36 -10.15
N ASP A 74 39.81 3.39 -10.49
CA ASP A 74 39.24 4.56 -11.15
C ASP A 74 38.73 4.22 -12.55
N LYS A 75 39.39 3.29 -13.26
CA LYS A 75 38.89 2.84 -14.55
C LYS A 75 37.57 2.08 -14.41
N TYR A 76 37.45 1.25 -13.38
CA TYR A 76 36.22 0.52 -13.11
C TYR A 76 35.08 1.47 -12.76
N ARG A 77 35.36 2.46 -11.93
CA ARG A 77 34.32 3.42 -11.57
C ARG A 77 34.03 4.37 -12.71
N LEU A 78 34.99 4.58 -13.62
CA LEU A 78 34.72 5.31 -14.85
C LEU A 78 33.77 4.54 -15.76
N HIS A 79 33.95 3.22 -15.85
CA HIS A 79 33.01 2.39 -16.62
C HIS A 79 31.63 2.40 -15.99
N LEU A 80 31.56 2.34 -14.66
CA LEU A 80 30.29 2.47 -13.96
C LEU A 80 29.65 3.82 -14.22
N SER A 81 30.46 4.89 -14.27
CA SER A 81 29.93 6.22 -14.46
C SER A 81 29.46 6.45 -15.89
N VAL A 82 30.15 5.88 -16.89
CA VAL A 82 29.70 6.08 -18.26
C VAL A 82 28.41 5.29 -18.51
N ALA A 83 28.32 4.05 -17.99
CA ALA A 83 27.06 3.30 -18.11
C ALA A 83 25.94 3.99 -17.36
N ASP A 84 26.27 4.60 -16.22
CA ASP A 84 25.32 5.39 -15.46
C ASP A 84 24.80 6.56 -16.27
N LEU A 85 25.69 7.33 -16.92
CA LEU A 85 25.25 8.55 -17.59
C LEU A 85 24.44 8.21 -18.84
N LEU A 86 24.78 7.13 -19.57
CA LEU A 86 23.86 6.71 -20.63
C LEU A 86 22.54 6.16 -20.09
N PHE A 87 22.47 5.73 -18.83
CA PHE A 87 21.14 5.47 -18.28
C PHE A 87 20.38 6.76 -17.94
N VAL A 88 21.06 7.71 -17.29
CA VAL A 88 20.42 8.95 -16.85
C VAL A 88 19.96 9.82 -18.02
N ILE A 89 20.70 9.81 -19.13
CA ILE A 89 20.34 10.65 -20.28
C ILE A 89 19.09 10.16 -20.99
N THR A 90 18.62 8.95 -20.69
CA THR A 90 17.34 8.44 -21.17
C THR A 90 16.31 8.25 -20.07
N LEU A 91 16.70 8.44 -18.81
CA LEU A 91 15.75 8.40 -17.69
C LEU A 91 14.53 9.34 -17.78
N PRO A 92 14.61 10.61 -18.21
CA PRO A 92 13.38 11.43 -18.29
C PRO A 92 12.34 10.93 -19.27
N PHE A 93 12.73 10.09 -20.24
CA PHE A 93 11.73 9.38 -21.05
C PHE A 93 10.87 8.47 -20.20
N TRP A 94 11.49 7.74 -19.26
CA TRP A 94 10.71 6.94 -18.32
C TRP A 94 9.91 7.82 -17.35
N ALA A 95 10.46 8.99 -17.01
CA ALA A 95 9.74 9.92 -16.14
C ALA A 95 8.46 10.41 -16.79
N VAL A 96 8.51 10.74 -18.08
CA VAL A 96 7.30 11.16 -18.77
C VAL A 96 6.45 9.96 -19.18
N ASP A 97 7.00 8.75 -19.18
CA ASP A 97 6.18 7.56 -19.37
C ASP A 97 5.32 7.25 -18.16
N ALA A 98 5.86 7.50 -16.96
CA ALA A 98 5.14 7.15 -15.73
C ALA A 98 3.92 8.01 -15.48
N VAL A 99 3.79 9.15 -16.16
CA VAL A 99 2.64 10.04 -15.98
C VAL A 99 1.78 10.11 -17.23
N ALA A 100 2.38 10.14 -18.42
CA ALA A 100 1.66 10.32 -19.67
C ALA A 100 1.94 9.16 -20.61
N ASN A 101 1.11 9.05 -21.65
CA ASN A 101 1.25 8.00 -22.64
C ASN A 101 2.49 8.23 -23.50
N TRP A 102 3.05 7.14 -24.00
CA TRP A 102 4.26 7.21 -24.81
C TRP A 102 3.90 7.61 -26.23
N TYR A 103 4.04 8.90 -26.54
CA TYR A 103 3.76 9.40 -27.89
C TYR A 103 5.04 9.82 -28.62
N PHE A 104 6.13 9.07 -28.42
CA PHE A 104 7.37 9.33 -29.13
C PHE A 104 7.46 8.46 -30.39
N GLY A 105 7.43 7.16 -30.21
CA GLY A 105 7.57 6.22 -31.31
C GLY A 105 8.06 4.88 -30.81
N ASN A 106 8.13 3.92 -31.74
CA ASN A 106 8.58 2.58 -31.38
C ASN A 106 10.08 2.56 -31.11
N PHE A 107 10.87 3.16 -32.00
CA PHE A 107 12.32 3.06 -31.95
C PHE A 107 12.90 3.77 -30.72
N LEU A 108 12.23 4.82 -30.27
CA LEU A 108 12.67 5.54 -29.08
C LEU A 108 12.57 4.67 -27.83
N CYS A 109 11.49 3.90 -27.68
CA CYS A 109 11.43 3.09 -26.48
C CYS A 109 12.12 1.75 -26.66
N LYS A 110 12.39 1.34 -27.90
CA LYS A 110 13.40 0.32 -28.14
C LYS A 110 14.75 0.76 -27.60
N ALA A 111 15.12 2.02 -27.88
CA ALA A 111 16.38 2.57 -27.39
C ALA A 111 16.42 2.68 -25.88
N VAL A 112 15.31 3.13 -25.25
CA VAL A 112 15.33 3.28 -23.80
C VAL A 112 15.34 1.91 -23.12
N HIS A 113 14.72 0.90 -23.74
CA HIS A 113 14.73 -0.42 -23.14
C HIS A 113 16.10 -1.06 -23.26
N VAL A 114 16.75 -0.95 -24.44
CA VAL A 114 18.07 -1.56 -24.63
C VAL A 114 19.10 -0.86 -23.75
N ILE A 115 18.97 0.46 -23.55
CA ILE A 115 19.97 1.13 -22.75
C ILE A 115 19.74 0.86 -21.27
N TYR A 116 18.47 0.61 -20.87
CA TYR A 116 18.18 0.23 -19.49
C TYR A 116 18.72 -1.14 -19.16
N THR A 117 18.53 -2.13 -20.05
CA THR A 117 19.01 -3.46 -19.72
C THR A 117 20.53 -3.54 -19.83
N VAL A 118 21.15 -2.78 -20.74
CA VAL A 118 22.60 -2.82 -20.83
C VAL A 118 23.23 -2.12 -19.63
N ASN A 119 22.58 -1.07 -19.08
CA ASN A 119 23.10 -0.46 -17.85
C ASN A 119 22.93 -1.39 -16.66
N LEU A 120 21.77 -2.03 -16.54
CA LEU A 120 21.47 -2.85 -15.38
C LEU A 120 22.33 -4.12 -15.37
N TYR A 121 22.60 -4.71 -16.53
CA TYR A 121 23.52 -5.84 -16.56
C TYR A 121 24.96 -5.40 -16.37
N SER A 122 25.37 -4.35 -17.10
CA SER A 122 26.78 -3.96 -17.17
C SER A 122 27.29 -3.52 -15.80
N SER A 123 26.50 -2.69 -15.10
CA SER A 123 26.86 -2.23 -13.76
C SER A 123 27.06 -3.37 -12.78
N VAL A 124 26.30 -4.46 -12.92
CA VAL A 124 26.55 -5.68 -12.15
C VAL A 124 27.89 -6.29 -12.53
N LEU A 125 28.22 -6.31 -13.83
CA LEU A 125 29.55 -6.85 -14.22
C LEU A 125 30.72 -6.02 -13.68
N ILE A 126 30.69 -4.69 -13.79
CA ILE A 126 31.83 -3.95 -13.23
C ILE A 126 31.78 -3.97 -11.70
N LEU A 127 30.59 -4.04 -11.10
CA LEU A 127 30.48 -4.08 -9.65
C LEU A 127 30.94 -5.41 -9.07
N ALA A 128 30.99 -6.47 -9.88
CA ALA A 128 31.70 -7.68 -9.50
C ALA A 128 33.18 -7.64 -9.86
N PHE A 129 33.52 -6.93 -10.95
CA PHE A 129 34.91 -6.86 -11.40
C PHE A 129 35.80 -6.11 -10.41
N ILE A 130 35.25 -5.11 -9.72
CA ILE A 130 36.03 -4.38 -8.72
C ILE A 130 36.40 -5.30 -7.55
N SER A 131 35.45 -6.14 -7.12
CA SER A 131 35.73 -7.12 -6.07
C SER A 131 36.71 -8.19 -6.55
N LEU A 132 36.62 -8.58 -7.82
CA LEU A 132 37.58 -9.54 -8.37
C LEU A 132 39.00 -8.95 -8.40
N ASP A 133 39.11 -7.67 -8.77
CA ASP A 133 40.41 -6.99 -8.76
C ASP A 133 40.95 -6.90 -7.34
N ARG A 134 40.08 -6.61 -6.36
CA ARG A 134 40.53 -6.50 -4.98
C ARG A 134 40.95 -7.86 -4.41
N TYR A 135 40.27 -8.93 -4.82
CA TYR A 135 40.67 -10.28 -4.43
C TYR A 135 42.04 -10.63 -5.03
N LEU A 136 42.26 -10.29 -6.30
CA LEU A 136 43.57 -10.52 -6.89
C LEU A 136 44.64 -9.59 -6.32
N ALA A 137 44.23 -8.48 -5.72
CA ALA A 137 45.18 -7.52 -5.16
C ALA A 137 45.67 -7.95 -3.79
N ILE A 138 44.76 -8.19 -2.86
CA ILE A 138 45.18 -8.39 -1.46
C ILE A 138 45.72 -9.79 -1.25
N VAL A 139 45.05 -10.81 -1.79
CA VAL A 139 45.47 -12.19 -1.56
C VAL A 139 46.77 -12.50 -2.30
N HIS A 140 46.79 -12.25 -3.60
CA HIS A 140 48.00 -12.41 -4.40
C HIS A 140 48.68 -11.05 -4.57
N ALA A 141 49.29 -10.60 -3.47
CA ALA A 141 49.94 -9.29 -3.46
C ALA A 141 51.29 -9.30 -4.18
N THR A 142 52.02 -10.41 -4.12
CA THR A 142 53.36 -10.45 -4.67
C THR A 142 53.35 -10.62 -6.20
N ASN A 143 52.80 -11.73 -6.67
CA ASN A 143 52.86 -12.07 -8.09
C ASN A 143 51.61 -11.61 -8.85
N SER A 144 51.25 -10.34 -8.71
CA SER A 144 50.18 -9.77 -9.53
C SER A 144 50.50 -8.28 -9.73
N GLN A 145 51.22 -7.98 -10.80
CA GLN A 145 51.42 -6.61 -11.25
C GLN A 145 50.96 -6.42 -12.69
N ARG A 146 51.39 -7.29 -13.60
CA ARG A 146 50.84 -7.28 -14.95
C ARG A 146 49.35 -7.62 -15.07
N PRO A 147 48.77 -8.66 -14.42
CA PRO A 147 47.39 -9.02 -14.81
C PRO A 147 46.34 -8.05 -14.31
N ARG A 148 46.58 -7.36 -13.20
CA ARG A 148 45.66 -6.31 -12.75
C ARG A 148 45.62 -5.18 -13.76
N LYS A 149 46.79 -4.82 -14.32
CA LYS A 149 46.83 -3.88 -15.44
C LYS A 149 46.13 -4.45 -16.66
N LEU A 150 46.19 -5.77 -16.86
CA LEU A 150 45.50 -6.39 -18.00
C LEU A 150 43.98 -6.27 -17.88
N LEU A 151 43.42 -6.49 -16.68
CA LEU A 151 41.99 -6.23 -16.54
C LEU A 151 41.69 -4.73 -16.51
N ALA A 152 42.67 -3.90 -16.19
CA ALA A 152 42.46 -2.46 -16.32
C ALA A 152 42.33 -2.04 -17.77
N GLU A 153 43.06 -2.70 -18.69
CA GLU A 153 43.00 -2.23 -20.07
C GLU A 153 41.97 -2.97 -20.92
N LYS A 154 41.97 -4.31 -20.90
CA LYS A 154 41.32 -5.05 -21.98
C LYS A 154 40.26 -6.05 -21.53
N VAL A 155 40.43 -6.67 -20.36
CA VAL A 155 39.51 -7.74 -19.97
C VAL A 155 38.14 -7.20 -19.60
N VAL A 156 38.06 -5.96 -19.11
CA VAL A 156 36.76 -5.33 -18.89
C VAL A 156 36.02 -5.12 -20.21
N TYR A 157 36.72 -4.69 -21.26
CA TYR A 157 36.07 -4.46 -22.54
C TYR A 157 35.70 -5.76 -23.24
N VAL A 158 36.48 -6.83 -23.03
CA VAL A 158 36.16 -8.10 -23.68
C VAL A 158 35.33 -9.01 -22.80
N GLY A 159 34.97 -8.60 -21.58
CA GLY A 159 34.13 -9.44 -20.78
C GLY A 159 33.07 -8.74 -19.95
N VAL A 160 32.79 -7.46 -20.24
CA VAL A 160 31.72 -6.76 -19.53
C VAL A 160 30.69 -6.27 -20.53
N TRP A 161 31.12 -5.44 -21.49
CA TRP A 161 30.18 -4.77 -22.38
C TRP A 161 29.60 -5.73 -23.41
N ILE A 162 30.45 -6.54 -24.04
CA ILE A 162 29.96 -7.48 -25.05
C ILE A 162 29.16 -8.66 -24.49
N PRO A 163 29.36 -9.16 -23.26
CA PRO A 163 28.28 -9.99 -22.68
C PRO A 163 27.02 -9.22 -22.42
N ALA A 164 27.14 -7.98 -21.92
CA ALA A 164 25.97 -7.14 -21.69
C ALA A 164 25.25 -6.83 -23.00
N LEU A 165 26.01 -6.57 -24.06
CA LEU A 165 25.41 -6.40 -25.39
C LEU A 165 24.87 -7.72 -25.93
N LEU A 166 25.42 -8.86 -25.49
CA LEU A 166 24.88 -10.14 -25.91
C LEU A 166 23.52 -10.40 -25.26
N LEU A 167 23.28 -9.84 -24.06
CA LEU A 167 21.97 -9.95 -23.43
C LEU A 167 21.03 -8.79 -23.74
N THR A 168 21.10 -8.22 -24.95
CA THR A 168 20.09 -7.28 -25.40
C THR A 168 19.23 -7.75 -26.56
N ILE A 169 19.67 -8.73 -27.33
CA ILE A 169 18.95 -9.14 -28.54
C ILE A 169 17.56 -9.74 -28.33
N PRO A 170 17.20 -10.37 -27.19
CA PRO A 170 15.76 -10.58 -26.94
C PRO A 170 14.97 -9.29 -26.82
N ASP A 171 15.54 -8.26 -26.20
CA ASP A 171 14.85 -6.98 -26.13
C ASP A 171 14.86 -6.33 -27.51
N PHE A 172 15.91 -6.57 -28.29
CA PHE A 172 15.94 -6.10 -29.68
C PHE A 172 14.92 -6.82 -30.57
N ILE A 173 14.41 -7.97 -30.15
CA ILE A 173 13.38 -8.64 -30.94
C ILE A 173 12.00 -8.62 -30.29
N PHE A 174 11.90 -8.54 -28.96
CA PHE A 174 10.59 -8.68 -28.32
C PHE A 174 9.97 -7.38 -27.84
N ALA A 175 10.72 -6.29 -27.74
CA ALA A 175 10.15 -5.03 -27.29
C ALA A 175 9.34 -4.41 -28.42
N ASN A 176 8.14 -3.94 -28.08
CA ASN A 176 7.22 -3.36 -29.04
C ASN A 176 6.27 -2.43 -28.28
N VAL A 177 5.47 -1.67 -29.04
CA VAL A 177 4.51 -0.74 -28.46
C VAL A 177 3.12 -1.35 -28.57
N SER A 178 2.20 -0.87 -27.73
CA SER A 178 0.83 -1.37 -27.69
C SER A 178 -0.13 -0.25 -27.32
N GLU A 179 -1.32 -0.28 -27.89
CA GLU A 179 -2.39 0.65 -27.54
C GLU A 179 -3.48 -0.12 -26.79
N ALA A 180 -3.44 -0.02 -25.46
CA ALA A 180 -4.40 -0.71 -24.61
C ALA A 180 -5.28 0.32 -23.90
N ASP A 181 -6.42 0.64 -24.53
CA ASP A 181 -7.48 1.51 -23.97
C ASP A 181 -6.97 2.91 -23.62
N ASP A 182 -6.62 3.65 -24.69
CA ASP A 182 -6.31 5.08 -24.64
C ASP A 182 -5.08 5.35 -23.76
N ARG A 183 -4.11 4.44 -23.84
CA ARG A 183 -2.94 4.47 -22.99
C ARG A 183 -1.77 3.82 -23.72
N TYR A 184 -0.83 4.63 -24.21
CA TYR A 184 0.31 4.10 -24.96
C TYR A 184 1.40 3.69 -23.99
N ILE A 185 1.54 2.39 -23.78
CA ILE A 185 2.64 1.83 -23.00
C ILE A 185 3.45 0.94 -23.93
N CYS A 186 4.74 0.80 -23.66
CA CYS A 186 5.53 -0.20 -24.35
C CYS A 186 6.43 -0.92 -23.36
N ASP A 187 6.67 -2.21 -23.63
CA ASP A 187 7.33 -3.11 -22.70
C ASP A 187 7.83 -4.23 -23.58
N ARG A 188 8.78 -5.01 -23.05
CA ARG A 188 9.30 -6.17 -23.78
C ARG A 188 8.20 -7.22 -23.86
N PHE A 189 7.48 -7.25 -24.97
CA PHE A 189 6.25 -8.01 -25.11
C PHE A 189 6.59 -9.41 -25.61
N TYR A 190 6.53 -10.36 -24.69
CA TYR A 190 6.80 -11.75 -25.02
C TYR A 190 5.54 -12.41 -25.60
N PRO A 191 5.70 -13.47 -26.40
CA PRO A 191 4.50 -14.17 -26.91
C PRO A 191 3.64 -14.82 -25.84
N ASN A 192 4.22 -15.32 -24.76
CA ASN A 192 3.45 -16.01 -23.74
C ASN A 192 4.07 -15.78 -22.37
N ASP A 193 3.36 -16.24 -21.34
CA ASP A 193 3.79 -16.02 -19.96
C ASP A 193 4.98 -16.89 -19.58
N LEU A 194 5.22 -17.99 -20.29
CA LEU A 194 6.37 -18.84 -20.01
C LEU A 194 7.68 -18.12 -20.34
N TRP A 195 7.68 -17.35 -21.42
CA TRP A 195 8.84 -16.52 -21.75
C TRP A 195 9.08 -15.46 -20.67
N VAL A 196 8.00 -14.88 -20.15
CA VAL A 196 8.11 -13.88 -19.10
C VAL A 196 8.66 -14.49 -17.81
N VAL A 197 8.16 -15.67 -17.44
CA VAL A 197 8.60 -16.29 -16.19
C VAL A 197 10.04 -16.78 -16.30
N VAL A 198 10.45 -17.28 -17.47
CA VAL A 198 11.83 -17.73 -17.61
C VAL A 198 12.77 -16.52 -17.74
N PHE A 199 12.28 -15.38 -18.21
CA PHE A 199 13.15 -14.23 -18.35
C PHE A 199 13.29 -13.48 -17.02
N GLN A 200 12.25 -13.50 -16.18
CA GLN A 200 12.39 -12.99 -14.83
C GLN A 200 13.29 -13.91 -13.99
N PHE A 201 13.23 -15.22 -14.24
CA PHE A 201 14.16 -16.14 -13.60
C PHE A 201 15.60 -15.87 -14.04
N GLN A 202 15.82 -15.66 -15.34
CA GLN A 202 17.15 -15.30 -15.83
C GLN A 202 17.61 -13.95 -15.27
N HIS A 203 16.66 -13.04 -15.04
CA HIS A 203 16.97 -11.76 -14.41
C HIS A 203 17.50 -11.97 -12.99
N ILE A 204 16.90 -12.88 -12.23
CA ILE A 204 17.49 -13.29 -10.94
C ILE A 204 18.86 -13.94 -11.10
N MET A 205 18.98 -14.96 -11.95
CA MET A 205 20.28 -15.65 -12.04
C MET A 205 21.40 -14.84 -12.69
N VAL A 206 21.12 -13.67 -13.27
CA VAL A 206 22.18 -12.79 -13.71
C VAL A 206 22.37 -11.60 -12.76
N GLY A 207 21.29 -11.04 -12.22
CA GLY A 207 21.44 -9.89 -11.34
C GLY A 207 21.93 -10.27 -9.95
N LEU A 208 21.29 -11.26 -9.32
CA LEU A 208 21.59 -11.61 -7.94
C LEU A 208 22.54 -12.79 -7.82
N ILE A 209 22.22 -13.92 -8.46
CA ILE A 209 22.75 -15.21 -8.01
C ILE A 209 24.22 -15.36 -8.31
N LEU A 210 24.59 -15.43 -9.60
CA LEU A 210 25.97 -15.76 -9.96
C LEU A 210 26.99 -14.70 -9.53
N PRO A 211 26.76 -13.38 -9.73
CA PRO A 211 27.62 -12.41 -9.03
C PRO A 211 27.51 -12.46 -7.52
N GLY A 212 26.42 -12.98 -6.95
CA GLY A 212 26.32 -13.09 -5.51
C GLY A 212 27.27 -14.10 -4.91
N ILE A 213 27.28 -15.34 -5.44
CA ILE A 213 28.24 -16.31 -4.92
C ILE A 213 29.66 -15.93 -5.32
N VAL A 214 29.83 -15.28 -6.50
CA VAL A 214 31.17 -14.80 -6.88
C VAL A 214 31.69 -13.76 -5.88
N ILE A 215 30.85 -12.78 -5.55
CA ILE A 215 31.28 -11.69 -4.69
C ILE A 215 31.42 -12.15 -3.24
N LEU A 216 30.57 -13.10 -2.81
CA LEU A 216 30.70 -13.64 -1.46
C LEU A 216 31.92 -14.53 -1.32
N SER A 217 32.27 -15.28 -2.38
CA SER A 217 33.47 -16.09 -2.34
C SER A 217 34.72 -15.23 -2.24
N CYS A 218 34.83 -14.18 -3.08
CA CYS A 218 36.05 -13.39 -3.03
C CYS A 218 36.11 -12.54 -1.77
N TYR A 219 34.95 -12.10 -1.26
CA TYR A 219 34.99 -11.31 -0.03
C TYR A 219 35.26 -12.18 1.20
N CYS A 220 34.77 -13.43 1.21
CA CYS A 220 35.11 -14.34 2.30
C CYS A 220 36.58 -14.70 2.28
N ILE A 221 37.15 -14.91 1.09
CA ILE A 221 38.58 -15.23 1.01
C ILE A 221 39.43 -14.02 1.41
N ILE A 222 39.05 -12.81 0.98
CA ILE A 222 39.85 -11.64 1.35
C ILE A 222 39.71 -11.31 2.83
N ILE A 223 38.55 -11.60 3.44
CA ILE A 223 38.40 -11.37 4.88
C ILE A 223 39.21 -12.40 5.67
N SER A 224 39.17 -13.67 5.25
CA SER A 224 39.94 -14.70 5.94
C SER A 224 41.44 -14.53 5.77
N LYS A 225 41.90 -13.94 4.66
CA LYS A 225 43.31 -13.67 4.50
C LYS A 225 43.75 -12.39 5.21
N LEU A 226 42.87 -11.38 5.25
CA LEU A 226 43.17 -10.18 6.05
C LEU A 226 43.19 -10.50 7.54
N SER A 227 42.43 -11.51 7.96
CA SER A 227 42.52 -11.99 9.35
C SER A 227 43.88 -12.62 9.61
N HIS A 228 44.51 -13.21 8.58
CA HIS A 228 45.89 -13.64 8.70
C HIS A 228 46.86 -12.48 8.53
N SER A 229 46.38 -11.33 8.04
CA SER A 229 47.22 -10.17 7.77
C SER A 229 46.88 -8.98 8.66
N LYS A 230 46.70 -9.21 9.96
CA LYS A 230 46.47 -8.13 10.91
C LYS A 230 47.71 -7.31 11.22
N GLY A 231 48.89 -7.72 10.74
CA GLY A 231 50.13 -7.03 11.07
C GLY A 231 50.26 -5.65 10.46
N HIS A 232 49.51 -5.35 9.41
CA HIS A 232 49.55 -4.04 8.78
C HIS A 232 48.12 -3.57 8.48
N GLN A 233 47.95 -2.25 8.46
CA GLN A 233 46.67 -1.63 8.15
C GLN A 233 46.84 -0.44 7.21
N LYS A 234 47.87 -0.48 6.36
CA LYS A 234 48.16 0.62 5.45
C LYS A 234 47.14 0.75 4.34
N ARG A 235 46.53 -0.35 3.91
CA ARG A 235 45.57 -0.36 2.82
C ARG A 235 44.16 -0.37 3.41
N LYS A 236 43.51 0.80 3.40
CA LYS A 236 42.13 0.92 3.86
C LYS A 236 41.23 1.54 2.79
N ALA A 237 41.62 1.43 1.52
CA ALA A 237 40.80 1.94 0.44
C ALA A 237 39.67 0.99 0.05
N LEU A 238 39.64 -0.20 0.63
CA LEU A 238 38.59 -1.17 0.32
C LEU A 238 37.28 -0.87 1.02
N LYS A 239 37.29 0.06 2.00
CA LYS A 239 36.07 0.39 2.74
C LYS A 239 35.03 1.03 1.83
N THR A 240 35.47 1.91 0.92
CA THR A 240 34.58 2.48 -0.07
C THR A 240 34.02 1.41 -1.00
N THR A 241 34.83 0.40 -1.31
CA THR A 241 34.38 -0.68 -2.19
C THR A 241 33.30 -1.52 -1.53
N VAL A 242 33.49 -1.90 -0.26
CA VAL A 242 32.48 -2.75 0.38
C VAL A 242 31.23 -1.92 0.70
N ILE A 243 31.40 -0.61 0.97
CA ILE A 243 30.26 0.28 1.17
C ILE A 243 29.43 0.38 -0.11
N LEU A 244 30.11 0.52 -1.26
CA LEU A 244 29.42 0.57 -2.55
C LEU A 244 28.74 -0.76 -2.86
N ILE A 245 29.39 -1.88 -2.52
CA ILE A 245 28.83 -3.20 -2.78
C ILE A 245 27.54 -3.40 -1.97
N LEU A 246 27.61 -3.11 -0.67
CA LEU A 246 26.47 -3.35 0.22
C LEU A 246 25.33 -2.38 -0.08
N ALA A 247 25.64 -1.13 -0.44
CA ALA A 247 24.58 -0.19 -0.73
C ALA A 247 23.93 -0.47 -2.09
N PHE A 248 24.71 -0.94 -3.07
CA PHE A 248 24.15 -1.38 -4.35
C PHE A 248 23.21 -2.57 -4.15
N PHE A 249 23.64 -3.56 -3.35
CA PHE A 249 22.80 -4.74 -3.12
C PHE A 249 21.56 -4.39 -2.31
N ALA A 250 21.68 -3.49 -1.33
CA ALA A 250 20.52 -3.07 -0.57
C ALA A 250 19.58 -2.22 -1.41
N CYS A 251 20.10 -1.49 -2.40
CA CYS A 251 19.23 -0.73 -3.28
C CYS A 251 18.48 -1.63 -4.25
N TRP A 252 19.12 -2.72 -4.69
CA TRP A 252 18.48 -3.56 -5.71
C TRP A 252 17.73 -4.76 -5.15
N LEU A 253 17.89 -5.08 -3.85
CA LEU A 253 17.25 -6.27 -3.30
C LEU A 253 15.72 -6.25 -3.29
N PRO A 254 15.01 -5.17 -2.88
CA PRO A 254 13.54 -5.23 -2.93
C PRO A 254 12.97 -5.38 -4.33
N TYR A 255 13.63 -4.85 -5.37
CA TYR A 255 13.18 -5.07 -6.73
C TYR A 255 13.30 -6.53 -7.14
N TYR A 256 14.39 -7.19 -6.74
CA TYR A 256 14.58 -8.59 -7.11
C TYR A 256 13.60 -9.48 -6.36
N ILE A 257 13.33 -9.16 -5.09
CA ILE A 257 12.29 -9.88 -4.35
C ILE A 257 10.93 -9.65 -4.98
N GLY A 258 10.68 -8.43 -5.45
CA GLY A 258 9.41 -8.13 -6.11
C GLY A 258 9.21 -8.89 -7.41
N ILE A 259 10.26 -8.98 -8.25
CA ILE A 259 10.01 -9.66 -9.52
C ILE A 259 10.01 -11.16 -9.26
N SER A 260 10.66 -11.62 -8.18
CA SER A 260 10.57 -13.03 -7.82
C SER A 260 9.17 -13.40 -7.38
N ILE A 261 8.50 -12.52 -6.62
CA ILE A 261 7.11 -12.75 -6.25
C ILE A 261 6.21 -12.71 -7.48
N ASP A 262 6.46 -11.77 -8.40
CA ASP A 262 5.69 -11.71 -9.65
C ASP A 262 5.91 -12.95 -10.51
N SER A 263 7.15 -13.46 -10.54
CA SER A 263 7.47 -14.70 -11.22
C SER A 263 6.75 -15.87 -10.60
N PHE A 264 6.66 -15.89 -9.26
CA PHE A 264 6.00 -16.99 -8.57
C PHE A 264 4.49 -17.00 -8.77
N ILE A 265 3.85 -15.83 -8.84
CA ILE A 265 2.41 -15.86 -9.10
C ILE A 265 2.19 -16.15 -10.59
N LEU A 266 3.12 -15.75 -11.46
CA LEU A 266 2.92 -15.87 -12.90
C LEU A 266 2.93 -17.32 -13.40
N LEU A 267 3.70 -18.22 -12.78
CA LEU A 267 3.70 -19.61 -13.22
C LEU A 267 2.70 -20.47 -12.43
N GLU A 268 1.63 -19.83 -11.92
CA GLU A 268 0.60 -20.38 -11.02
C GLU A 268 1.13 -21.40 -10.01
N ILE A 269 2.19 -21.01 -9.29
CA ILE A 269 2.58 -21.78 -8.12
C ILE A 269 2.00 -21.19 -6.84
N ILE A 270 1.55 -19.94 -6.89
CA ILE A 270 0.81 -19.31 -5.79
C ILE A 270 -0.34 -18.50 -6.38
N LYS A 271 -1.54 -18.76 -5.89
CA LYS A 271 -2.74 -18.09 -6.39
C LYS A 271 -3.43 -17.39 -5.23
N GLN A 272 -3.67 -16.08 -5.37
CA GLN A 272 -4.39 -15.32 -4.36
C GLN A 272 -5.47 -14.41 -4.90
N GLY A 273 -5.42 -13.99 -6.17
CA GLY A 273 -6.49 -13.26 -6.78
C GLY A 273 -6.00 -11.98 -7.43
N CYS A 274 -6.97 -11.10 -7.74
CA CYS A 274 -6.67 -9.83 -8.39
C CYS A 274 -5.88 -8.90 -7.48
N GLU A 275 -6.25 -8.87 -6.19
CA GLU A 275 -5.69 -7.88 -5.27
C GLU A 275 -4.21 -8.16 -4.99
N PHE A 276 -3.78 -9.42 -5.03
CA PHE A 276 -2.36 -9.72 -4.84
C PHE A 276 -1.53 -9.25 -6.01
N GLU A 277 -2.03 -9.46 -7.24
CA GLU A 277 -1.30 -8.99 -8.42
C GLU A 277 -1.28 -7.47 -8.49
N ASN A 278 -2.37 -6.82 -8.08
CA ASN A 278 -2.40 -5.36 -8.08
C ASN A 278 -1.49 -4.78 -7.00
N THR A 279 -1.45 -5.42 -5.82
CA THR A 279 -0.52 -5.01 -4.77
C THR A 279 0.93 -5.22 -5.21
N VAL A 280 1.19 -6.33 -5.92
CA VAL A 280 2.52 -6.59 -6.45
C VAL A 280 2.91 -5.54 -7.49
N HIS A 281 1.96 -5.10 -8.32
CA HIS A 281 2.28 -4.09 -9.33
C HIS A 281 2.52 -2.71 -8.72
N LYS A 282 1.73 -2.35 -7.70
CA LYS A 282 1.96 -1.11 -6.97
C LYS A 282 3.32 -1.13 -6.29
N TRP A 283 3.63 -2.23 -5.60
CA TRP A 283 4.91 -2.38 -4.93
C TRP A 283 6.07 -2.47 -5.91
N ILE A 284 5.83 -2.96 -7.13
CA ILE A 284 6.97 -3.17 -8.01
C ILE A 284 7.31 -1.86 -8.69
N SER A 285 6.31 -0.98 -8.92
CA SER A 285 6.63 0.37 -9.36
C SER A 285 7.32 1.16 -8.25
N ILE A 286 6.90 0.93 -6.99
CA ILE A 286 7.53 1.62 -5.87
C ILE A 286 8.99 1.19 -5.70
N THR A 287 9.28 -0.11 -5.86
CA THR A 287 10.68 -0.50 -5.72
C THR A 287 11.48 -0.24 -7.00
N GLU A 288 10.82 -0.02 -8.15
CA GLU A 288 11.51 0.61 -9.27
C GLU A 288 12.00 2.00 -8.88
N ALA A 289 11.12 2.78 -8.22
CA ALA A 289 11.49 4.11 -7.77
C ALA A 289 12.64 4.09 -6.77
N LEU A 290 12.56 3.22 -5.77
CA LEU A 290 13.61 3.17 -4.77
C LEU A 290 14.77 2.25 -5.12
N ALA A 291 14.73 1.59 -6.28
CA ALA A 291 15.87 0.83 -6.77
C ALA A 291 16.58 1.52 -7.92
N PHE A 292 16.01 2.60 -8.45
CA PHE A 292 16.74 3.44 -9.39
C PHE A 292 17.78 4.32 -8.71
N PHE A 293 17.85 4.29 -7.38
CA PHE A 293 18.79 5.08 -6.58
C PHE A 293 20.25 4.68 -6.79
N HIS A 294 20.52 3.54 -7.41
CA HIS A 294 21.89 3.08 -7.60
C HIS A 294 22.68 3.92 -8.60
N CYS A 295 22.01 4.81 -9.33
CA CYS A 295 22.72 5.79 -10.15
C CYS A 295 23.59 6.71 -9.28
N CYS A 296 23.00 7.32 -8.27
CA CYS A 296 23.74 8.21 -7.38
C CYS A 296 24.33 7.42 -6.21
N LEU A 297 25.23 6.50 -6.55
CA LEU A 297 26.09 5.81 -5.60
C LEU A 297 27.57 6.11 -5.81
N ASN A 298 28.05 6.02 -7.04
CA ASN A 298 29.41 6.44 -7.35
C ASN A 298 29.71 7.90 -7.03
N PRO A 299 28.88 8.93 -7.43
CA PRO A 299 29.31 10.31 -7.16
C PRO A 299 29.24 10.74 -5.70
N ILE A 300 28.29 10.24 -4.92
CA ILE A 300 28.24 10.59 -3.51
C ILE A 300 29.42 9.96 -2.77
N LEU A 301 29.80 8.74 -3.16
CA LEU A 301 30.96 8.09 -2.56
C LEU A 301 32.26 8.78 -2.97
N TYR A 302 32.33 9.32 -4.18
CA TYR A 302 33.46 10.18 -4.52
C TYR A 302 33.41 11.52 -3.80
N ALA A 303 32.22 12.00 -3.46
CA ALA A 303 32.09 13.24 -2.71
C ALA A 303 32.38 13.06 -1.23
N PHE A 304 32.39 11.83 -0.74
CA PHE A 304 32.68 11.56 0.66
C PHE A 304 34.05 10.94 0.90
N LEU A 305 34.64 10.34 -0.15
CA LEU A 305 35.88 9.53 -0.07
C LEU A 305 35.78 8.44 1.00
N GLY A 306 34.63 7.78 1.04
CA GLY A 306 34.39 6.73 2.01
C GLY A 306 32.92 6.54 2.34
N LYS B 25 -21.57 -14.08 20.32
CA LYS B 25 -20.23 -13.52 20.40
C LYS B 25 -19.28 -14.21 19.43
N GLU B 26 -18.86 -13.49 18.40
CA GLU B 26 -17.95 -14.03 17.40
C GLU B 26 -16.55 -14.13 17.99
N PRO B 27 -15.93 -15.34 18.03
CA PRO B 27 -14.61 -15.49 18.66
C PRO B 27 -13.47 -14.75 17.96
N CYS B 28 -13.20 -15.07 16.69
CA CYS B 28 -12.06 -14.46 16.03
C CYS B 28 -12.41 -13.79 14.69
N PHE B 29 -13.18 -14.50 13.86
CA PHE B 29 -13.45 -14.16 12.46
C PHE B 29 -12.16 -13.83 11.69
N ARG B 30 -11.28 -14.82 11.61
CA ARG B 30 -9.95 -14.64 11.00
C ARG B 30 -10.10 -14.85 9.49
N GLU B 31 -10.65 -13.83 8.83
CA GLU B 31 -10.73 -13.74 7.37
C GLU B 31 -10.49 -12.28 7.01
N GLU B 32 -9.22 -11.93 6.76
CA GLU B 32 -8.88 -10.52 6.55
C GLU B 32 -8.07 -10.31 5.27
N ASN B 33 -7.26 -11.31 4.91
CA ASN B 33 -6.39 -11.38 3.71
C ASN B 33 -5.61 -10.08 3.45
N ALA B 34 -4.72 -9.76 4.39
CA ALA B 34 -3.84 -8.60 4.22
C ALA B 34 -2.79 -8.86 3.15
N ASN B 35 -2.47 -7.83 2.39
CA ASN B 35 -1.57 -7.95 1.24
C ASN B 35 -0.23 -7.26 1.44
N PHE B 36 -0.22 -6.02 1.93
CA PHE B 36 1.05 -5.35 2.20
C PHE B 36 1.81 -6.03 3.33
N ASN B 37 1.08 -6.65 4.26
CA ASN B 37 1.69 -7.55 5.24
C ASN B 37 2.42 -8.70 4.54
N LYS B 38 1.73 -9.35 3.59
CA LYS B 38 2.28 -10.50 2.87
C LYS B 38 3.33 -10.13 1.84
N ILE B 39 3.54 -8.84 1.57
CA ILE B 39 4.61 -8.39 0.70
C ILE B 39 5.80 -7.84 1.50
N PHE B 40 5.53 -7.17 2.61
CA PHE B 40 6.60 -6.61 3.43
C PHE B 40 7.28 -7.67 4.28
N LEU B 41 6.57 -8.75 4.65
CA LEU B 41 7.20 -9.84 5.38
C LEU B 41 8.30 -10.58 4.61
N PRO B 42 8.14 -11.04 3.36
CA PRO B 42 9.23 -11.82 2.75
C PRO B 42 10.43 -10.99 2.35
N THR B 43 10.27 -9.71 2.03
CA THR B 43 11.44 -8.90 1.70
C THR B 43 12.28 -8.61 2.95
N ILE B 44 11.62 -8.41 4.09
CA ILE B 44 12.33 -8.24 5.36
C ILE B 44 13.03 -9.54 5.74
N TYR B 45 12.34 -10.67 5.56
CA TYR B 45 12.93 -11.97 5.85
C TYR B 45 14.13 -12.25 4.95
N SER B 46 14.03 -11.87 3.67
CA SER B 46 15.12 -12.13 2.73
C SER B 46 16.33 -11.25 3.02
N ILE B 47 16.10 -9.96 3.34
CA ILE B 47 17.25 -9.10 3.62
C ILE B 47 17.91 -9.49 4.95
N ILE B 48 17.12 -9.90 5.95
CA ILE B 48 17.73 -10.30 7.22
C ILE B 48 18.41 -11.66 7.08
N PHE B 49 17.91 -12.52 6.18
CA PHE B 49 18.57 -13.79 5.88
C PHE B 49 19.91 -13.57 5.19
N LEU B 50 19.94 -12.67 4.20
CA LEU B 50 21.16 -12.41 3.46
C LEU B 50 22.23 -11.79 4.36
N THR B 51 21.85 -10.79 5.17
CA THR B 51 22.85 -10.22 6.07
C THR B 51 23.23 -11.18 7.19
N GLY B 52 22.34 -12.12 7.54
CA GLY B 52 22.70 -13.16 8.48
C GLY B 52 23.79 -14.08 7.96
N ILE B 53 23.63 -14.56 6.72
CA ILE B 53 24.67 -15.41 6.10
C ILE B 53 25.98 -14.64 5.96
N VAL B 54 25.92 -13.40 5.45
CA VAL B 54 27.14 -12.63 5.17
C VAL B 54 27.90 -12.34 6.46
N GLY B 55 27.24 -11.66 7.41
CA GLY B 55 27.93 -11.25 8.63
C GLY B 55 28.27 -12.42 9.53
N ASN B 56 27.38 -13.40 9.66
CA ASN B 56 27.65 -14.52 10.55
C ASN B 56 28.70 -15.45 9.99
N GLY B 57 28.76 -15.63 8.66
CA GLY B 57 29.84 -16.40 8.08
C GLY B 57 31.18 -15.71 8.23
N LEU B 58 31.19 -14.38 8.06
CA LEU B 58 32.44 -13.64 8.26
C LEU B 58 32.92 -13.72 9.71
N VAL B 59 32.01 -13.55 10.66
CA VAL B 59 32.42 -13.53 12.06
C VAL B 59 32.72 -14.95 12.57
N ILE B 60 32.07 -15.98 12.02
CA ILE B 60 32.42 -17.35 12.40
C ILE B 60 33.79 -17.71 11.84
N LEU B 61 34.11 -17.22 10.63
CA LEU B 61 35.41 -17.50 10.05
C LEU B 61 36.54 -16.79 10.79
N VAL B 62 36.32 -15.56 11.25
CA VAL B 62 37.40 -14.84 11.92
C VAL B 62 37.46 -15.03 13.45
N MET B 63 36.40 -15.54 14.07
CA MET B 63 36.49 -15.94 15.48
C MET B 63 36.76 -17.43 15.68
N GLY B 64 35.90 -18.29 15.17
CA GLY B 64 35.96 -19.69 15.54
C GLY B 64 37.09 -20.46 14.90
N TYR B 65 37.51 -20.05 13.70
CA TYR B 65 38.52 -20.82 12.98
C TYR B 65 39.92 -20.21 13.10
N GLN B 66 40.06 -18.91 12.85
CA GLN B 66 41.37 -18.27 12.96
C GLN B 66 41.82 -18.06 14.39
N LYS B 67 40.89 -18.09 15.36
CA LYS B 67 41.17 -17.84 16.78
C LYS B 67 41.84 -16.49 17.01
N LYS B 68 41.31 -15.46 16.34
CA LYS B 68 41.87 -14.12 16.39
C LYS B 68 41.62 -13.44 17.74
N LEU B 69 40.67 -13.96 18.52
CA LEU B 69 40.07 -13.28 19.67
C LEU B 69 41.08 -12.89 20.75
N ARG B 70 40.85 -11.72 21.35
CA ARG B 70 41.76 -11.13 22.32
C ARG B 70 41.14 -10.85 23.68
N SER B 71 39.82 -11.01 23.83
CA SER B 71 39.14 -10.66 25.06
C SER B 71 38.34 -11.84 25.58
N MET B 72 37.44 -11.60 26.54
CA MET B 72 36.55 -12.65 27.02
C MET B 72 35.16 -12.58 26.41
N THR B 73 34.66 -11.38 26.09
CA THR B 73 33.29 -11.23 25.59
C THR B 73 33.15 -11.68 24.14
N ASP B 74 34.25 -11.80 23.41
CA ASP B 74 34.18 -12.27 22.03
C ASP B 74 33.77 -13.73 21.94
N LYS B 75 34.00 -14.52 22.99
CA LYS B 75 33.47 -15.89 23.04
C LYS B 75 31.95 -15.87 23.09
N TYR B 76 31.38 -14.92 23.84
CA TYR B 76 29.93 -14.77 23.88
C TYR B 76 29.39 -14.26 22.55
N ARG B 77 30.13 -13.36 21.89
CA ARG B 77 29.74 -12.93 20.55
C ARG B 77 29.81 -14.08 19.56
N LEU B 78 30.80 -14.95 19.74
CA LEU B 78 30.95 -16.16 18.93
C LEU B 78 29.75 -17.09 19.09
N HIS B 79 29.36 -17.38 20.33
CA HIS B 79 28.25 -18.30 20.57
C HIS B 79 26.92 -17.70 20.13
N LEU B 80 26.74 -16.38 20.31
CA LEU B 80 25.54 -15.72 19.83
C LEU B 80 25.47 -15.74 18.30
N SER B 81 26.63 -15.63 17.63
CA SER B 81 26.64 -15.75 16.19
C SER B 81 26.33 -17.18 15.72
N VAL B 82 26.75 -18.18 16.50
CA VAL B 82 26.37 -19.57 16.18
C VAL B 82 24.86 -19.75 16.27
N ALA B 83 24.24 -19.20 17.32
CA ALA B 83 22.79 -19.29 17.46
C ALA B 83 22.06 -18.52 16.36
N ASP B 84 22.57 -17.34 15.99
CA ASP B 84 21.94 -16.57 14.94
C ASP B 84 22.13 -17.23 13.57
N LEU B 85 23.25 -17.92 13.37
CA LEU B 85 23.45 -18.67 12.13
C LEU B 85 22.51 -19.86 12.07
N LEU B 86 22.25 -20.50 13.22
CA LEU B 86 21.25 -21.56 13.28
C LEU B 86 19.86 -21.05 12.96
N PHE B 87 19.57 -19.80 13.31
CA PHE B 87 18.31 -19.17 12.89
C PHE B 87 18.28 -18.93 11.38
N VAL B 88 19.29 -18.24 10.85
CA VAL B 88 19.22 -17.77 9.47
C VAL B 88 19.62 -18.84 8.45
N ILE B 89 20.02 -20.02 8.89
CA ILE B 89 20.25 -21.11 7.95
C ILE B 89 18.95 -21.74 7.47
N THR B 90 17.84 -21.43 8.14
CA THR B 90 16.54 -21.96 7.73
C THR B 90 15.42 -20.92 7.77
N LEU B 91 15.72 -19.66 8.12
CA LEU B 91 14.87 -18.50 7.86
C LEU B 91 14.19 -18.38 6.49
N PRO B 92 14.75 -18.88 5.37
CA PRO B 92 13.96 -18.89 4.12
C PRO B 92 12.68 -19.73 4.17
N PHE B 93 12.56 -20.70 5.07
CA PHE B 93 11.28 -21.38 5.21
C PHE B 93 10.24 -20.47 5.86
N TRP B 94 10.68 -19.60 6.77
CA TRP B 94 9.81 -18.53 7.26
C TRP B 94 9.43 -17.58 6.14
N ALA B 95 10.37 -17.31 5.22
CA ALA B 95 10.07 -16.45 4.08
C ALA B 95 9.03 -17.07 3.16
N VAL B 96 9.16 -18.37 2.89
CA VAL B 96 8.20 -19.07 2.03
C VAL B 96 6.83 -19.16 2.71
N ASP B 97 6.82 -19.36 4.03
CA ASP B 97 5.57 -19.33 4.80
C ASP B 97 4.93 -17.95 4.73
N ALA B 98 5.74 -16.89 4.69
CA ALA B 98 5.21 -15.56 4.48
C ALA B 98 4.64 -15.39 3.07
N VAL B 99 5.28 -16.00 2.06
CA VAL B 99 4.77 -15.89 0.69
C VAL B 99 3.51 -16.75 0.53
N ALA B 100 3.65 -18.06 0.67
CA ALA B 100 2.55 -18.98 0.44
C ALA B 100 2.41 -19.93 1.62
N ASN B 101 1.61 -20.97 1.48
CA ASN B 101 1.37 -21.88 2.59
C ASN B 101 2.40 -23.01 2.58
N TRP B 102 2.51 -23.67 3.74
CA TRP B 102 3.55 -24.66 3.97
C TRP B 102 3.27 -25.94 3.20
N TYR B 103 4.30 -26.45 2.51
CA TYR B 103 4.21 -27.69 1.77
C TYR B 103 5.26 -28.72 2.14
N PHE B 104 6.20 -28.39 3.03
CA PHE B 104 7.35 -29.25 3.29
C PHE B 104 7.05 -30.36 4.30
N GLY B 105 5.94 -30.27 5.03
CA GLY B 105 5.57 -31.29 5.99
C GLY B 105 5.69 -30.79 7.42
N ASN B 106 5.37 -31.70 8.34
CA ASN B 106 5.34 -31.37 9.75
C ASN B 106 6.70 -31.47 10.43
N PHE B 107 7.62 -32.28 9.90
CA PHE B 107 8.93 -32.44 10.54
C PHE B 107 9.76 -31.17 10.43
N LEU B 108 9.76 -30.53 9.26
CA LEU B 108 10.47 -29.26 9.11
C LEU B 108 9.80 -28.14 9.91
N CYS B 109 8.48 -28.20 10.05
CA CYS B 109 7.76 -27.25 10.90
C CYS B 109 8.17 -27.39 12.36
N LYS B 110 8.27 -28.64 12.83
CA LYS B 110 8.76 -28.91 14.18
C LYS B 110 10.20 -28.42 14.34
N ALA B 111 11.05 -28.68 13.34
CA ALA B 111 12.45 -28.30 13.42
C ALA B 111 12.61 -26.78 13.47
N VAL B 112 11.85 -26.05 12.64
CA VAL B 112 11.99 -24.60 12.63
C VAL B 112 11.42 -23.97 13.91
N HIS B 113 10.36 -24.57 14.49
CA HIS B 113 9.84 -24.04 15.75
C HIS B 113 10.81 -24.29 16.91
N VAL B 114 11.44 -25.47 16.97
CA VAL B 114 12.40 -25.68 18.06
C VAL B 114 13.66 -24.85 17.88
N ILE B 115 14.09 -24.58 16.62
CA ILE B 115 15.31 -23.77 16.52
C ILE B 115 15.00 -22.30 16.82
N TYR B 116 13.78 -21.87 16.47
CA TYR B 116 13.33 -20.52 16.79
C TYR B 116 13.27 -20.32 18.30
N THR B 117 12.78 -21.32 19.03
CA THR B 117 12.70 -21.18 20.48
C THR B 117 14.07 -21.24 21.15
N VAL B 118 15.00 -22.11 20.68
CA VAL B 118 16.29 -22.16 21.37
C VAL B 118 17.07 -20.89 21.08
N ASN B 119 16.99 -20.36 19.85
CA ASN B 119 17.67 -19.11 19.53
C ASN B 119 17.08 -17.95 20.31
N LEU B 120 15.74 -17.85 20.38
CA LEU B 120 15.07 -16.77 21.08
C LEU B 120 15.39 -16.77 22.58
N TYR B 121 15.37 -17.94 23.21
CA TYR B 121 15.69 -17.96 24.64
C TYR B 121 17.18 -17.79 24.87
N SER B 122 18.00 -18.56 24.15
CA SER B 122 19.42 -18.64 24.41
C SER B 122 20.15 -17.34 24.14
N SER B 123 19.65 -16.52 23.19
CA SER B 123 20.23 -15.19 22.99
C SER B 123 20.03 -14.31 24.22
N VAL B 124 18.86 -14.40 24.85
CA VAL B 124 18.60 -13.60 26.05
C VAL B 124 19.43 -14.10 27.23
N LEU B 125 19.55 -15.43 27.39
CA LEU B 125 20.42 -15.92 28.47
C LEU B 125 21.90 -15.65 28.21
N ILE B 126 22.36 -15.58 26.97
CA ILE B 126 23.78 -15.33 26.81
C ILE B 126 24.03 -13.82 26.93
N LEU B 127 23.01 -13.00 26.65
CA LEU B 127 23.10 -11.58 27.02
C LEU B 127 23.18 -11.42 28.53
N ALA B 128 22.42 -12.24 29.27
CA ALA B 128 22.53 -12.24 30.73
C ALA B 128 23.92 -12.66 31.19
N PHE B 129 24.49 -13.67 30.54
CA PHE B 129 25.82 -14.15 30.91
C PHE B 129 26.90 -13.12 30.58
N ILE B 130 26.76 -12.41 29.45
CA ILE B 130 27.78 -11.43 29.10
C ILE B 130 27.63 -10.18 29.95
N SER B 131 26.42 -9.86 30.41
CA SER B 131 26.26 -8.76 31.35
C SER B 131 26.83 -9.12 32.71
N LEU B 132 26.66 -10.38 33.13
CA LEU B 132 27.31 -10.87 34.35
C LEU B 132 28.82 -10.84 34.22
N ASP B 133 29.35 -11.23 33.05
CA ASP B 133 30.78 -11.21 32.80
C ASP B 133 31.34 -9.79 32.85
N ARG B 134 30.60 -8.83 32.30
CA ARG B 134 31.00 -7.44 32.45
C ARG B 134 30.89 -6.96 33.89
N TYR B 135 29.96 -7.54 34.66
CA TYR B 135 29.83 -7.16 36.07
C TYR B 135 31.04 -7.62 36.89
N LEU B 136 31.45 -8.89 36.77
CA LEU B 136 32.70 -9.29 37.42
C LEU B 136 33.94 -8.68 36.77
N ALA B 137 33.84 -8.21 35.52
CA ALA B 137 34.96 -7.50 34.93
C ALA B 137 35.16 -6.13 35.56
N ILE B 138 34.07 -5.39 35.76
CA ILE B 138 34.20 -4.01 36.24
C ILE B 138 34.32 -3.97 37.75
N VAL B 139 33.43 -4.69 38.47
CA VAL B 139 33.38 -4.58 39.92
C VAL B 139 34.52 -5.36 40.57
N HIS B 140 34.58 -6.66 40.31
CA HIS B 140 35.61 -7.50 40.90
C HIS B 140 36.78 -7.65 39.93
N ALA B 141 37.43 -6.52 39.66
CA ALA B 141 38.53 -6.49 38.71
C ALA B 141 39.82 -7.07 39.26
N THR B 142 39.90 -7.32 40.57
CA THR B 142 41.12 -7.79 41.20
C THR B 142 41.07 -9.26 41.61
N ASN B 143 39.98 -9.72 42.19
CA ASN B 143 39.90 -11.06 42.76
C ASN B 143 39.13 -12.04 41.89
N SER B 144 38.64 -11.62 40.72
CA SER B 144 37.84 -12.49 39.86
C SER B 144 38.54 -12.60 38.50
N GLN B 145 39.43 -13.59 38.39
CA GLN B 145 40.05 -13.92 37.12
C GLN B 145 39.83 -15.40 36.81
N ARG B 146 39.80 -16.22 37.85
CA ARG B 146 39.38 -17.61 37.70
C ARG B 146 37.86 -17.81 37.53
N PRO B 147 36.94 -17.04 38.15
CA PRO B 147 35.55 -17.15 37.69
C PRO B 147 35.32 -16.54 36.32
N ARG B 148 36.21 -15.64 35.87
CA ARG B 148 36.13 -15.11 34.51
C ARG B 148 36.32 -16.21 33.47
N LYS B 149 37.40 -16.99 33.60
CA LYS B 149 37.61 -18.11 32.69
C LYS B 149 36.67 -19.27 32.96
N LEU B 150 36.18 -19.42 34.20
CA LEU B 150 35.16 -20.43 34.46
C LEU B 150 33.85 -20.09 33.76
N LEU B 151 33.47 -18.81 33.75
CA LEU B 151 32.28 -18.37 33.02
C LEU B 151 32.52 -18.40 31.52
N ALA B 152 33.75 -18.18 31.08
CA ALA B 152 34.03 -18.17 29.65
C ALA B 152 34.05 -19.58 29.05
N GLU B 153 34.56 -20.56 29.79
CA GLU B 153 34.86 -21.87 29.21
C GLU B 153 33.79 -22.92 29.48
N LYS B 154 33.52 -23.22 30.75
CA LYS B 154 32.77 -24.43 31.10
C LYS B 154 31.29 -24.18 31.39
N VAL B 155 30.98 -23.27 32.33
CA VAL B 155 29.60 -23.15 32.81
C VAL B 155 28.71 -22.40 31.83
N VAL B 156 29.28 -21.80 30.78
CA VAL B 156 28.49 -21.08 29.78
C VAL B 156 27.58 -22.03 29.00
N TYR B 157 28.08 -23.24 28.68
CA TYR B 157 27.28 -24.23 27.98
C TYR B 157 26.09 -24.68 28.81
N VAL B 158 26.36 -25.13 30.04
CA VAL B 158 25.31 -25.59 30.95
C VAL B 158 24.44 -24.45 31.46
N GLY B 159 24.84 -23.21 31.23
CA GLY B 159 24.01 -22.07 31.57
C GLY B 159 23.06 -21.65 30.47
N VAL B 160 23.51 -21.59 29.21
CA VAL B 160 22.72 -20.97 28.16
C VAL B 160 22.27 -21.96 27.08
N TRP B 161 23.04 -23.02 26.79
CA TRP B 161 22.67 -23.84 25.65
C TRP B 161 21.65 -24.92 26.02
N ILE B 162 22.05 -25.87 26.88
CA ILE B 162 21.15 -26.97 27.25
C ILE B 162 19.88 -26.54 27.98
N PRO B 163 19.87 -25.58 28.93
CA PRO B 163 18.58 -25.12 29.49
C PRO B 163 17.60 -24.57 28.46
N ALA B 164 18.08 -23.94 27.39
CA ALA B 164 17.21 -23.59 26.28
C ALA B 164 16.60 -24.82 25.60
N LEU B 165 17.28 -25.97 25.64
CA LEU B 165 16.65 -27.22 25.25
C LEU B 165 15.76 -27.81 26.34
N LEU B 166 15.93 -27.42 27.60
CA LEU B 166 14.89 -27.78 28.57
C LEU B 166 13.62 -26.94 28.43
N LEU B 167 13.69 -25.76 27.83
CA LEU B 167 12.44 -25.05 27.48
C LEU B 167 12.03 -25.27 26.03
N THR B 168 12.20 -26.48 25.47
CA THR B 168 11.67 -26.74 24.13
C THR B 168 11.00 -28.10 23.96
N ILE B 169 11.01 -28.98 24.97
CA ILE B 169 10.28 -30.25 24.85
C ILE B 169 8.77 -30.08 24.74
N PRO B 170 8.10 -29.20 25.50
CA PRO B 170 6.68 -28.91 25.16
C PRO B 170 6.48 -28.31 23.78
N ASP B 171 7.46 -27.53 23.30
CA ASP B 171 7.40 -27.08 21.91
C ASP B 171 7.62 -28.27 20.97
N PHE B 172 8.49 -29.20 21.37
CA PHE B 172 8.77 -30.39 20.56
C PHE B 172 7.54 -31.27 20.39
N ILE B 173 6.71 -31.37 21.42
CA ILE B 173 5.50 -32.20 21.29
C ILE B 173 4.33 -31.39 20.74
N PHE B 174 4.27 -30.08 21.01
CA PHE B 174 3.08 -29.30 20.71
C PHE B 174 3.13 -28.57 19.37
N ALA B 175 4.18 -28.78 18.58
CA ALA B 175 4.27 -28.17 17.26
C ALA B 175 3.88 -29.20 16.20
N ASN B 176 2.98 -28.80 15.30
CA ASN B 176 2.52 -29.67 14.23
C ASN B 176 1.96 -28.79 13.11
N VAL B 177 1.34 -29.43 12.14
CA VAL B 177 0.68 -28.72 11.05
C VAL B 177 -0.83 -28.92 11.21
N SER B 178 -1.59 -28.12 10.47
CA SER B 178 -3.05 -28.16 10.52
C SER B 178 -3.61 -28.74 9.23
N GLU B 179 -4.87 -29.13 9.30
CA GLU B 179 -5.63 -29.60 8.15
C GLU B 179 -6.62 -28.49 7.79
N ALA B 180 -6.16 -27.54 7.00
CA ALA B 180 -6.94 -26.37 6.62
C ALA B 180 -7.47 -26.54 5.20
N ASP B 181 -8.09 -25.47 4.68
CA ASP B 181 -8.60 -25.48 3.32
C ASP B 181 -7.46 -25.35 2.32
N ASP B 182 -6.91 -26.51 1.92
CA ASP B 182 -5.70 -26.68 1.08
C ASP B 182 -4.59 -25.69 1.41
N ARG B 183 -4.30 -25.56 2.70
CA ARG B 183 -3.23 -24.70 3.18
C ARG B 183 -2.13 -25.47 3.89
N TYR B 184 -2.48 -26.25 4.91
CA TYR B 184 -1.56 -26.92 5.84
C TYR B 184 -0.56 -25.93 6.44
N ILE B 185 -1.10 -24.97 7.19
CA ILE B 185 -0.24 -23.97 7.83
C ILE B 185 0.52 -24.61 8.98
N CYS B 186 1.61 -23.95 9.37
CA CYS B 186 2.56 -24.47 10.35
C CYS B 186 2.57 -23.54 11.56
N ASP B 187 2.04 -24.01 12.68
CA ASP B 187 1.99 -23.25 13.91
C ASP B 187 1.77 -24.20 15.08
N ARG B 188 2.11 -23.72 16.27
CA ARG B 188 1.90 -24.52 17.48
C ARG B 188 0.43 -24.52 17.86
N PHE B 189 -0.11 -25.70 18.16
CA PHE B 189 -1.51 -25.87 18.48
C PHE B 189 -1.66 -26.50 19.85
N TYR B 190 -2.71 -26.09 20.55
CA TYR B 190 -2.93 -26.49 21.93
C TYR B 190 -4.40 -26.84 22.12
N PRO B 191 -4.71 -27.81 23.01
CA PRO B 191 -6.11 -28.21 23.19
C PRO B 191 -6.97 -27.17 23.89
N ASN B 192 -6.37 -26.22 24.62
CA ASN B 192 -7.12 -25.22 25.33
C ASN B 192 -6.39 -23.88 25.25
N ASP B 193 -7.14 -22.80 25.51
CA ASP B 193 -6.54 -21.48 25.53
C ASP B 193 -5.66 -21.23 26.75
N LEU B 194 -5.83 -22.02 27.82
CA LEU B 194 -5.05 -21.85 29.04
C LEU B 194 -3.58 -22.16 28.79
N TRP B 195 -3.29 -23.23 28.05
CA TRP B 195 -1.92 -23.55 27.66
C TRP B 195 -1.33 -22.44 26.81
N VAL B 196 -2.15 -21.84 25.94
CA VAL B 196 -1.71 -20.74 25.08
C VAL B 196 -1.30 -19.54 25.92
N VAL B 197 -2.14 -19.13 26.87
CA VAL B 197 -1.82 -17.91 27.61
C VAL B 197 -0.68 -18.16 28.59
N VAL B 198 -0.55 -19.38 29.14
CA VAL B 198 0.59 -19.58 30.04
C VAL B 198 1.90 -19.72 29.25
N PHE B 199 1.85 -20.17 27.99
CA PHE B 199 3.09 -20.21 27.22
C PHE B 199 3.48 -18.83 26.71
N GLN B 200 2.50 -18.00 26.35
CA GLN B 200 2.77 -16.59 26.10
C GLN B 200 3.31 -15.91 27.35
N PHE B 201 2.77 -16.27 28.53
CA PHE B 201 3.27 -15.74 29.80
C PHE B 201 4.74 -16.10 30.02
N GLN B 202 5.08 -17.39 29.90
CA GLN B 202 6.45 -17.83 30.14
C GLN B 202 7.40 -17.24 29.11
N HIS B 203 6.90 -16.97 27.89
CA HIS B 203 7.67 -16.18 26.95
C HIS B 203 7.93 -14.77 27.48
N ILE B 204 6.93 -14.15 28.12
CA ILE B 204 7.13 -12.80 28.69
C ILE B 204 8.16 -12.82 29.81
N MET B 205 8.05 -13.75 30.79
CA MET B 205 9.04 -13.71 31.87
C MET B 205 10.44 -14.10 31.39
N VAL B 206 10.56 -15.15 30.58
CA VAL B 206 11.87 -15.61 30.12
C VAL B 206 12.52 -14.58 29.18
N GLY B 207 11.73 -13.86 28.38
CA GLY B 207 12.32 -12.86 27.53
C GLY B 207 12.51 -11.49 28.15
N LEU B 208 11.77 -11.15 29.21
CA LEU B 208 11.90 -9.78 29.70
C LEU B 208 12.14 -9.65 31.19
N ILE B 209 11.54 -10.49 32.02
CA ILE B 209 11.30 -10.10 33.40
C ILE B 209 12.54 -10.37 34.26
N LEU B 210 12.93 -11.65 34.39
CA LEU B 210 14.07 -11.98 35.23
C LEU B 210 15.44 -11.72 34.58
N PRO B 211 15.69 -12.00 33.28
CA PRO B 211 16.93 -11.49 32.70
C PRO B 211 16.98 -9.97 32.63
N GLY B 212 15.82 -9.33 32.51
CA GLY B 212 15.80 -7.87 32.51
C GLY B 212 16.25 -7.26 33.81
N ILE B 213 15.81 -7.82 34.95
CA ILE B 213 16.32 -7.30 36.21
C ILE B 213 17.74 -7.77 36.45
N VAL B 214 18.18 -8.87 35.83
CA VAL B 214 19.60 -9.23 35.90
C VAL B 214 20.46 -8.16 35.22
N ILE B 215 20.09 -7.77 33.99
CA ILE B 215 20.80 -6.71 33.27
C ILE B 215 20.73 -5.39 34.04
N LEU B 216 19.54 -5.05 34.54
CA LEU B 216 19.37 -3.79 35.26
C LEU B 216 20.17 -3.74 36.55
N SER B 217 20.17 -4.82 37.33
CA SER B 217 20.88 -4.85 38.61
C SER B 217 22.39 -4.78 38.39
N CYS B 218 22.92 -5.61 37.48
CA CYS B 218 24.35 -5.58 37.21
C CYS B 218 24.77 -4.27 36.58
N TYR B 219 23.93 -3.67 35.74
CA TYR B 219 24.30 -2.42 35.09
C TYR B 219 24.23 -1.22 36.03
N CYS B 220 23.27 -1.19 36.97
CA CYS B 220 23.29 -0.07 37.92
C CYS B 220 24.42 -0.24 38.92
N ILE B 221 24.78 -1.48 39.26
CA ILE B 221 25.92 -1.71 40.14
C ILE B 221 27.22 -1.26 39.48
N ILE B 222 27.42 -1.62 38.21
CA ILE B 222 28.66 -1.20 37.55
C ILE B 222 28.64 0.28 37.16
N ILE B 223 27.48 0.90 36.99
CA ILE B 223 27.47 2.33 36.72
C ILE B 223 27.60 3.13 38.02
N SER B 224 27.30 2.52 39.16
CA SER B 224 27.63 3.16 40.43
C SER B 224 29.11 3.02 40.74
N LYS B 225 29.70 1.86 40.42
CA LYS B 225 31.11 1.65 40.68
C LYS B 225 32.02 2.21 39.60
N LEU B 226 31.45 2.69 38.49
CA LEU B 226 32.27 3.28 37.43
C LEU B 226 32.79 4.65 37.82
N SER B 227 32.01 5.42 38.59
CA SER B 227 32.34 6.80 38.92
C SER B 227 33.52 6.94 39.87
N HIS B 228 33.98 5.86 40.50
CA HIS B 228 35.13 5.95 41.38
C HIS B 228 36.45 6.06 40.64
N SER B 229 36.46 5.76 39.34
CA SER B 229 37.67 5.88 38.55
C SER B 229 37.98 7.35 38.26
N LYS B 230 39.27 7.66 38.19
CA LYS B 230 39.72 9.03 37.90
C LYS B 230 39.91 9.23 36.40
N GLY B 231 38.79 9.14 35.68
CA GLY B 231 38.80 9.27 34.24
C GLY B 231 39.49 8.14 33.51
N HIS B 232 39.25 6.90 33.93
CA HIS B 232 39.89 5.76 33.30
C HIS B 232 39.28 5.48 31.93
N GLN B 233 40.06 4.80 31.08
CA GLN B 233 39.66 4.49 29.72
C GLN B 233 39.08 3.09 29.58
N LYS B 234 38.60 2.50 30.67
CA LYS B 234 37.92 1.21 30.59
C LYS B 234 36.44 1.34 30.24
N ARG B 235 35.93 2.57 30.20
CA ARG B 235 34.53 2.81 29.84
C ARG B 235 34.27 2.51 28.36
N LYS B 236 35.27 2.72 27.49
CA LYS B 236 35.10 2.55 26.06
C LYS B 236 34.88 1.09 25.66
N ALA B 237 35.26 0.13 26.49
CA ALA B 237 34.91 -1.26 26.23
C ALA B 237 33.48 -1.58 26.66
N LEU B 238 32.93 -0.82 27.60
CA LEU B 238 31.55 -1.06 28.04
C LEU B 238 30.54 -0.58 27.01
N LYS B 239 30.94 0.37 26.16
CA LYS B 239 30.01 1.02 25.23
C LYS B 239 29.47 0.04 24.20
N THR B 240 30.31 -0.89 23.72
CA THR B 240 29.86 -1.89 22.76
C THR B 240 28.82 -2.82 23.37
N THR B 241 29.05 -3.25 24.62
CA THR B 241 28.11 -4.11 25.31
C THR B 241 26.78 -3.39 25.56
N VAL B 242 26.84 -2.10 25.94
CA VAL B 242 25.60 -1.41 26.24
C VAL B 242 24.82 -1.07 24.96
N ILE B 243 25.52 -0.80 23.83
CA ILE B 243 24.76 -0.53 22.62
C ILE B 243 24.18 -1.82 22.06
N LEU B 244 24.88 -2.95 22.26
CA LEU B 244 24.34 -4.24 21.82
C LEU B 244 23.10 -4.63 22.63
N ILE B 245 23.17 -4.45 23.96
CA ILE B 245 22.04 -4.78 24.82
C ILE B 245 20.86 -3.86 24.54
N LEU B 246 21.11 -2.56 24.38
CA LEU B 246 20.03 -1.62 24.12
C LEU B 246 19.40 -1.84 22.76
N ALA B 247 20.21 -2.16 21.74
CA ALA B 247 19.66 -2.43 20.42
C ALA B 247 18.87 -3.74 20.39
N PHE B 248 19.35 -4.75 21.12
CA PHE B 248 18.62 -6.01 21.23
C PHE B 248 17.25 -5.81 21.88
N PHE B 249 17.22 -5.08 22.99
CA PHE B 249 15.96 -4.92 23.71
C PHE B 249 15.01 -3.98 22.98
N ALA B 250 15.53 -2.92 22.35
CA ALA B 250 14.66 -2.04 21.57
C ALA B 250 14.17 -2.71 20.29
N CYS B 251 14.94 -3.67 19.76
CA CYS B 251 14.48 -4.44 18.62
C CYS B 251 13.43 -5.47 19.02
N TRP B 252 13.52 -6.03 20.23
CA TRP B 252 12.64 -7.12 20.59
C TRP B 252 11.38 -6.66 21.33
N LEU B 253 11.40 -5.47 21.94
CA LEU B 253 10.30 -5.00 22.78
C LEU B 253 8.94 -4.77 22.11
N PRO B 254 8.82 -4.18 20.90
CA PRO B 254 7.47 -4.03 20.32
C PRO B 254 6.74 -5.35 20.06
N TYR B 255 7.45 -6.40 19.65
CA TYR B 255 6.81 -7.71 19.54
C TYR B 255 6.43 -8.25 20.91
N TYR B 256 7.23 -7.94 21.93
CA TYR B 256 6.93 -8.37 23.29
C TYR B 256 5.65 -7.71 23.81
N ILE B 257 5.49 -6.41 23.58
CA ILE B 257 4.28 -5.76 24.06
C ILE B 257 3.09 -6.13 23.19
N GLY B 258 3.31 -6.43 21.89
CA GLY B 258 2.22 -6.92 21.07
C GLY B 258 1.71 -8.28 21.51
N ILE B 259 2.64 -9.18 21.86
CA ILE B 259 2.23 -10.50 22.32
C ILE B 259 1.71 -10.46 23.76
N SER B 260 2.12 -9.47 24.56
CA SER B 260 1.50 -9.30 25.87
C SER B 260 0.08 -8.79 25.76
N ILE B 261 -0.16 -7.85 24.85
CA ILE B 261 -1.52 -7.36 24.60
C ILE B 261 -2.37 -8.46 23.99
N ASP B 262 -1.78 -9.30 23.13
CA ASP B 262 -2.52 -10.43 22.56
C ASP B 262 -2.84 -11.48 23.61
N SER B 263 -1.96 -11.67 24.58
CA SER B 263 -2.28 -12.58 25.68
C SER B 263 -3.36 -12.01 26.58
N PHE B 264 -3.34 -10.69 26.81
CA PHE B 264 -4.41 -10.06 27.57
C PHE B 264 -5.71 -9.95 26.77
N ILE B 265 -5.66 -10.14 25.46
CA ILE B 265 -6.86 -10.18 24.62
C ILE B 265 -7.71 -11.39 24.99
N LEU B 266 -7.07 -12.47 25.41
CA LEU B 266 -7.79 -13.62 25.93
C LEU B 266 -8.03 -13.44 27.43
N LEU B 267 -8.44 -14.53 28.09
CA LEU B 267 -8.51 -14.67 29.55
C LEU B 267 -9.57 -13.76 30.18
N GLU B 268 -10.55 -13.33 29.37
CA GLU B 268 -11.77 -12.62 29.78
C GLU B 268 -11.46 -11.30 30.51
N ILE B 269 -10.85 -10.39 29.75
CA ILE B 269 -10.57 -9.05 30.25
C ILE B 269 -11.16 -7.99 29.33
N ILE B 270 -10.77 -8.01 28.05
CA ILE B 270 -10.88 -6.82 27.21
C ILE B 270 -11.63 -7.12 25.90
N LYS B 271 -12.59 -8.05 25.96
CA LYS B 271 -13.45 -8.32 24.80
C LYS B 271 -14.34 -7.11 24.55
N GLN B 272 -13.89 -6.26 23.62
CA GLN B 272 -14.73 -5.26 22.99
C GLN B 272 -14.38 -5.05 21.52
N GLY B 273 -13.21 -5.53 21.07
CA GLY B 273 -12.80 -5.32 19.70
C GLY B 273 -12.32 -6.57 18.99
N CYS B 274 -13.03 -6.96 17.93
CA CYS B 274 -12.57 -8.02 17.04
C CYS B 274 -11.69 -7.50 15.91
N GLU B 275 -12.07 -6.36 15.32
CA GLU B 275 -11.18 -5.68 14.38
C GLU B 275 -9.93 -5.17 15.08
N PHE B 276 -10.06 -4.78 16.36
CA PHE B 276 -8.90 -4.46 17.17
C PHE B 276 -8.02 -5.70 17.35
N GLU B 277 -8.63 -6.87 17.50
CA GLU B 277 -7.88 -8.11 17.66
C GLU B 277 -7.12 -8.46 16.38
N ASN B 278 -7.74 -8.29 15.21
CA ASN B 278 -7.03 -8.66 13.99
C ASN B 278 -5.96 -7.61 13.64
N THR B 279 -6.17 -6.35 14.03
CA THR B 279 -5.08 -5.38 13.85
C THR B 279 -3.95 -5.64 14.84
N VAL B 280 -4.26 -6.17 16.02
CA VAL B 280 -3.22 -6.63 16.94
C VAL B 280 -2.44 -7.79 16.33
N HIS B 281 -3.13 -8.70 15.64
CA HIS B 281 -2.44 -9.80 14.95
C HIS B 281 -1.57 -9.30 13.80
N LYS B 282 -2.05 -8.30 13.05
CA LYS B 282 -1.24 -7.71 11.98
C LYS B 282 -0.01 -6.99 12.56
N TRP B 283 -0.18 -6.29 13.68
CA TRP B 283 0.94 -5.68 14.37
C TRP B 283 1.91 -6.73 14.91
N ILE B 284 1.38 -7.88 15.30
CA ILE B 284 2.22 -9.00 15.75
C ILE B 284 3.07 -9.52 14.59
N SER B 285 2.47 -9.67 13.41
CA SER B 285 3.24 -10.13 12.25
C SER B 285 4.30 -9.12 11.82
N ILE B 286 3.93 -7.82 11.84
CA ILE B 286 4.87 -6.77 11.45
C ILE B 286 6.02 -6.67 12.46
N THR B 287 5.72 -6.73 13.75
CA THR B 287 6.76 -6.64 14.76
C THR B 287 7.59 -7.92 14.84
N GLU B 288 7.02 -9.07 14.51
CA GLU B 288 7.81 -10.29 14.43
C GLU B 288 8.78 -10.23 13.25
N ALA B 289 8.35 -9.61 12.14
CA ALA B 289 9.27 -9.33 11.05
C ALA B 289 10.38 -8.38 11.47
N LEU B 290 10.01 -7.30 12.16
CA LEU B 290 10.99 -6.27 12.51
C LEU B 290 11.88 -6.67 13.68
N ALA B 291 11.49 -7.67 14.45
CA ALA B 291 12.24 -8.07 15.64
C ALA B 291 13.33 -9.10 15.33
N PHE B 292 13.50 -9.48 14.07
CA PHE B 292 14.55 -10.39 13.68
C PHE B 292 15.87 -9.68 13.38
N PHE B 293 15.92 -8.37 13.63
CA PHE B 293 17.15 -7.60 13.48
C PHE B 293 18.15 -7.82 14.61
N HIS B 294 17.81 -8.67 15.59
CA HIS B 294 18.80 -9.19 16.52
C HIS B 294 19.73 -10.22 15.89
N CYS B 295 19.40 -10.69 14.70
CA CYS B 295 20.30 -11.49 13.89
C CYS B 295 21.24 -10.63 13.06
N CYS B 296 21.11 -9.31 13.14
CA CYS B 296 21.88 -8.36 12.36
C CYS B 296 23.00 -7.68 13.13
N LEU B 297 22.87 -7.53 14.45
CA LEU B 297 23.72 -6.57 15.14
C LEU B 297 25.12 -7.08 15.46
N ASN B 298 25.27 -8.35 15.89
CA ASN B 298 26.60 -8.84 16.28
C ASN B 298 27.73 -8.66 15.23
N PRO B 299 27.59 -9.03 13.93
CA PRO B 299 28.50 -8.40 12.96
C PRO B 299 28.60 -6.88 12.82
N ILE B 300 27.51 -6.16 13.08
CA ILE B 300 27.49 -4.72 12.84
C ILE B 300 28.35 -3.98 13.88
N LEU B 301 28.23 -4.37 15.16
CA LEU B 301 29.10 -3.78 16.16
C LEU B 301 30.54 -4.28 16.08
N TYR B 302 30.83 -5.27 15.24
CA TYR B 302 32.20 -5.61 14.92
C TYR B 302 32.72 -4.85 13.71
N ALA B 303 31.85 -4.53 12.76
CA ALA B 303 32.25 -3.72 11.61
C ALA B 303 32.56 -2.29 12.04
N PHE B 304 31.66 -1.69 12.83
CA PHE B 304 31.97 -0.46 13.51
C PHE B 304 32.79 -0.75 14.77
N LEU B 305 33.41 0.30 15.31
CA LEU B 305 34.18 0.14 16.54
C LEU B 305 33.62 1.02 17.64
N LYS C 25 -17.65 14.69 -19.62
CA LYS C 25 -16.80 15.83 -19.31
C LYS C 25 -17.18 16.46 -17.98
N GLU C 26 -16.53 16.01 -16.91
CA GLU C 26 -16.73 16.59 -15.60
C GLU C 26 -15.96 17.90 -15.50
N PRO C 27 -16.63 19.04 -15.25
CA PRO C 27 -15.94 20.33 -15.20
C PRO C 27 -14.94 20.47 -14.06
N CYS C 28 -15.40 20.33 -12.81
CA CYS C 28 -14.53 20.54 -11.66
C CYS C 28 -14.34 19.30 -10.81
N PHE C 29 -15.44 18.75 -10.27
CA PHE C 29 -15.43 17.73 -9.20
C PHE C 29 -14.48 18.14 -8.06
N ARG C 30 -14.75 19.32 -7.50
CA ARG C 30 -13.85 19.92 -6.53
C ARG C 30 -14.00 19.25 -5.18
N GLU C 31 -12.94 18.60 -4.71
CA GLU C 31 -12.88 17.98 -3.39
C GLU C 31 -11.92 18.79 -2.53
N GLU C 32 -12.46 19.54 -1.58
CA GLU C 32 -11.69 20.40 -0.68
C GLU C 32 -11.82 19.92 0.76
N ASN C 33 -11.70 18.61 0.97
CA ASN C 33 -11.92 18.05 2.30
C ASN C 33 -10.71 18.27 3.20
N ALA C 34 -9.58 17.60 2.86
CA ALA C 34 -8.23 17.89 3.36
C ALA C 34 -8.13 17.89 4.88
N ASN C 35 -8.52 16.78 5.49
CA ASN C 35 -8.54 16.69 6.96
C ASN C 35 -7.14 16.64 7.54
N PHE C 36 -6.27 15.77 7.01
CA PHE C 36 -4.93 15.66 7.56
C PHE C 36 -4.06 16.84 7.14
N ASN C 37 -4.38 17.48 6.00
CA ASN C 37 -3.65 18.65 5.56
C ASN C 37 -3.83 19.81 6.53
N LYS C 38 -5.05 19.98 7.07
CA LYS C 38 -5.36 21.08 7.97
C LYS C 38 -4.68 20.97 9.32
N ILE C 39 -4.04 19.85 9.64
CA ILE C 39 -3.26 19.70 10.85
C ILE C 39 -1.76 19.63 10.54
N PHE C 40 -1.38 18.90 9.48
CA PHE C 40 0.03 18.78 9.15
C PHE C 40 0.62 20.07 8.61
N LEU C 41 -0.17 20.87 7.87
CA LEU C 41 0.34 22.15 7.38
C LEU C 41 0.62 23.16 8.49
N PRO C 42 -0.27 23.42 9.48
CA PRO C 42 0.10 24.39 10.52
C PRO C 42 1.23 23.95 11.43
N THR C 43 1.43 22.65 11.63
CA THR C 43 2.53 22.18 12.46
C THR C 43 3.88 22.48 11.81
N ILE C 44 3.99 22.16 10.52
CA ILE C 44 5.20 22.46 9.75
C ILE C 44 5.38 23.96 9.63
N TYR C 45 4.27 24.70 9.45
CA TYR C 45 4.32 26.16 9.36
C TYR C 45 4.82 26.78 10.66
N SER C 46 4.38 26.28 11.81
CA SER C 46 4.80 26.85 13.09
C SER C 46 6.23 26.47 13.42
N ILE C 47 6.65 25.23 13.11
CA ILE C 47 8.04 24.82 13.28
C ILE C 47 8.96 25.71 12.46
N ILE C 48 8.62 25.87 11.18
CA ILE C 48 9.46 26.59 10.24
C ILE C 48 9.48 28.07 10.58
N PHE C 49 8.32 28.60 11.00
CA PHE C 49 8.20 29.99 11.40
C PHE C 49 9.05 30.29 12.63
N LEU C 50 8.96 29.46 13.67
CA LEU C 50 9.67 29.74 14.92
C LEU C 50 11.17 29.64 14.73
N THR C 51 11.64 28.56 14.09
CA THR C 51 13.08 28.45 13.83
C THR C 51 13.57 29.52 12.86
N GLY C 52 12.73 29.91 11.89
CA GLY C 52 13.12 30.96 10.96
C GLY C 52 13.29 32.31 11.62
N ILE C 53 12.32 32.71 12.46
CA ILE C 53 12.41 34.04 13.07
C ILE C 53 13.53 34.07 14.10
N VAL C 54 13.71 32.99 14.88
CA VAL C 54 14.75 32.98 15.91
C VAL C 54 16.13 32.98 15.28
N GLY C 55 16.36 32.06 14.33
CA GLY C 55 17.67 31.98 13.71
C GLY C 55 18.00 33.18 12.83
N ASN C 56 17.01 33.69 12.10
CA ASN C 56 17.27 34.80 11.18
C ASN C 56 17.47 36.10 11.93
N GLY C 57 16.65 36.38 12.94
CA GLY C 57 16.89 37.55 13.76
C GLY C 57 18.20 37.49 14.51
N LEU C 58 18.54 36.29 15.03
CA LEU C 58 19.80 36.13 15.75
C LEU C 58 21.00 36.32 14.82
N VAL C 59 20.92 35.76 13.61
CA VAL C 59 22.05 35.88 12.70
C VAL C 59 22.13 37.29 12.12
N ILE C 60 21.02 38.02 12.06
CA ILE C 60 21.09 39.41 11.63
C ILE C 60 21.76 40.27 12.70
N LEU C 61 21.36 40.10 13.96
CA LEU C 61 21.99 40.92 14.99
C LEU C 61 23.37 40.42 15.42
N VAL C 62 23.88 39.32 14.87
CA VAL C 62 25.31 39.06 15.01
C VAL C 62 26.11 39.44 13.75
N MET C 63 25.55 39.27 12.54
CA MET C 63 26.26 39.63 11.32
C MET C 63 26.19 41.13 11.02
N GLY C 64 24.99 41.65 10.76
CA GLY C 64 24.87 43.00 10.25
C GLY C 64 25.03 44.10 11.28
N TYR C 65 24.50 43.88 12.48
CA TYR C 65 24.54 44.91 13.51
C TYR C 65 25.95 45.04 14.10
N GLN C 66 26.60 43.91 14.35
CA GLN C 66 27.92 43.94 14.98
C GLN C 66 29.06 44.01 13.98
N LYS C 67 28.78 43.86 12.68
CA LYS C 67 29.77 43.86 11.59
C LYS C 67 30.86 42.81 11.82
N LYS C 68 30.44 41.64 12.29
CA LYS C 68 31.35 40.54 12.62
C LYS C 68 31.86 39.82 11.37
N LEU C 69 31.25 40.08 10.21
CA LEU C 69 31.53 39.33 8.99
C LEU C 69 32.97 39.55 8.50
N ARG C 70 33.57 38.48 7.98
CA ARG C 70 34.95 38.48 7.53
C ARG C 70 35.11 38.00 6.10
N SER C 71 34.28 37.08 5.65
CA SER C 71 34.41 36.47 4.33
C SER C 71 33.71 37.33 3.28
N MET C 72 33.50 36.76 2.09
CA MET C 72 32.76 37.42 1.03
C MET C 72 31.33 36.91 0.89
N THR C 73 31.10 35.63 1.13
CA THR C 73 29.78 35.01 1.00
C THR C 73 28.82 35.42 2.11
N ASP C 74 29.33 35.98 3.20
CA ASP C 74 28.50 36.28 4.36
C ASP C 74 27.53 37.42 4.07
N LYS C 75 27.88 38.32 3.14
CA LYS C 75 26.95 39.38 2.77
C LYS C 75 25.74 38.84 2.01
N TYR C 76 25.98 37.92 1.07
CA TYR C 76 24.88 37.29 0.35
C TYR C 76 24.05 36.40 1.27
N ARG C 77 24.71 35.71 2.21
CA ARG C 77 23.98 34.88 3.15
C ARG C 77 23.20 35.74 4.14
N LEU C 78 23.71 36.94 4.44
CA LEU C 78 22.97 37.93 5.21
C LEU C 78 21.72 38.38 4.45
N HIS C 79 21.86 38.59 3.13
CA HIS C 79 20.71 38.94 2.30
C HIS C 79 19.67 37.82 2.29
N LEU C 80 20.13 36.57 2.26
CA LEU C 80 19.24 35.42 2.38
C LEU C 80 18.49 35.44 3.70
N SER C 81 19.19 35.75 4.79
CA SER C 81 18.53 35.71 6.09
C SER C 81 17.55 36.86 6.28
N VAL C 82 17.82 38.05 5.72
CA VAL C 82 16.84 39.12 5.90
C VAL C 82 15.61 38.86 5.03
N ALA C 83 15.82 38.30 3.82
CA ALA C 83 14.68 37.94 2.97
C ALA C 83 13.82 36.84 3.61
N ASP C 84 14.47 35.83 4.17
CA ASP C 84 13.71 34.76 4.82
C ASP C 84 13.12 35.21 6.15
N LEU C 85 13.72 36.23 6.80
CA LEU C 85 13.11 36.78 8.01
C LEU C 85 11.83 37.53 7.66
N LEU C 86 11.87 38.30 6.56
CA LEU C 86 10.65 38.93 6.06
C LEU C 86 9.60 37.90 5.67
N PHE C 87 10.04 36.74 5.16
CA PHE C 87 9.12 35.65 4.87
C PHE C 87 8.47 35.12 6.14
N VAL C 88 9.26 34.91 7.20
CA VAL C 88 8.70 34.30 8.40
C VAL C 88 8.02 35.30 9.33
N ILE C 89 8.08 36.60 9.05
CA ILE C 89 7.12 37.50 9.68
C ILE C 89 5.69 37.16 9.23
N THR C 90 5.52 36.96 7.92
CA THR C 90 4.17 36.79 7.38
C THR C 90 3.75 35.33 7.27
N LEU C 91 4.62 34.39 7.59
CA LEU C 91 4.25 32.97 7.66
C LEU C 91 3.05 32.61 8.56
N PRO C 92 2.83 33.20 9.76
CA PRO C 92 1.60 32.87 10.50
C PRO C 92 0.30 33.24 9.79
N PHE C 93 0.33 34.22 8.88
CA PHE C 93 -0.84 34.48 8.05
C PHE C 93 -1.12 33.30 7.12
N TRP C 94 -0.05 32.69 6.58
CA TRP C 94 -0.20 31.47 5.79
C TRP C 94 -0.73 30.32 6.64
N ALA C 95 -0.28 30.23 7.89
CA ALA C 95 -0.76 29.17 8.77
C ALA C 95 -2.25 29.33 9.09
N VAL C 96 -2.67 30.56 9.42
CA VAL C 96 -4.06 30.79 9.77
C VAL C 96 -4.96 30.75 8.53
N ASP C 97 -4.40 30.93 7.33
CA ASP C 97 -5.19 30.68 6.13
C ASP C 97 -5.31 29.17 5.91
N ALA C 98 -4.24 28.43 6.21
CA ALA C 98 -4.22 27.00 5.97
C ALA C 98 -5.16 26.25 6.90
N VAL C 99 -5.32 26.73 8.14
CA VAL C 99 -6.20 26.01 9.06
C VAL C 99 -7.58 26.65 9.14
N ALA C 100 -7.69 27.93 8.83
CA ALA C 100 -8.92 28.64 9.12
C ALA C 100 -9.33 29.54 7.97
N ASN C 101 -10.58 29.96 8.03
CA ASN C 101 -11.17 30.84 7.04
C ASN C 101 -10.79 32.26 7.46
N TRP C 102 -9.93 32.91 6.68
CA TRP C 102 -9.28 34.13 7.14
C TRP C 102 -10.04 35.37 6.69
N TYR C 103 -9.94 36.42 7.50
CA TYR C 103 -10.82 37.58 7.36
C TYR C 103 -10.08 38.91 7.26
N PHE C 104 -8.77 38.91 6.97
CA PHE C 104 -7.97 40.11 7.15
C PHE C 104 -7.86 40.97 5.89
N GLY C 105 -8.87 40.94 5.03
CA GLY C 105 -8.94 41.91 3.94
C GLY C 105 -8.11 41.57 2.73
N ASN C 106 -8.09 42.51 1.78
CA ASN C 106 -7.44 42.34 0.49
C ASN C 106 -6.08 43.03 0.40
N PHE C 107 -5.91 44.16 1.09
CA PHE C 107 -4.61 44.82 1.13
C PHE C 107 -3.57 43.93 1.80
N LEU C 108 -3.97 43.26 2.89
CA LEU C 108 -3.08 42.31 3.54
C LEU C 108 -2.79 41.09 2.67
N CYS C 109 -3.78 40.63 1.88
CA CYS C 109 -3.54 39.52 0.98
C CYS C 109 -2.55 39.88 -0.11
N LYS C 110 -2.69 41.09 -0.67
CA LYS C 110 -1.74 41.59 -1.67
C LYS C 110 -0.34 41.71 -1.07
N ALA C 111 -0.26 42.20 0.18
CA ALA C 111 1.03 42.31 0.86
C ALA C 111 1.65 40.94 1.10
N VAL C 112 0.84 39.95 1.53
CA VAL C 112 1.34 38.61 1.82
C VAL C 112 1.88 37.95 0.55
N HIS C 113 1.11 38.04 -0.54
CA HIS C 113 1.53 37.40 -1.79
C HIS C 113 2.75 38.09 -2.38
N VAL C 114 2.84 39.43 -2.27
CA VAL C 114 4.00 40.11 -2.83
C VAL C 114 5.25 39.81 -2.01
N ILE C 115 5.14 39.63 -0.68
CA ILE C 115 6.39 39.44 0.06
C ILE C 115 6.83 37.98 -0.08
N TYR C 116 5.87 37.05 -0.20
CA TYR C 116 6.19 35.66 -0.48
C TYR C 116 6.87 35.50 -1.83
N THR C 117 6.39 36.21 -2.85
CA THR C 117 7.00 36.06 -4.17
C THR C 117 8.34 36.78 -4.28
N VAL C 118 8.53 37.91 -3.58
CA VAL C 118 9.85 38.54 -3.68
C VAL C 118 10.87 37.71 -2.91
N ASN C 119 10.46 37.03 -1.82
CA ASN C 119 11.37 36.10 -1.16
C ASN C 119 11.69 34.91 -2.06
N LEU C 120 10.66 34.36 -2.72
CA LEU C 120 10.82 33.15 -3.53
C LEU C 120 11.72 33.41 -4.73
N TYR C 121 11.66 34.62 -5.31
CA TYR C 121 12.56 34.91 -6.41
C TYR C 121 13.93 35.40 -5.94
N SER C 122 13.99 36.12 -4.82
CA SER C 122 15.27 36.65 -4.36
C SER C 122 16.18 35.55 -3.85
N SER C 123 15.62 34.46 -3.32
CA SER C 123 16.42 33.33 -2.87
C SER C 123 17.19 32.70 -4.03
N VAL C 124 16.51 32.37 -5.13
CA VAL C 124 17.18 31.74 -6.25
C VAL C 124 18.10 32.72 -6.98
N LEU C 125 17.71 34.00 -7.04
CA LEU C 125 18.60 34.99 -7.68
C LEU C 125 19.89 35.21 -6.90
N ILE C 126 19.83 35.29 -5.56
CA ILE C 126 21.09 35.42 -4.84
C ILE C 126 21.83 34.10 -4.73
N LEU C 127 21.15 32.96 -4.91
CA LEU C 127 21.86 31.69 -5.02
C LEU C 127 22.70 31.66 -6.28
N ALA C 128 22.13 32.12 -7.40
CA ALA C 128 22.90 32.28 -8.63
C ALA C 128 24.00 33.31 -8.46
N PHE C 129 23.73 34.37 -7.69
CA PHE C 129 24.73 35.40 -7.46
C PHE C 129 25.92 34.89 -6.65
N ILE C 130 25.65 34.11 -5.60
CA ILE C 130 26.75 33.60 -4.78
C ILE C 130 27.50 32.50 -5.51
N SER C 131 26.82 31.76 -6.39
CA SER C 131 27.54 30.80 -7.24
C SER C 131 28.43 31.51 -8.25
N LEU C 132 27.96 32.63 -8.80
CA LEU C 132 28.78 33.44 -9.71
C LEU C 132 29.97 34.05 -8.99
N ASP C 133 29.77 34.46 -7.72
CA ASP C 133 30.88 34.98 -6.92
C ASP C 133 31.90 33.88 -6.65
N ARG C 134 31.44 32.65 -6.36
CA ARG C 134 32.36 31.55 -6.13
C ARG C 134 33.14 31.19 -7.40
N TYR C 135 32.47 31.22 -8.56
CA TYR C 135 33.16 30.99 -9.82
C TYR C 135 34.20 32.06 -10.10
N LEU C 136 33.86 33.34 -9.88
CA LEU C 136 34.79 34.40 -10.19
C LEU C 136 35.92 34.47 -9.16
N ALA C 137 35.67 33.96 -7.95
CA ALA C 137 36.71 33.88 -6.94
C ALA C 137 37.66 32.72 -7.17
N ILE C 138 37.17 31.60 -7.71
CA ILE C 138 38.03 30.45 -7.91
C ILE C 138 38.78 30.52 -9.23
N VAL C 139 38.06 30.76 -10.34
CA VAL C 139 38.68 30.74 -11.65
C VAL C 139 39.55 31.97 -11.86
N HIS C 140 38.98 33.15 -11.65
CA HIS C 140 39.74 34.40 -11.75
C HIS C 140 40.21 34.82 -10.36
N ALA C 141 41.08 33.98 -9.78
CA ALA C 141 41.50 34.15 -8.41
C ALA C 141 42.57 35.22 -8.22
N THR C 142 43.19 35.70 -9.29
CA THR C 142 44.31 36.63 -9.19
C THR C 142 43.95 38.05 -9.56
N ASN C 143 43.33 38.26 -10.71
CA ASN C 143 43.13 39.60 -11.26
C ASN C 143 41.72 40.13 -11.05
N SER C 144 40.93 39.53 -10.16
CA SER C 144 39.55 39.97 -9.94
C SER C 144 39.26 39.98 -8.45
N GLN C 145 39.44 41.14 -7.82
CA GLN C 145 39.00 41.38 -6.46
C GLN C 145 38.05 42.56 -6.35
N ARG C 146 38.35 43.66 -7.05
CA ARG C 146 37.38 44.74 -7.19
C ARG C 146 36.08 44.35 -7.92
N PRO C 147 36.06 43.44 -8.91
CA PRO C 147 34.76 42.91 -9.35
C PRO C 147 33.95 42.24 -8.26
N ARG C 148 34.58 41.55 -7.31
CA ARG C 148 33.83 40.99 -6.19
C ARG C 148 33.26 42.08 -5.29
N LYS C 149 34.03 43.16 -5.08
CA LYS C 149 33.57 44.27 -4.24
C LYS C 149 32.40 45.01 -4.89
N LEU C 150 32.47 45.25 -6.20
CA LEU C 150 31.35 45.87 -6.89
C LEU C 150 30.18 44.91 -7.05
N LEU C 151 30.46 43.61 -7.07
CA LEU C 151 29.39 42.61 -7.14
C LEU C 151 28.62 42.54 -5.83
N ALA C 152 29.31 42.72 -4.71
CA ALA C 152 28.67 42.66 -3.40
C ALA C 152 28.18 44.01 -2.90
N GLU C 153 28.59 45.12 -3.52
CA GLU C 153 28.23 46.45 -3.03
C GLU C 153 27.31 47.20 -3.98
N LYS C 154 27.70 47.37 -5.24
CA LYS C 154 26.96 48.26 -6.14
C LYS C 154 25.87 47.54 -6.92
N VAL C 155 26.22 46.47 -7.60
CA VAL C 155 25.32 45.87 -8.59
C VAL C 155 24.49 44.74 -8.00
N VAL C 156 24.62 44.51 -6.68
CA VAL C 156 23.86 43.45 -6.04
C VAL C 156 22.37 43.79 -5.99
N TYR C 157 22.03 45.04 -5.67
CA TYR C 157 20.63 45.43 -5.53
C TYR C 157 19.94 45.42 -6.89
N VAL C 158 20.58 45.98 -7.90
CA VAL C 158 20.07 45.88 -9.27
C VAL C 158 20.20 44.49 -9.85
N GLY C 159 20.94 43.60 -9.19
CA GLY C 159 21.04 42.22 -9.61
C GLY C 159 19.86 41.37 -9.16
N VAL C 160 19.45 41.50 -7.90
CA VAL C 160 18.40 40.63 -7.36
C VAL C 160 17.11 41.40 -7.04
N TRP C 161 17.22 42.54 -6.34
CA TRP C 161 16.07 43.06 -5.60
C TRP C 161 15.03 43.68 -6.53
N ILE C 162 15.42 44.67 -7.32
CA ILE C 162 14.47 45.32 -8.22
C ILE C 162 13.99 44.47 -9.40
N PRO C 163 14.72 43.46 -9.93
CA PRO C 163 14.00 42.48 -10.78
C PRO C 163 12.96 41.69 -10.02
N ALA C 164 13.23 41.33 -8.77
CA ALA C 164 12.25 40.61 -7.98
C ALA C 164 11.05 41.48 -7.64
N LEU C 165 11.26 42.79 -7.51
CA LEU C 165 10.15 43.72 -7.43
C LEU C 165 9.46 43.92 -8.77
N LEU C 166 10.19 43.74 -9.88
CA LEU C 166 9.59 43.90 -11.21
C LEU C 166 8.67 42.74 -11.57
N LEU C 167 8.97 41.53 -11.09
CA LEU C 167 8.12 40.37 -11.36
C LEU C 167 7.00 40.20 -10.34
N THR C 168 6.51 41.28 -9.73
CA THR C 168 5.47 41.19 -8.71
C THR C 168 4.28 42.10 -8.95
N ILE C 169 4.31 42.96 -9.97
CA ILE C 169 3.14 43.80 -10.26
C ILE C 169 1.92 42.99 -10.72
N PRO C 170 2.05 41.89 -11.50
CA PRO C 170 0.89 41.00 -11.64
C PRO C 170 0.39 40.41 -10.33
N ASP C 171 1.26 40.18 -9.35
CA ASP C 171 0.78 39.80 -8.03
C ASP C 171 0.14 40.97 -7.31
N PHE C 172 0.56 42.20 -7.61
CA PHE C 172 -0.06 43.37 -7.01
C PHE C 172 -1.48 43.57 -7.55
N ILE C 173 -1.70 43.20 -8.80
CA ILE C 173 -2.99 43.46 -9.44
C ILE C 173 -3.93 42.25 -9.42
N PHE C 174 -3.41 41.03 -9.25
CA PHE C 174 -4.20 39.83 -9.41
C PHE C 174 -4.50 39.12 -8.09
N ALA C 175 -4.13 39.72 -6.95
CA ALA C 175 -4.42 39.13 -5.64
C ALA C 175 -5.73 39.72 -5.12
N ASN C 176 -6.75 38.88 -5.01
CA ASN C 176 -8.07 39.34 -4.56
C ASN C 176 -8.74 38.25 -3.76
N VAL C 177 -9.65 38.66 -2.87
CA VAL C 177 -10.39 37.75 -2.01
C VAL C 177 -11.70 37.39 -2.70
N SER C 178 -12.02 36.09 -2.74
CA SER C 178 -13.21 35.64 -3.44
C SER C 178 -14.46 35.88 -2.58
N GLU C 179 -15.61 35.81 -3.25
CA GLU C 179 -16.92 35.89 -2.59
C GLU C 179 -17.57 34.52 -2.74
N ALA C 180 -17.34 33.67 -1.74
CA ALA C 180 -17.70 32.27 -1.81
C ALA C 180 -18.94 31.97 -0.96
N ASP C 181 -19.24 30.69 -0.81
CA ASP C 181 -20.17 30.22 0.23
C ASP C 181 -19.40 30.27 1.54
N ASP C 182 -19.34 31.47 2.12
CA ASP C 182 -18.59 31.95 3.29
C ASP C 182 -17.12 31.55 3.36
N ARG C 183 -16.51 30.87 2.56
CA ARG C 183 -15.07 30.76 2.69
C ARG C 183 -14.19 32.00 2.91
N TYR C 184 -14.39 33.05 2.10
CA TYR C 184 -13.49 34.22 2.02
C TYR C 184 -12.07 33.65 1.95
N ILE C 185 -11.80 32.93 0.87
CA ILE C 185 -10.47 32.37 0.64
C ILE C 185 -9.86 33.33 -0.37
N CYS C 186 -8.66 33.81 -0.07
CA CYS C 186 -7.94 34.71 -0.97
C CYS C 186 -6.88 33.93 -1.72
N ASP C 187 -6.93 34.01 -3.04
CA ASP C 187 -5.95 33.37 -3.90
C ASP C 187 -5.70 34.28 -5.09
N ARG C 188 -4.59 34.03 -5.78
CA ARG C 188 -4.22 34.83 -6.94
C ARG C 188 -5.13 34.45 -8.12
N PHE C 189 -6.10 35.31 -8.41
CA PHE C 189 -7.14 35.01 -9.39
C PHE C 189 -6.76 35.60 -10.74
N TYR C 190 -6.82 34.76 -11.76
CA TYR C 190 -6.35 35.02 -13.12
C TYR C 190 -7.53 35.03 -14.08
N PRO C 191 -7.39 35.67 -15.26
CA PRO C 191 -8.51 35.67 -16.22
C PRO C 191 -8.91 34.29 -16.76
N ASN C 192 -7.97 33.53 -17.32
CA ASN C 192 -8.31 32.24 -17.92
C ASN C 192 -7.17 31.26 -17.68
N ASP C 193 -7.40 30.01 -18.13
CA ASP C 193 -6.47 28.92 -17.85
C ASP C 193 -5.14 29.07 -18.60
N LEU C 194 -5.16 29.70 -19.77
CA LEU C 194 -3.92 29.97 -20.50
C LEU C 194 -3.02 30.93 -19.74
N TRP C 195 -3.62 31.90 -19.03
CA TRP C 195 -2.84 32.79 -18.16
C TRP C 195 -2.23 32.01 -17.01
N VAL C 196 -2.97 31.03 -16.46
CA VAL C 196 -2.44 30.16 -15.41
C VAL C 196 -1.24 29.39 -15.92
N VAL C 197 -1.34 28.87 -17.15
CA VAL C 197 -0.27 28.07 -17.74
C VAL C 197 0.97 28.92 -17.97
N VAL C 198 0.80 30.12 -18.56
CA VAL C 198 1.97 30.91 -18.93
C VAL C 198 2.64 31.50 -17.68
N PHE C 199 1.86 31.89 -16.67
CA PHE C 199 2.48 32.42 -15.47
C PHE C 199 3.12 31.33 -14.63
N GLN C 200 2.51 30.15 -14.57
CA GLN C 200 3.04 29.07 -13.77
C GLN C 200 4.30 28.52 -14.42
N PHE C 201 4.32 28.49 -15.76
CA PHE C 201 5.54 28.14 -16.49
C PHE C 201 6.61 29.20 -16.32
N GLN C 202 6.24 30.49 -16.29
CA GLN C 202 7.22 31.55 -16.08
C GLN C 202 7.87 31.42 -14.71
N HIS C 203 7.07 31.03 -13.71
CA HIS C 203 7.61 30.65 -12.41
C HIS C 203 8.56 29.47 -12.53
N ILE C 204 8.21 28.47 -13.37
CA ILE C 204 9.07 27.30 -13.56
C ILE C 204 10.44 27.70 -14.14
N MET C 205 10.45 28.51 -15.21
CA MET C 205 11.73 29.00 -15.75
C MET C 205 12.51 29.80 -14.71
N VAL C 206 11.97 30.94 -14.25
CA VAL C 206 12.77 31.87 -13.47
C VAL C 206 12.94 31.42 -12.02
N GLY C 207 12.35 30.29 -11.65
CA GLY C 207 12.57 29.76 -10.32
C GLY C 207 13.39 28.49 -10.30
N LEU C 208 13.40 27.71 -11.38
CA LEU C 208 14.17 26.49 -11.38
C LEU C 208 15.29 26.50 -12.41
N ILE C 209 15.02 26.73 -13.69
CA ILE C 209 15.97 26.22 -14.66
C ILE C 209 17.10 27.20 -14.93
N LEU C 210 16.81 28.48 -15.18
CA LEU C 210 17.88 29.43 -15.55
C LEU C 210 18.93 29.63 -14.44
N PRO C 211 18.56 29.83 -13.14
CA PRO C 211 19.60 29.69 -12.10
C PRO C 211 20.16 28.28 -12.00
N GLY C 212 19.42 27.26 -12.45
CA GLY C 212 19.96 25.92 -12.47
C GLY C 212 21.14 25.75 -13.41
N ILE C 213 21.01 26.17 -14.69
CA ILE C 213 22.17 26.04 -15.57
C ILE C 213 23.27 27.01 -15.15
N VAL C 214 22.91 28.17 -14.60
CA VAL C 214 23.94 29.12 -14.15
C VAL C 214 24.78 28.52 -13.01
N ILE C 215 24.12 28.02 -11.96
CA ILE C 215 24.81 27.48 -10.80
C ILE C 215 25.55 26.19 -11.15
N LEU C 216 24.88 25.28 -11.85
CA LEU C 216 25.47 23.98 -12.17
C LEU C 216 26.60 24.10 -13.18
N SER C 217 26.49 25.00 -14.17
CA SER C 217 27.57 25.21 -15.11
C SER C 217 28.79 25.84 -14.43
N CYS C 218 28.56 26.84 -13.57
CA CYS C 218 29.70 27.45 -12.89
C CYS C 218 30.37 26.47 -11.93
N TYR C 219 29.59 25.65 -11.22
CA TYR C 219 30.18 24.67 -10.31
C TYR C 219 30.91 23.57 -11.07
N CYS C 220 30.38 23.15 -12.22
CA CYS C 220 31.06 22.15 -13.05
C CYS C 220 32.39 22.67 -13.58
N ILE C 221 32.43 23.92 -14.04
CA ILE C 221 33.70 24.40 -14.57
C ILE C 221 34.69 24.78 -13.45
N ILE C 222 34.23 25.11 -12.25
CA ILE C 222 35.23 25.25 -11.18
C ILE C 222 35.67 23.89 -10.62
N ILE C 223 34.86 22.84 -10.77
CA ILE C 223 35.35 21.51 -10.46
C ILE C 223 36.40 21.07 -11.48
N SER C 224 36.15 21.37 -12.75
CA SER C 224 37.14 21.08 -13.79
C SER C 224 38.40 21.93 -13.64
N LYS C 225 38.26 23.16 -13.15
CA LYS C 225 39.43 23.99 -12.86
C LYS C 225 40.17 23.48 -11.64
N LEU C 226 39.47 22.88 -10.68
CA LEU C 226 40.11 22.35 -9.48
C LEU C 226 40.97 21.11 -9.76
N SER C 227 40.79 20.47 -10.92
CA SER C 227 41.65 19.36 -11.29
C SER C 227 43.06 19.84 -11.64
N HIS C 228 43.18 21.08 -12.13
CA HIS C 228 44.50 21.64 -12.41
C HIS C 228 45.26 21.99 -11.15
N SER C 229 44.56 22.23 -10.04
CA SER C 229 45.21 22.48 -8.77
C SER C 229 45.80 21.18 -8.20
N LYS C 230 46.79 21.34 -7.34
CA LYS C 230 47.48 20.20 -6.74
C LYS C 230 46.85 19.76 -5.43
N GLY C 231 45.53 19.58 -5.43
CA GLY C 231 44.78 19.25 -4.23
C GLY C 231 44.85 20.33 -3.17
N HIS C 232 44.66 21.58 -3.60
CA HIS C 232 44.92 22.72 -2.73
C HIS C 232 43.78 22.88 -1.72
N GLN C 233 44.01 23.77 -0.74
CA GLN C 233 43.12 23.97 0.39
C GLN C 233 42.10 25.07 0.16
N LYS C 234 41.72 25.33 -1.08
CA LYS C 234 40.68 26.30 -1.39
C LYS C 234 39.29 25.68 -1.46
N ARG C 235 39.18 24.37 -1.29
CA ARG C 235 37.90 23.68 -1.27
C ARG C 235 37.36 23.47 0.14
N LYS C 236 38.07 23.97 1.16
CA LYS C 236 37.59 23.80 2.53
C LYS C 236 36.40 24.69 2.84
N ALA C 237 36.27 25.81 2.15
CA ALA C 237 35.09 26.66 2.26
C ALA C 237 34.03 26.34 1.21
N LEU C 238 34.34 25.44 0.28
CA LEU C 238 33.40 25.08 -0.78
C LEU C 238 32.28 24.18 -0.29
N LYS C 239 32.55 23.40 0.78
CA LYS C 239 31.62 22.35 1.21
C LYS C 239 30.33 22.95 1.76
N THR C 240 30.41 24.04 2.52
CA THR C 240 29.21 24.67 3.06
C THR C 240 28.34 25.26 1.96
N THR C 241 28.96 25.91 0.97
CA THR C 241 28.20 26.48 -0.13
C THR C 241 27.56 25.40 -0.99
N VAL C 242 28.29 24.33 -1.28
CA VAL C 242 27.72 23.28 -2.12
C VAL C 242 26.64 22.49 -1.38
N ILE C 243 26.76 22.35 -0.05
CA ILE C 243 25.70 21.65 0.66
C ILE C 243 24.48 22.55 0.85
N LEU C 244 24.68 23.87 0.91
CA LEU C 244 23.55 24.79 0.92
C LEU C 244 22.81 24.76 -0.42
N ILE C 245 23.56 24.73 -1.52
CA ILE C 245 22.98 24.66 -2.86
C ILE C 245 22.21 23.35 -3.03
N LEU C 246 22.83 22.24 -2.60
CA LEU C 246 22.22 20.93 -2.79
C LEU C 246 20.98 20.74 -1.92
N ALA C 247 21.03 21.19 -0.67
CA ALA C 247 19.87 21.09 0.20
C ALA C 247 18.75 22.03 -0.24
N PHE C 248 19.09 23.21 -0.77
CA PHE C 248 18.09 24.13 -1.28
C PHE C 248 17.38 23.57 -2.51
N PHE C 249 18.16 22.98 -3.43
CA PHE C 249 17.55 22.39 -4.63
C PHE C 249 16.75 21.14 -4.30
N ALA C 250 17.22 20.33 -3.36
CA ALA C 250 16.44 19.15 -2.96
C ALA C 250 15.20 19.55 -2.18
N CYS C 251 15.23 20.71 -1.52
CA CYS C 251 14.04 21.20 -0.83
C CYS C 251 13.01 21.72 -1.82
N TRP C 252 13.44 22.41 -2.87
CA TRP C 252 12.50 23.01 -3.82
C TRP C 252 12.17 22.12 -5.02
N LEU C 253 12.82 20.96 -5.17
CA LEU C 253 12.58 20.14 -6.36
C LEU C 253 11.21 19.46 -6.42
N PRO C 254 10.70 18.77 -5.38
CA PRO C 254 9.40 18.11 -5.56
C PRO C 254 8.23 19.06 -5.71
N TYR C 255 8.31 20.26 -5.12
CA TYR C 255 7.25 21.24 -5.30
C TYR C 255 7.21 21.75 -6.74
N TYR C 256 8.38 21.96 -7.35
CA TYR C 256 8.40 22.37 -8.75
C TYR C 256 8.00 21.23 -9.68
N ILE C 257 8.29 19.98 -9.30
CA ILE C 257 7.84 18.84 -10.11
C ILE C 257 6.32 18.72 -10.05
N GLY C 258 5.74 18.93 -8.86
CA GLY C 258 4.29 18.95 -8.75
C GLY C 258 3.66 20.11 -9.49
N ILE C 259 4.35 21.26 -9.52
CA ILE C 259 3.89 22.41 -10.30
C ILE C 259 3.87 22.08 -11.79
N SER C 260 4.93 21.42 -12.28
CA SER C 260 4.99 21.04 -13.68
C SER C 260 3.94 19.99 -14.03
N ILE C 261 3.66 19.08 -13.09
CA ILE C 261 2.61 18.08 -13.30
C ILE C 261 1.24 18.75 -13.38
N ASP C 262 0.98 19.71 -12.49
CA ASP C 262 -0.29 20.43 -12.54
C ASP C 262 -0.41 21.31 -13.77
N SER C 263 0.70 21.86 -14.25
CA SER C 263 0.67 22.65 -15.48
C SER C 263 0.42 21.76 -16.70
N PHE C 264 1.00 20.55 -16.71
CA PHE C 264 0.73 19.60 -17.79
C PHE C 264 -0.66 19.01 -17.69
N ILE C 265 -1.27 19.02 -16.49
CA ILE C 265 -2.68 18.67 -16.35
C ILE C 265 -3.54 19.67 -17.12
N LEU C 266 -3.19 20.95 -17.03
CA LEU C 266 -3.81 21.95 -17.88
C LEU C 266 -3.38 21.78 -19.33
N LEU C 267 -4.03 22.55 -20.21
CA LEU C 267 -4.07 22.40 -21.67
C LEU C 267 -4.59 21.04 -22.13
N GLU C 268 -5.28 20.29 -21.25
CA GLU C 268 -6.01 19.05 -21.55
C GLU C 268 -5.11 17.99 -22.19
N ILE C 269 -4.12 17.56 -21.41
CA ILE C 269 -3.16 16.56 -21.84
C ILE C 269 -3.32 15.25 -21.09
N ILE C 270 -3.37 15.32 -19.75
CA ILE C 270 -3.53 14.13 -18.93
C ILE C 270 -4.88 14.33 -18.21
N LYS C 271 -5.83 14.89 -18.95
CA LYS C 271 -7.10 15.38 -18.39
C LYS C 271 -8.03 14.29 -17.85
N GLN C 272 -7.66 13.01 -17.97
CA GLN C 272 -8.52 11.93 -17.48
C GLN C 272 -8.59 11.90 -15.95
N GLY C 273 -7.56 12.37 -15.28
CA GLY C 273 -7.48 12.28 -13.83
C GLY C 273 -8.04 13.44 -13.04
N CYS C 274 -9.37 13.54 -12.95
CA CYS C 274 -9.98 14.59 -12.13
C CYS C 274 -9.69 14.39 -10.65
N GLU C 275 -9.95 13.18 -10.14
CA GLU C 275 -9.53 12.86 -8.78
C GLU C 275 -8.02 12.73 -8.65
N PHE C 276 -7.32 12.42 -9.74
CA PHE C 276 -5.87 12.53 -9.74
C PHE C 276 -5.44 13.98 -9.68
N GLU C 277 -6.20 14.90 -10.28
CA GLU C 277 -5.93 16.33 -10.09
C GLU C 277 -6.19 16.76 -8.66
N ASN C 278 -7.21 16.19 -8.00
CA ASN C 278 -7.46 16.49 -6.60
C ASN C 278 -6.33 16.00 -5.71
N THR C 279 -5.82 14.79 -5.97
CA THR C 279 -4.69 14.32 -5.18
C THR C 279 -3.39 15.04 -5.55
N VAL C 280 -3.30 15.61 -6.76
CA VAL C 280 -2.18 16.49 -7.09
C VAL C 280 -2.26 17.79 -6.31
N HIS C 281 -3.48 18.31 -6.12
CA HIS C 281 -3.67 19.51 -5.30
C HIS C 281 -3.28 19.25 -3.84
N LYS C 282 -3.71 18.10 -3.30
CA LYS C 282 -3.32 17.72 -1.93
C LYS C 282 -1.82 17.53 -1.81
N TRP C 283 -1.21 16.86 -2.80
CA TRP C 283 0.22 16.61 -2.80
C TRP C 283 1.01 17.90 -2.96
N ILE C 284 0.51 18.85 -3.75
CA ILE C 284 1.26 20.08 -3.98
C ILE C 284 1.14 20.99 -2.76
N SER C 285 0.04 20.91 -2.00
CA SER C 285 0.00 21.60 -0.71
C SER C 285 0.98 20.99 0.28
N ILE C 286 1.09 19.65 0.27
CA ILE C 286 2.00 18.97 1.19
C ILE C 286 3.46 19.31 0.86
N THR C 287 3.85 19.26 -0.41
CA THR C 287 5.24 19.59 -0.72
C THR C 287 5.47 21.08 -0.75
N GLU C 288 4.41 21.89 -0.81
CA GLU C 288 4.54 23.33 -0.62
C GLU C 288 4.97 23.63 0.81
N ALA C 289 4.30 22.98 1.78
CA ALA C 289 4.70 23.09 3.17
C ALA C 289 6.09 22.51 3.41
N LEU C 290 6.41 21.38 2.75
CA LEU C 290 7.72 20.76 2.92
C LEU C 290 8.83 21.59 2.27
N ALA C 291 8.53 22.25 1.14
CA ALA C 291 9.47 23.09 0.43
C ALA C 291 9.61 24.46 1.05
N PHE C 292 8.76 24.80 2.01
CA PHE C 292 8.96 26.02 2.80
C PHE C 292 10.16 25.94 3.76
N PHE C 293 10.94 24.85 3.77
CA PHE C 293 12.10 24.66 4.64
C PHE C 293 13.34 25.38 4.17
N HIS C 294 13.24 26.32 3.23
CA HIS C 294 14.41 27.03 2.74
C HIS C 294 14.80 28.21 3.61
N CYS C 295 14.12 28.42 4.74
CA CYS C 295 14.55 29.38 5.74
C CYS C 295 15.19 28.73 6.95
N CYS C 296 14.86 27.48 7.24
CA CYS C 296 15.41 26.78 8.39
C CYS C 296 16.89 26.44 8.21
N LEU C 297 17.28 26.08 6.99
CA LEU C 297 18.61 25.50 6.79
C LEU C 297 19.74 26.52 6.90
N ASN C 298 19.43 27.82 6.78
CA ASN C 298 20.48 28.82 6.83
C ASN C 298 21.07 29.01 8.24
N PRO C 299 20.29 29.24 9.31
CA PRO C 299 20.94 29.32 10.63
C PRO C 299 21.38 27.97 11.17
N ILE C 300 20.81 26.87 10.69
CA ILE C 300 21.32 25.55 11.04
C ILE C 300 22.70 25.34 10.43
N LEU C 301 22.88 25.74 9.16
CA LEU C 301 24.20 25.69 8.55
C LEU C 301 25.16 26.70 9.16
N TYR C 302 24.63 27.80 9.73
CA TYR C 302 25.47 28.66 10.54
C TYR C 302 25.89 28.00 11.84
N ALA C 303 25.02 27.16 12.41
CA ALA C 303 25.35 26.48 13.67
C ALA C 303 26.43 25.43 13.46
N PHE C 304 26.37 24.70 12.36
CA PHE C 304 27.39 23.71 12.01
C PHE C 304 28.41 24.35 11.07
N LEU C 305 29.27 23.53 10.49
CA LEU C 305 30.21 24.01 9.50
C LEU C 305 30.01 23.27 8.18
N LYS D 25 -25.98 21.32 12.67
CA LYS D 25 -25.07 21.49 13.80
C LYS D 25 -25.02 20.24 14.67
N GLU D 26 -24.24 19.27 14.22
CA GLU D 26 -24.09 18.02 14.97
C GLU D 26 -23.20 18.27 16.19
N PRO D 27 -23.65 17.90 17.40
CA PRO D 27 -22.87 18.20 18.61
C PRO D 27 -21.53 17.49 18.74
N CYS D 28 -21.53 16.15 18.72
CA CYS D 28 -20.31 15.41 19.02
C CYS D 28 -19.81 14.56 17.86
N PHE D 29 -20.63 13.63 17.35
CA PHE D 29 -20.23 12.53 16.46
C PHE D 29 -18.99 11.81 17.00
N ARG D 30 -19.18 11.20 18.16
CA ARG D 30 -18.07 10.56 18.86
C ARG D 30 -17.60 9.30 18.14
N GLU D 31 -16.29 9.19 17.97
CA GLU D 31 -15.71 8.00 17.38
C GLU D 31 -15.75 6.84 18.37
N GLU D 32 -15.60 5.63 17.83
CA GLU D 32 -15.68 4.42 18.64
C GLU D 32 -14.51 3.46 18.46
N ASN D 33 -13.76 3.53 17.35
CA ASN D 33 -12.71 2.55 17.11
C ASN D 33 -11.42 2.91 17.85
N ALA D 34 -10.79 4.03 17.45
CA ALA D 34 -9.44 4.43 17.89
C ALA D 34 -8.45 3.26 17.78
N ASN D 35 -8.43 2.64 16.60
CA ASN D 35 -7.88 1.29 16.45
C ASN D 35 -6.36 1.28 16.59
N PHE D 36 -5.66 2.01 15.72
CA PHE D 36 -4.21 2.02 15.77
C PHE D 36 -3.66 2.76 16.99
N ASN D 37 -4.44 3.68 17.57
CA ASN D 37 -4.01 4.39 18.76
C ASN D 37 -3.91 3.44 19.95
N LYS D 38 -4.88 2.53 20.10
CA LYS D 38 -4.94 1.64 21.25
C LYS D 38 -3.82 0.59 21.27
N ILE D 39 -3.12 0.38 20.16
CA ILE D 39 -1.95 -0.48 20.13
C ILE D 39 -0.65 0.32 20.06
N PHE D 40 -0.64 1.47 19.38
CA PHE D 40 0.58 2.27 19.26
C PHE D 40 0.90 3.03 20.54
N LEU D 41 -0.12 3.49 21.28
CA LEU D 41 0.10 4.22 22.52
C LEU D 41 0.83 3.43 23.62
N PRO D 42 0.48 2.16 23.94
CA PRO D 42 1.24 1.47 24.99
C PRO D 42 2.64 1.09 24.57
N THR D 43 2.92 0.94 23.28
CA THR D 43 4.28 0.64 22.82
C THR D 43 5.23 1.80 23.12
N ILE D 44 4.84 3.01 22.71
CA ILE D 44 5.67 4.17 22.98
C ILE D 44 5.64 4.51 24.47
N TYR D 45 4.54 4.21 25.16
CA TYR D 45 4.48 4.39 26.62
C TYR D 45 5.48 3.48 27.33
N SER D 46 5.58 2.23 26.90
CA SER D 46 6.54 1.32 27.54
C SER D 46 7.97 1.66 27.16
N ILE D 47 8.19 2.15 25.93
CA ILE D 47 9.52 2.62 25.53
C ILE D 47 9.97 3.76 26.43
N ILE D 48 9.11 4.78 26.59
CA ILE D 48 9.49 5.94 27.37
C ILE D 48 9.55 5.61 28.85
N PHE D 49 8.73 4.66 29.32
CA PHE D 49 8.78 4.23 30.72
C PHE D 49 10.09 3.53 31.03
N LEU D 50 10.49 2.58 30.17
CA LEU D 50 11.71 1.81 30.42
C LEU D 50 12.94 2.70 30.32
N THR D 51 13.04 3.52 29.26
CA THR D 51 14.23 4.35 29.13
C THR D 51 14.25 5.46 30.19
N GLY D 52 13.07 5.91 30.65
CA GLY D 52 13.04 6.91 31.69
C GLY D 52 13.48 6.37 33.03
N ILE D 53 12.99 5.18 33.41
CA ILE D 53 13.37 4.63 34.72
C ILE D 53 14.85 4.25 34.71
N VAL D 54 15.37 3.71 33.59
CA VAL D 54 16.77 3.31 33.52
C VAL D 54 17.68 4.53 33.60
N GLY D 55 17.43 5.53 32.75
CA GLY D 55 18.30 6.69 32.70
C GLY D 55 18.20 7.57 33.93
N ASN D 56 16.99 7.79 34.43
CA ASN D 56 16.82 8.66 35.59
C ASN D 56 17.34 7.99 36.86
N GLY D 57 17.15 6.66 36.98
CA GLY D 57 17.73 5.96 38.11
C GLY D 57 19.24 5.96 38.10
N LEU D 58 19.84 5.77 36.91
CA LEU D 58 21.30 5.80 36.83
C LEU D 58 21.85 7.19 37.11
N VAL D 59 21.20 8.25 36.58
CA VAL D 59 21.75 9.59 36.76
C VAL D 59 21.54 10.08 38.19
N ILE D 60 20.44 9.67 38.85
CA ILE D 60 20.27 10.01 40.26
C ILE D 60 21.27 9.24 41.11
N LEU D 61 21.49 7.95 40.79
CA LEU D 61 22.43 7.15 41.55
C LEU D 61 23.88 7.62 41.41
N VAL D 62 24.23 8.28 40.31
CA VAL D 62 25.59 8.80 40.21
C VAL D 62 25.70 10.21 40.80
N MET D 63 24.71 11.09 40.59
CA MET D 63 24.93 12.51 40.94
C MET D 63 24.06 13.02 42.06
N GLY D 64 23.35 12.17 42.79
CA GLY D 64 22.62 12.64 43.95
C GLY D 64 23.07 11.90 45.19
N TYR D 65 23.68 10.74 44.97
CA TYR D 65 24.24 9.93 46.05
C TYR D 65 25.76 9.90 46.05
N GLN D 66 26.38 9.61 44.92
CA GLN D 66 27.84 9.59 44.82
C GLN D 66 28.44 10.98 44.63
N LYS D 67 27.63 11.97 44.28
CA LYS D 67 28.01 13.39 44.18
C LYS D 67 29.16 13.60 43.18
N LYS D 68 28.88 13.31 41.91
CA LYS D 68 29.81 13.60 40.83
C LYS D 68 29.59 14.98 40.23
N LEU D 69 28.72 15.79 40.83
CA LEU D 69 28.42 17.12 40.29
C LEU D 69 29.59 18.08 40.50
N ARG D 70 29.93 18.81 39.45
CA ARG D 70 30.97 19.83 39.49
C ARG D 70 30.45 21.19 39.04
N SER D 71 29.60 21.22 38.02
CA SER D 71 29.10 22.45 37.45
C SER D 71 27.87 22.93 38.23
N MET D 72 27.15 23.88 37.65
CA MET D 72 25.92 24.41 38.21
C MET D 72 24.67 23.99 37.43
N THR D 73 24.86 23.57 36.17
CA THR D 73 23.74 23.10 35.36
C THR D 73 23.19 21.77 35.89
N ASP D 74 24.07 20.91 36.38
CA ASP D 74 23.71 19.54 36.75
C ASP D 74 22.76 19.46 37.94
N LYS D 75 22.69 20.51 38.78
CA LYS D 75 21.72 20.53 39.87
C LYS D 75 20.30 20.61 39.33
N TYR D 76 20.06 21.54 38.39
CA TYR D 76 18.76 21.62 37.72
C TYR D 76 18.52 20.40 36.84
N ARG D 77 19.57 19.82 36.27
CA ARG D 77 19.35 18.61 35.48
C ARG D 77 18.97 17.44 36.37
N LEU D 78 19.48 17.41 37.61
CA LEU D 78 19.06 16.41 38.59
C LEU D 78 17.61 16.63 39.04
N HIS D 79 17.22 17.88 39.27
CA HIS D 79 15.84 18.13 39.70
C HIS D 79 14.85 17.84 38.57
N LEU D 80 15.24 18.16 37.33
CA LEU D 80 14.46 17.77 36.16
C LEU D 80 14.34 16.26 36.07
N SER D 81 15.44 15.54 36.37
CA SER D 81 15.39 14.09 36.32
C SER D 81 14.57 13.50 37.46
N VAL D 82 14.50 14.16 38.63
CA VAL D 82 13.69 13.57 39.69
C VAL D 82 12.19 13.80 39.42
N ALA D 83 11.81 14.95 38.85
CA ALA D 83 10.42 15.12 38.39
C ALA D 83 10.11 14.17 37.25
N ASP D 84 11.10 13.92 36.40
CA ASP D 84 11.00 12.92 35.35
C ASP D 84 10.76 11.53 35.93
N LEU D 85 11.43 11.22 37.05
CA LEU D 85 11.28 9.91 37.68
C LEU D 85 9.89 9.73 38.27
N LEU D 86 9.35 10.77 38.92
CA LEU D 86 7.96 10.67 39.36
C LEU D 86 6.97 10.60 38.20
N PHE D 87 7.35 11.07 37.01
CA PHE D 87 6.43 10.90 35.89
C PHE D 87 6.51 9.46 35.34
N VAL D 88 7.73 8.91 35.19
CA VAL D 88 7.85 7.59 34.57
C VAL D 88 7.38 6.50 35.53
N ILE D 89 7.40 6.78 36.83
CA ILE D 89 6.89 5.82 37.80
C ILE D 89 5.38 5.62 37.71
N THR D 90 4.67 6.51 37.01
CA THR D 90 3.23 6.36 36.83
C THR D 90 2.80 6.26 35.36
N LEU D 91 3.72 6.44 34.41
CA LEU D 91 3.42 6.13 33.01
C LEU D 91 2.87 4.73 32.67
N PRO D 92 3.17 3.65 33.41
CA PRO D 92 2.42 2.39 33.18
C PRO D 92 0.93 2.50 33.44
N PHE D 93 0.47 3.40 34.32
CA PHE D 93 -0.96 3.63 34.45
C PHE D 93 -1.53 4.26 33.19
N TRP D 94 -0.77 5.15 32.55
CA TRP D 94 -1.17 5.69 31.25
C TRP D 94 -1.21 4.60 30.18
N ALA D 95 -0.27 3.65 30.25
CA ALA D 95 -0.28 2.53 29.30
C ALA D 95 -1.51 1.63 29.51
N VAL D 96 -1.87 1.39 30.77
CA VAL D 96 -3.05 0.59 31.09
C VAL D 96 -4.32 1.30 30.61
N ASP D 97 -4.40 2.61 30.83
CA ASP D 97 -5.53 3.37 30.31
C ASP D 97 -5.54 3.44 28.78
N ALA D 98 -4.37 3.34 28.14
CA ALA D 98 -4.32 3.33 26.69
C ALA D 98 -4.85 2.03 26.11
N VAL D 99 -4.41 0.89 26.65
CA VAL D 99 -4.80 -0.39 26.07
C VAL D 99 -6.08 -0.95 26.69
N ALA D 100 -6.47 -0.48 27.87
CA ALA D 100 -7.60 -1.06 28.59
C ALA D 100 -8.33 0.08 29.29
N ASN D 101 -9.16 -0.25 30.26
CA ASN D 101 -9.98 0.73 30.94
C ASN D 101 -9.60 0.76 32.41
N TRP D 102 -9.98 1.86 33.07
CA TRP D 102 -9.52 2.12 34.43
C TRP D 102 -10.18 1.16 35.43
N TYR D 103 -9.35 0.42 36.15
CA TYR D 103 -9.81 -0.55 37.13
C TYR D 103 -9.36 -0.21 38.54
N PHE D 104 -8.67 0.91 38.75
CA PHE D 104 -8.01 1.18 40.01
C PHE D 104 -8.88 1.97 40.98
N GLY D 105 -9.31 3.16 40.60
CA GLY D 105 -10.15 3.98 41.45
C GLY D 105 -9.97 5.45 41.15
N ASN D 106 -10.30 6.27 42.14
CA ASN D 106 -10.28 7.72 42.01
C ASN D 106 -9.04 8.37 42.57
N PHE D 107 -8.50 7.84 43.67
CA PHE D 107 -7.32 8.44 44.30
C PHE D 107 -6.09 8.30 43.42
N LEU D 108 -5.93 7.15 42.76
CA LEU D 108 -4.82 6.96 41.84
C LEU D 108 -4.98 7.82 40.59
N CYS D 109 -6.21 8.04 40.14
CA CYS D 109 -6.46 8.95 39.02
C CYS D 109 -6.09 10.38 39.37
N LYS D 110 -6.47 10.81 40.58
CA LYS D 110 -6.07 12.11 41.10
C LYS D 110 -4.55 12.23 41.16
N ALA D 111 -3.89 11.17 41.65
CA ALA D 111 -2.44 11.18 41.84
C ALA D 111 -1.70 11.26 40.51
N VAL D 112 -2.12 10.46 39.51
CA VAL D 112 -1.45 10.50 38.23
C VAL D 112 -1.68 11.84 37.53
N HIS D 113 -2.86 12.46 37.73
CA HIS D 113 -3.09 13.76 37.11
C HIS D 113 -2.26 14.86 37.75
N VAL D 114 -2.15 14.87 39.10
CA VAL D 114 -1.38 15.95 39.73
C VAL D 114 0.10 15.77 39.41
N ILE D 115 0.59 14.52 39.40
CA ILE D 115 2.01 14.31 39.15
C ILE D 115 2.37 14.59 37.69
N TYR D 116 1.43 14.35 36.76
CA TYR D 116 1.66 14.70 35.37
C TYR D 116 1.73 16.22 35.18
N THR D 117 0.84 16.95 35.88
CA THR D 117 0.86 18.41 35.75
C THR D 117 2.09 19.04 36.39
N VAL D 118 2.55 18.52 37.55
CA VAL D 118 3.71 19.16 38.17
C VAL D 118 4.96 18.82 37.36
N ASN D 119 5.03 17.62 36.77
CA ASN D 119 6.15 17.29 35.89
C ASN D 119 6.18 18.19 34.66
N LEU D 120 5.00 18.40 34.03
CA LEU D 120 4.92 19.23 32.83
C LEU D 120 5.28 20.68 33.11
N TYR D 121 4.80 21.25 34.22
CA TYR D 121 5.11 22.64 34.51
C TYR D 121 6.53 22.80 35.03
N SER D 122 7.02 21.83 35.80
CA SER D 122 8.33 21.93 36.40
C SER D 122 9.44 21.79 35.36
N SER D 123 9.22 20.97 34.33
CA SER D 123 10.22 20.85 33.26
C SER D 123 10.39 22.17 32.51
N VAL D 124 9.29 22.83 32.18
CA VAL D 124 9.34 24.10 31.46
C VAL D 124 9.96 25.19 32.33
N LEU D 125 9.57 25.25 33.62
CA LEU D 125 10.14 26.22 34.54
C LEU D 125 11.62 25.97 34.78
N ILE D 126 12.05 24.71 34.82
CA ILE D 126 13.43 24.44 35.18
C ILE D 126 14.33 24.62 33.95
N LEU D 127 13.79 24.45 32.75
CA LEU D 127 14.54 24.83 31.57
C LEU D 127 14.65 26.35 31.45
N ALA D 128 13.63 27.08 31.90
CA ALA D 128 13.76 28.52 32.02
C ALA D 128 14.83 28.90 33.05
N PHE D 129 14.92 28.13 34.14
CA PHE D 129 15.98 28.34 35.12
C PHE D 129 17.37 28.04 34.55
N ILE D 130 17.47 27.02 33.69
CA ILE D 130 18.72 26.74 32.98
C ILE D 130 19.10 27.91 32.08
N SER D 131 18.11 28.47 31.39
CA SER D 131 18.32 29.65 30.56
C SER D 131 18.80 30.85 31.38
N LEU D 132 18.19 31.07 32.55
CA LEU D 132 18.58 32.18 33.41
C LEU D 132 19.98 31.97 34.01
N ASP D 133 20.31 30.72 34.34
CA ASP D 133 21.64 30.39 34.82
C ASP D 133 22.69 30.65 33.74
N ARG D 134 22.40 30.29 32.50
CA ARG D 134 23.32 30.63 31.41
C ARG D 134 23.41 32.13 31.19
N TYR D 135 22.30 32.85 31.42
CA TYR D 135 22.31 34.31 31.27
C TYR D 135 23.24 34.97 32.26
N LEU D 136 23.11 34.63 33.56
CA LEU D 136 24.06 35.16 34.52
C LEU D 136 25.43 34.53 34.44
N ALA D 137 25.57 33.37 33.78
CA ALA D 137 26.88 32.75 33.63
C ALA D 137 27.72 33.48 32.57
N ILE D 138 27.09 33.87 31.46
CA ILE D 138 27.82 34.48 30.36
C ILE D 138 27.81 35.99 30.45
N VAL D 139 26.67 36.60 30.73
CA VAL D 139 26.56 38.06 30.71
C VAL D 139 27.22 38.66 31.96
N HIS D 140 26.74 38.29 33.13
CA HIS D 140 27.29 38.79 34.39
C HIS D 140 28.30 37.81 34.97
N ALA D 141 29.39 37.64 34.24
CA ALA D 141 30.40 36.65 34.60
C ALA D 141 31.40 37.15 35.63
N THR D 142 31.40 38.45 35.95
CA THR D 142 32.40 39.01 36.84
C THR D 142 31.86 39.47 38.19
N ASN D 143 30.61 39.90 38.25
CA ASN D 143 30.04 40.42 39.49
C ASN D 143 28.96 39.52 40.08
N SER D 144 28.48 38.52 39.36
CA SER D 144 27.43 37.63 39.84
C SER D 144 28.07 36.26 40.07
N GLN D 145 28.52 36.04 41.30
CA GLN D 145 28.93 34.72 41.75
C GLN D 145 28.26 34.32 43.06
N ARG D 146 28.07 35.27 43.97
CA ARG D 146 27.26 34.98 45.16
C ARG D 146 25.76 34.87 44.91
N PRO D 147 25.08 35.70 44.08
CA PRO D 147 23.69 35.36 43.74
C PRO D 147 23.58 34.15 42.84
N ARG D 148 24.66 33.77 42.15
CA ARG D 148 24.69 32.49 41.44
C ARG D 148 24.56 31.33 42.40
N LYS D 149 25.31 31.37 43.51
CA LYS D 149 25.17 30.35 44.56
C LYS D 149 23.81 30.43 45.22
N LEU D 150 23.28 31.65 45.42
CA LEU D 150 21.96 31.83 46.02
C LEU D 150 20.87 31.21 45.16
N LEU D 151 20.92 31.45 43.84
CA LEU D 151 19.98 30.88 42.90
C LEU D 151 20.18 29.37 42.73
N ALA D 152 21.41 28.89 42.88
CA ALA D 152 21.64 27.45 42.81
C ALA D 152 21.09 26.72 44.02
N GLU D 153 21.18 27.31 45.21
CA GLU D 153 20.80 26.62 46.44
C GLU D 153 19.37 26.92 46.88
N LYS D 154 19.05 28.18 47.18
CA LYS D 154 17.89 28.46 48.02
C LYS D 154 16.62 28.73 47.23
N VAL D 155 16.63 29.76 46.38
CA VAL D 155 15.40 30.28 45.80
C VAL D 155 14.92 29.43 44.62
N VAL D 156 15.71 28.43 44.22
CA VAL D 156 15.33 27.56 43.09
C VAL D 156 14.08 26.74 43.42
N TYR D 157 13.95 26.26 44.67
CA TYR D 157 12.79 25.47 45.07
C TYR D 157 11.52 26.30 45.03
N VAL D 158 11.60 27.53 45.54
CA VAL D 158 10.48 28.48 45.48
C VAL D 158 10.18 28.83 44.02
N GLY D 159 11.21 28.89 43.18
CA GLY D 159 11.02 29.26 41.80
C GLY D 159 10.28 28.22 40.97
N VAL D 160 10.61 26.94 41.14
CA VAL D 160 10.04 25.91 40.27
C VAL D 160 8.89 25.16 40.95
N TRP D 161 9.05 24.71 42.20
CA TRP D 161 8.10 23.74 42.73
C TRP D 161 6.84 24.41 43.26
N ILE D 162 6.99 25.53 43.98
CA ILE D 162 5.82 26.17 44.61
C ILE D 162 4.77 26.67 43.62
N PRO D 163 5.10 27.32 42.49
CA PRO D 163 4.04 27.62 41.50
C PRO D 163 3.41 26.39 40.87
N ALA D 164 4.13 25.26 40.78
CA ALA D 164 3.54 24.05 40.24
C ALA D 164 2.47 23.48 41.17
N LEU D 165 2.76 23.42 42.48
CA LEU D 165 1.75 22.99 43.43
C LEU D 165 0.63 24.01 43.58
N LEU D 166 0.92 25.30 43.41
CA LEU D 166 -0.16 26.28 43.42
C LEU D 166 -1.00 26.25 42.15
N LEU D 167 -0.45 25.74 41.04
CA LEU D 167 -1.18 25.64 39.79
C LEU D 167 -1.95 24.34 39.63
N THR D 168 -1.54 23.28 40.33
CA THR D 168 -2.24 22.00 40.23
C THR D 168 -3.41 21.88 41.20
N ILE D 169 -3.70 22.93 41.97
CA ILE D 169 -4.89 22.91 42.84
C ILE D 169 -6.20 22.79 42.06
N PRO D 170 -6.45 23.52 40.94
CA PRO D 170 -7.64 23.18 40.14
C PRO D 170 -7.61 21.78 39.56
N ASP D 171 -6.44 21.24 39.26
CA ASP D 171 -6.35 19.82 38.91
C ASP D 171 -6.70 18.99 40.13
N PHE D 172 -6.24 19.41 41.32
CA PHE D 172 -6.43 18.63 42.54
C PHE D 172 -7.90 18.54 42.94
N ILE D 173 -8.71 19.52 42.57
CA ILE D 173 -10.15 19.37 42.79
C ILE D 173 -10.84 18.74 41.58
N PHE D 174 -10.42 19.09 40.37
CA PHE D 174 -11.14 18.69 39.16
C PHE D 174 -10.79 17.29 38.67
N ALA D 175 -9.82 16.62 39.27
CA ALA D 175 -9.48 15.25 38.85
C ALA D 175 -10.51 14.29 39.42
N ASN D 176 -11.48 13.92 38.60
CA ASN D 176 -12.40 12.85 38.96
C ASN D 176 -12.53 11.93 37.76
N VAL D 177 -12.87 10.67 38.03
CA VAL D 177 -13.20 9.71 36.99
C VAL D 177 -14.71 9.50 37.01
N SER D 178 -15.35 9.73 35.88
CA SER D 178 -16.79 9.55 35.80
C SER D 178 -17.14 8.10 35.50
N GLU D 179 -18.30 7.69 35.97
CA GLU D 179 -18.75 6.32 35.73
C GLU D 179 -19.34 6.21 34.32
N ALA D 180 -18.46 6.15 33.32
CA ALA D 180 -18.87 5.91 31.95
C ALA D 180 -19.39 4.48 31.81
N ASP D 181 -20.14 4.24 30.72
CA ASP D 181 -20.89 3.02 30.48
C ASP D 181 -20.06 1.74 30.59
N ASP D 182 -18.94 1.69 29.90
CA ASP D 182 -17.96 0.63 30.12
C ASP D 182 -16.51 1.10 30.19
N ARG D 183 -16.24 2.40 30.04
CA ARG D 183 -14.86 2.82 29.80
C ARG D 183 -14.21 3.47 31.02
N TYR D 184 -14.96 4.31 31.75
CA TYR D 184 -14.48 5.06 32.93
C TYR D 184 -13.24 5.88 32.60
N ILE D 185 -13.39 6.86 31.71
CA ILE D 185 -12.25 7.62 31.20
C ILE D 185 -11.79 8.58 32.29
N CYS D 186 -10.54 8.42 32.73
CA CYS D 186 -9.90 9.41 33.59
C CYS D 186 -9.61 10.67 32.79
N ASP D 187 -10.36 11.74 33.06
CA ASP D 187 -10.23 12.96 32.31
C ASP D 187 -10.61 14.07 33.28
N ARG D 188 -10.13 15.28 33.00
CA ARG D 188 -10.47 16.44 33.79
C ARG D 188 -11.89 16.86 33.40
N PHE D 189 -12.86 16.54 34.25
CA PHE D 189 -14.25 16.84 33.96
C PHE D 189 -14.61 18.22 34.50
N TYR D 190 -15.39 18.95 33.71
CA TYR D 190 -15.68 20.36 33.97
C TYR D 190 -17.18 20.58 33.99
N PRO D 191 -17.66 21.58 34.75
CA PRO D 191 -19.08 21.93 34.69
C PRO D 191 -19.52 22.49 33.36
N ASN D 192 -18.64 23.18 32.64
CA ASN D 192 -19.01 23.77 31.35
C ASN D 192 -17.80 23.75 30.44
N ASP D 193 -17.84 24.53 29.37
CA ASP D 193 -16.87 24.45 28.29
C ASP D 193 -15.97 25.68 28.21
N LEU D 194 -16.47 26.84 28.67
CA LEU D 194 -15.64 28.04 28.72
C LEU D 194 -14.47 27.88 29.69
N TRP D 195 -14.69 27.15 30.79
CA TRP D 195 -13.61 26.81 31.70
C TRP D 195 -12.59 25.90 31.04
N VAL D 196 -13.04 24.96 30.20
CA VAL D 196 -12.13 24.10 29.44
C VAL D 196 -11.27 24.92 28.50
N VAL D 197 -11.90 25.87 27.80
CA VAL D 197 -11.18 26.70 26.83
C VAL D 197 -10.16 27.61 27.53
N VAL D 198 -10.57 28.23 28.64
CA VAL D 198 -9.65 29.15 29.33
C VAL D 198 -8.53 28.38 30.05
N PHE D 199 -8.79 27.15 30.50
CA PHE D 199 -7.72 26.39 31.13
C PHE D 199 -6.74 25.83 30.10
N GLN D 200 -7.26 25.45 28.92
CA GLN D 200 -6.40 25.07 27.81
C GLN D 200 -5.54 26.25 27.36
N PHE D 201 -6.11 27.45 27.33
CA PHE D 201 -5.36 28.60 26.86
C PHE D 201 -4.35 29.08 27.91
N GLN D 202 -4.66 28.95 29.20
CA GLN D 202 -3.66 29.27 30.20
C GLN D 202 -2.56 28.22 30.25
N HIS D 203 -2.90 26.96 29.94
CA HIS D 203 -1.88 25.93 29.77
C HIS D 203 -0.96 26.26 28.61
N ILE D 204 -1.53 26.79 27.52
CA ILE D 204 -0.73 27.24 26.38
C ILE D 204 0.15 28.42 26.77
N MET D 205 -0.39 29.36 27.56
CA MET D 205 0.38 30.51 28.03
C MET D 205 1.58 30.11 28.87
N VAL D 206 1.35 29.28 29.90
CA VAL D 206 2.46 28.86 30.77
C VAL D 206 3.42 27.94 30.03
N GLY D 207 2.93 27.15 29.07
CA GLY D 207 3.82 26.31 28.28
C GLY D 207 4.73 27.09 27.36
N LEU D 208 4.23 28.14 26.71
CA LEU D 208 4.99 28.79 25.65
C LEU D 208 5.33 30.24 25.93
N ILE D 209 4.34 31.06 26.28
CA ILE D 209 4.37 32.48 25.93
C ILE D 209 5.38 33.24 26.78
N LEU D 210 5.28 33.14 28.11
CA LEU D 210 6.33 33.71 28.95
C LEU D 210 7.66 32.94 28.90
N PRO D 211 7.73 31.61 29.13
CA PRO D 211 9.07 31.00 29.25
C PRO D 211 9.80 30.87 27.93
N GLY D 212 9.10 30.72 26.81
CA GLY D 212 9.76 30.72 25.51
C GLY D 212 10.36 32.07 25.18
N ILE D 213 9.64 33.15 25.53
CA ILE D 213 10.17 34.50 25.34
C ILE D 213 11.40 34.71 26.22
N VAL D 214 11.35 34.21 27.47
CA VAL D 214 12.50 34.34 28.37
C VAL D 214 13.71 33.59 27.83
N ILE D 215 13.50 32.36 27.36
CA ILE D 215 14.59 31.52 26.88
C ILE D 215 15.21 32.10 25.61
N LEU D 216 14.37 32.47 24.64
CA LEU D 216 14.87 32.98 23.37
C LEU D 216 15.52 34.35 23.53
N SER D 217 14.95 35.21 24.38
CA SER D 217 15.55 36.52 24.62
C SER D 217 16.89 36.39 25.33
N CYS D 218 16.99 35.51 26.35
CA CYS D 218 18.25 35.37 27.07
C CYS D 218 19.32 34.79 26.18
N TYR D 219 18.98 33.77 25.38
CA TYR D 219 19.96 33.20 24.45
C TYR D 219 20.34 34.19 23.35
N CYS D 220 19.43 35.11 23.00
CA CYS D 220 19.79 36.20 22.10
C CYS D 220 20.84 37.10 22.73
N ILE D 221 20.71 37.41 24.03
CA ILE D 221 21.76 38.18 24.69
C ILE D 221 23.08 37.40 24.79
N ILE D 222 23.01 36.08 24.99
CA ILE D 222 24.24 35.27 25.06
C ILE D 222 24.97 35.28 23.72
N ILE D 223 24.25 35.11 22.63
CA ILE D 223 24.89 35.11 21.32
C ILE D 223 25.36 36.52 20.95
N SER D 224 24.61 37.55 21.37
CA SER D 224 25.00 38.94 21.08
C SER D 224 26.26 39.34 21.83
N LYS D 225 26.39 38.93 23.09
CA LYS D 225 27.61 39.22 23.83
C LYS D 225 28.72 38.23 23.56
N LEU D 226 28.42 37.10 22.92
CA LEU D 226 29.43 36.12 22.57
C LEU D 226 30.27 36.56 21.38
N SER D 227 29.72 37.42 20.51
CA SER D 227 30.46 37.93 19.36
C SER D 227 31.57 38.89 19.78
N HIS D 228 31.50 39.47 20.98
CA HIS D 228 32.58 40.29 21.48
C HIS D 228 33.82 39.48 21.84
N SER D 229 33.66 38.18 22.09
CA SER D 229 34.81 37.32 22.33
C SER D 229 35.57 37.09 21.03
N LYS D 230 36.90 37.11 21.13
CA LYS D 230 37.77 36.88 19.97
C LYS D 230 38.06 35.39 19.80
N GLY D 231 37.01 34.65 19.45
CA GLY D 231 37.11 33.21 19.28
C GLY D 231 37.38 32.46 20.57
N HIS D 232 36.76 32.87 21.68
CA HIS D 232 37.01 32.24 22.96
C HIS D 232 36.33 30.88 23.04
N GLN D 233 36.88 30.01 23.88
CA GLN D 233 36.38 28.65 24.07
C GLN D 233 35.43 28.54 25.26
N LYS D 234 34.73 29.62 25.60
CA LYS D 234 33.77 29.60 26.69
C LYS D 234 32.39 29.12 26.26
N ARG D 235 32.19 28.89 24.97
CA ARG D 235 30.90 28.45 24.43
C ARG D 235 30.87 26.95 24.14
N LYS D 236 31.84 26.19 24.64
CA LYS D 236 31.89 24.76 24.34
C LYS D 236 30.83 23.99 25.12
N ALA D 237 30.65 24.31 26.40
CA ALA D 237 29.68 23.62 27.25
C ALA D 237 28.29 24.22 27.18
N LEU D 238 28.05 25.14 26.25
CA LEU D 238 26.76 25.81 26.13
C LEU D 238 25.89 25.13 25.08
N LYS D 239 26.54 24.45 24.12
CA LYS D 239 25.84 23.78 23.03
C LYS D 239 24.97 22.63 23.53
N THR D 240 25.37 21.98 24.63
CA THR D 240 24.53 20.93 25.20
C THR D 240 23.24 21.50 25.79
N THR D 241 23.31 22.71 26.37
CA THR D 241 22.11 23.35 26.87
C THR D 241 21.20 23.79 25.72
N VAL D 242 21.79 24.30 24.64
CA VAL D 242 20.98 24.68 23.47
C VAL D 242 20.31 23.47 22.85
N ILE D 243 21.03 22.35 22.72
CA ILE D 243 20.41 21.18 22.10
C ILE D 243 19.39 20.55 23.05
N LEU D 244 19.55 20.75 24.37
CA LEU D 244 18.53 20.31 25.32
C LEU D 244 17.24 21.10 25.13
N ILE D 245 17.35 22.44 25.05
CA ILE D 245 16.18 23.30 24.89
C ILE D 245 15.49 23.02 23.55
N LEU D 246 16.28 22.91 22.48
CA LEU D 246 15.73 22.68 21.15
C LEU D 246 15.06 21.32 21.04
N ALA D 247 15.66 20.29 21.65
CA ALA D 247 15.04 18.97 21.63
C ALA D 247 13.74 18.93 22.41
N PHE D 248 13.71 19.58 23.59
CA PHE D 248 12.50 19.61 24.41
C PHE D 248 11.37 20.32 23.68
N PHE D 249 11.66 21.48 23.07
CA PHE D 249 10.59 22.19 22.37
C PHE D 249 10.22 21.49 21.07
N ALA D 250 11.16 20.77 20.45
CA ALA D 250 10.86 20.04 19.22
C ALA D 250 9.90 18.88 19.47
N CYS D 251 10.05 18.17 20.59
CA CYS D 251 9.01 17.19 20.91
C CYS D 251 7.72 17.85 21.38
N TRP D 252 7.80 18.91 22.19
CA TRP D 252 6.59 19.41 22.83
C TRP D 252 5.71 20.26 21.93
N LEU D 253 6.24 20.85 20.86
CA LEU D 253 5.45 21.83 20.12
C LEU D 253 4.32 21.27 19.23
N PRO D 254 4.41 20.08 18.59
CA PRO D 254 3.20 19.54 17.94
C PRO D 254 2.03 19.28 18.87
N TYR D 255 2.28 18.83 20.10
CA TYR D 255 1.17 18.67 21.05
C TYR D 255 0.59 20.01 21.46
N TYR D 256 1.46 21.03 21.60
CA TYR D 256 1.01 22.35 21.99
C TYR D 256 0.19 23.01 20.89
N ILE D 257 0.60 22.85 19.63
CA ILE D 257 -0.21 23.40 18.55
C ILE D 257 -1.48 22.56 18.36
N GLY D 258 -1.45 21.28 18.76
CA GLY D 258 -2.67 20.49 18.73
C GLY D 258 -3.71 20.96 19.74
N ILE D 259 -3.29 21.25 20.97
CA ILE D 259 -4.27 21.71 21.96
C ILE D 259 -4.69 23.14 21.67
N SER D 260 -3.79 23.97 21.11
CA SER D 260 -4.16 25.30 20.69
C SER D 260 -5.18 25.27 19.56
N ILE D 261 -5.02 24.34 18.61
CA ILE D 261 -5.97 24.20 17.53
C ILE D 261 -7.30 23.63 18.02
N ASP D 262 -7.27 22.74 19.02
CA ASP D 262 -8.49 22.26 19.66
C ASP D 262 -9.23 23.40 20.36
N SER D 263 -8.50 24.29 21.03
CA SER D 263 -9.12 25.47 21.60
C SER D 263 -9.66 26.42 20.54
N PHE D 264 -9.02 26.44 19.36
CA PHE D 264 -9.49 27.31 18.28
C PHE D 264 -10.77 26.78 17.64
N ILE D 265 -10.90 25.45 17.46
CA ILE D 265 -12.15 24.94 16.91
C ILE D 265 -13.23 25.01 17.99
N LEU D 266 -12.84 24.90 19.26
CA LEU D 266 -13.74 25.25 20.35
C LEU D 266 -13.96 26.76 20.40
N LEU D 267 -14.90 27.17 21.26
CA LEU D 267 -15.40 28.55 21.41
C LEU D 267 -16.12 29.04 20.14
N GLU D 268 -16.48 28.10 19.25
CA GLU D 268 -17.25 28.32 18.02
C GLU D 268 -16.60 29.35 17.11
N ILE D 269 -15.36 29.03 16.69
CA ILE D 269 -14.66 29.78 15.66
C ILE D 269 -14.55 28.97 14.37
N ILE D 270 -14.16 27.70 14.49
CA ILE D 270 -14.25 26.73 13.40
C ILE D 270 -15.34 25.74 13.76
N LYS D 271 -16.30 25.55 12.85
CA LYS D 271 -17.50 24.79 13.16
C LYS D 271 -17.76 23.60 12.26
N GLN D 272 -17.22 23.59 11.03
CA GLN D 272 -17.61 22.57 10.06
C GLN D 272 -16.97 21.21 10.31
N GLY D 273 -15.82 21.15 10.97
CA GLY D 273 -15.05 19.93 11.05
C GLY D 273 -15.24 19.04 12.26
N CYS D 274 -16.38 18.35 12.40
CA CYS D 274 -16.51 17.41 13.50
C CYS D 274 -15.70 16.15 13.25
N GLU D 275 -15.63 15.71 12.00
CA GLU D 275 -14.66 14.66 11.64
C GLU D 275 -13.23 15.20 11.77
N PHE D 276 -13.05 16.48 11.44
CA PHE D 276 -11.77 17.13 11.68
C PHE D 276 -11.51 17.30 13.17
N GLU D 277 -12.56 17.42 13.99
CA GLU D 277 -12.39 17.41 15.44
C GLU D 277 -11.93 16.04 15.93
N ASN D 278 -12.46 14.97 15.33
CA ASN D 278 -11.97 13.62 15.66
C ASN D 278 -10.52 13.44 15.23
N THR D 279 -10.15 14.01 14.07
CA THR D 279 -8.76 13.99 13.62
C THR D 279 -7.86 14.79 14.57
N VAL D 280 -8.38 15.91 15.09
CA VAL D 280 -7.64 16.72 16.06
C VAL D 280 -7.41 15.94 17.34
N HIS D 281 -8.43 15.20 17.81
CA HIS D 281 -8.29 14.39 19.02
C HIS D 281 -7.29 13.26 18.82
N LYS D 282 -7.32 12.60 17.65
CA LYS D 282 -6.36 11.54 17.35
C LYS D 282 -4.94 12.10 17.26
N TRP D 283 -4.77 13.26 16.63
CA TRP D 283 -3.48 13.92 16.56
C TRP D 283 -2.98 14.35 17.93
N ILE D 284 -3.89 14.81 18.79
CA ILE D 284 -3.53 15.24 20.13
C ILE D 284 -3.05 14.07 20.95
N SER D 285 -3.72 12.91 20.84
CA SER D 285 -3.26 11.72 21.55
C SER D 285 -1.92 11.22 21.02
N ILE D 286 -1.75 11.18 19.69
CA ILE D 286 -0.54 10.59 19.10
C ILE D 286 0.67 11.47 19.39
N THR D 287 0.56 12.78 19.19
CA THR D 287 1.69 13.62 19.53
C THR D 287 1.77 13.98 21.01
N GLU D 288 0.77 13.65 21.83
CA GLU D 288 1.00 13.63 23.27
C GLU D 288 1.92 12.49 23.64
N ALA D 289 1.69 11.32 23.05
CA ALA D 289 2.60 10.19 23.24
C ALA D 289 3.99 10.49 22.69
N LEU D 290 4.06 11.19 21.55
CA LEU D 290 5.37 11.55 21.00
C LEU D 290 6.04 12.66 21.79
N ALA D 291 5.28 13.57 22.39
CA ALA D 291 5.82 14.65 23.20
C ALA D 291 6.17 14.20 24.60
N PHE D 292 5.73 13.00 25.00
CA PHE D 292 6.23 12.42 26.24
C PHE D 292 7.68 11.95 26.13
N PHE D 293 8.28 11.97 24.94
CA PHE D 293 9.70 11.66 24.75
C PHE D 293 10.64 12.75 25.29
N HIS D 294 10.17 13.80 25.97
CA HIS D 294 11.08 14.68 26.69
C HIS D 294 11.68 14.01 27.91
N CYS D 295 11.10 12.90 28.37
CA CYS D 295 11.76 12.09 29.40
C CYS D 295 12.99 11.39 28.86
N CYS D 296 12.99 11.08 27.56
CA CYS D 296 14.08 10.31 26.97
C CYS D 296 15.36 11.13 26.88
N LEU D 297 15.24 12.43 26.60
CA LEU D 297 16.37 13.20 26.08
C LEU D 297 17.44 13.53 27.12
N ASN D 298 17.07 13.72 28.39
CA ASN D 298 18.08 14.04 29.40
C ASN D 298 19.08 12.91 29.66
N PRO D 299 18.68 11.63 29.81
CA PRO D 299 19.72 10.59 29.97
C PRO D 299 20.59 10.36 28.74
N ILE D 300 20.06 10.42 27.52
CA ILE D 300 20.94 10.19 26.38
C ILE D 300 21.80 11.42 26.12
N LEU D 301 21.31 12.61 26.49
CA LEU D 301 22.15 13.80 26.43
C LEU D 301 23.25 13.75 27.48
N TYR D 302 23.02 13.09 28.60
CA TYR D 302 24.16 12.88 29.49
C TYR D 302 25.07 11.76 29.00
N ALA D 303 24.52 10.78 28.26
CA ALA D 303 25.34 9.73 27.69
C ALA D 303 26.27 10.28 26.61
N PHE D 304 25.80 11.26 25.85
CA PHE D 304 26.64 12.01 24.95
C PHE D 304 27.17 13.24 25.68
N LEU D 305 27.76 14.18 24.96
CA LEU D 305 28.22 15.42 25.56
C LEU D 305 28.13 16.57 24.57
N PRO E 11 -72.00 -21.87 -49.62
CA PRO E 11 -71.61 -22.90 -50.59
C PRO E 11 -71.51 -24.28 -49.95
N ALA E 12 -71.21 -25.29 -50.77
CA ALA E 12 -71.05 -26.67 -50.29
C ALA E 12 -69.57 -27.02 -50.26
N TRP E 13 -69.11 -27.51 -49.12
CA TRP E 13 -67.71 -27.84 -48.92
C TRP E 13 -67.58 -29.27 -48.40
N ARG E 14 -66.46 -29.90 -48.75
CA ARG E 14 -66.16 -31.25 -48.30
C ARG E 14 -64.72 -31.32 -47.84
N ASN E 15 -64.44 -32.28 -46.95
CA ASN E 15 -63.08 -32.46 -46.45
C ASN E 15 -62.21 -33.13 -47.50
N ALA E 16 -60.98 -32.65 -47.62
CA ALA E 16 -60.03 -33.15 -48.61
C ALA E 16 -58.67 -33.38 -47.96
N SER E 17 -57.89 -34.27 -48.55
CA SER E 17 -56.56 -34.61 -48.07
C SER E 17 -55.45 -34.09 -48.97
N ILE E 18 -55.75 -33.11 -49.81
CA ILE E 18 -54.74 -32.54 -50.71
C ILE E 18 -53.81 -31.64 -49.91
N PRO E 19 -52.50 -31.86 -49.97
CA PRO E 19 -51.57 -30.99 -49.25
C PRO E 19 -51.52 -29.59 -49.84
N LEU E 20 -51.21 -28.62 -48.98
CA LEU E 20 -51.18 -27.22 -49.35
C LEU E 20 -49.77 -26.77 -49.68
N PHE E 21 -49.63 -25.49 -50.01
CA PHE E 21 -48.34 -24.85 -50.21
C PHE E 21 -48.13 -23.81 -49.12
N CYS E 22 -46.90 -23.73 -48.62
CA CYS E 22 -46.59 -22.84 -47.52
C CYS E 22 -46.09 -21.49 -48.03
N ALA E 23 -46.36 -20.45 -47.25
CA ALA E 23 -45.86 -19.11 -47.52
C ALA E 23 -45.10 -18.63 -46.29
N THR E 24 -43.91 -18.10 -46.51
CA THR E 24 -43.05 -17.67 -45.42
C THR E 24 -42.42 -16.31 -45.72
N LYS E 25 -41.93 -15.67 -44.67
CA LYS E 25 -41.20 -14.42 -44.78
C LYS E 25 -39.69 -14.61 -44.71
N ASN E 26 -39.22 -15.68 -44.09
CA ASN E 26 -37.80 -15.95 -44.02
C ASN E 26 -37.26 -16.39 -45.36
N ARG E 27 -36.08 -15.92 -45.72
CA ARG E 27 -35.45 -16.17 -47.01
C ARG E 27 -34.24 -17.09 -46.87
N ASP E 28 -34.33 -18.11 -46.02
CA ASP E 28 -33.28 -19.10 -45.88
C ASP E 28 -33.38 -20.14 -47.00
N THR E 29 -32.62 -21.22 -46.88
CA THR E 29 -32.63 -22.24 -47.93
C THR E 29 -33.94 -23.02 -47.96
N TRP E 30 -34.39 -23.50 -46.81
CA TRP E 30 -35.62 -24.29 -46.75
C TRP E 30 -36.85 -23.43 -47.00
N GLY E 31 -36.84 -22.19 -46.50
CA GLY E 31 -37.97 -21.30 -46.69
C GLY E 31 -38.16 -20.89 -48.13
N THR E 32 -37.06 -20.65 -48.85
CA THR E 32 -37.17 -20.32 -50.27
C THR E 32 -37.46 -21.54 -51.12
N ILE E 33 -36.86 -22.69 -50.80
CA ILE E 33 -36.99 -23.87 -51.64
C ILE E 33 -38.37 -24.49 -51.47
N GLN E 34 -38.81 -24.69 -50.23
CA GLN E 34 -40.05 -25.42 -49.98
C GLN E 34 -41.29 -24.55 -49.92
N CYS E 35 -41.14 -23.24 -49.69
CA CYS E 35 -42.27 -22.36 -49.47
C CYS E 35 -42.15 -21.13 -50.38
N LEU E 36 -43.30 -20.51 -50.62
CA LEU E 36 -43.38 -19.28 -51.37
C LEU E 36 -43.12 -18.08 -50.47
N PRO E 37 -42.75 -16.92 -51.04
CA PRO E 37 -42.75 -15.69 -50.24
C PRO E 37 -44.16 -15.31 -49.80
N ASP E 38 -44.24 -14.69 -48.62
CA ASP E 38 -45.52 -14.34 -48.02
C ASP E 38 -45.82 -12.87 -48.26
N ASN E 39 -47.06 -12.58 -48.68
CA ASN E 39 -47.51 -11.23 -48.92
C ASN E 39 -48.44 -10.71 -47.83
N ASP E 40 -48.56 -11.45 -46.71
CA ASP E 40 -49.38 -11.10 -45.54
C ASP E 40 -50.85 -10.90 -45.91
N ASP E 41 -51.36 -11.76 -46.80
CA ASP E 41 -52.76 -11.69 -47.24
C ASP E 41 -53.64 -12.54 -46.30
N TYR E 42 -53.85 -11.98 -45.11
CA TYR E 42 -54.66 -12.62 -44.07
C TYR E 42 -56.09 -12.07 -44.16
N GLN E 43 -56.92 -12.74 -44.95
CA GLN E 43 -58.33 -12.38 -45.11
C GLN E 43 -59.18 -13.38 -44.35
N GLU E 44 -60.08 -12.88 -43.51
CA GLU E 44 -60.95 -13.71 -42.70
C GLU E 44 -62.39 -13.29 -42.91
N ILE E 45 -63.24 -14.26 -43.26
CA ILE E 45 -64.67 -14.03 -43.47
C ILE E 45 -65.43 -14.89 -42.47
N ALA E 46 -66.25 -14.26 -41.64
CA ALA E 46 -67.07 -14.98 -40.67
C ALA E 46 -68.28 -15.60 -41.35
N LEU E 47 -68.55 -16.86 -41.01
CA LEU E 47 -69.67 -17.60 -41.59
C LEU E 47 -70.59 -18.11 -40.48
N ASN E 48 -71.89 -18.04 -40.73
CA ASN E 48 -72.89 -18.48 -39.76
C ASN E 48 -73.30 -19.93 -40.02
N VAL E 49 -72.30 -20.81 -39.94
CA VAL E 49 -72.49 -22.24 -40.13
C VAL E 49 -71.84 -22.98 -38.96
N THR E 50 -72.21 -24.25 -38.82
CA THR E 50 -71.67 -25.11 -37.77
C THR E 50 -70.88 -26.24 -38.42
N GLU E 51 -69.62 -26.38 -37.99
CA GLU E 51 -68.74 -27.41 -38.52
C GLU E 51 -67.97 -28.06 -37.38
N ALA E 52 -67.53 -29.30 -37.61
CA ALA E 52 -66.78 -30.06 -36.62
C ALA E 52 -65.29 -29.85 -36.84
N PHE E 53 -64.58 -29.57 -35.75
CA PHE E 53 -63.15 -29.28 -35.79
C PHE E 53 -62.42 -30.16 -34.79
N ASP E 54 -61.35 -30.81 -35.24
CA ASP E 54 -60.51 -31.64 -34.38
C ASP E 54 -59.07 -31.18 -34.53
N ALA E 55 -58.40 -30.96 -33.40
CA ALA E 55 -57.01 -30.53 -33.42
C ALA E 55 -56.07 -31.68 -33.76
N TRP E 56 -56.45 -32.91 -33.46
CA TRP E 56 -55.62 -34.08 -33.66
C TRP E 56 -55.94 -34.83 -34.95
N ASN E 57 -57.21 -34.88 -35.35
CA ASN E 57 -57.59 -35.48 -36.62
C ASN E 57 -57.70 -34.40 -37.71
N ASN E 58 -56.59 -33.70 -37.91
CA ASN E 58 -56.52 -32.60 -38.86
C ASN E 58 -55.34 -32.84 -39.80
N THR E 59 -55.58 -32.71 -41.10
CA THR E 59 -54.53 -32.93 -42.09
C THR E 59 -53.52 -31.78 -42.11
N VAL E 60 -53.97 -30.56 -41.80
CA VAL E 60 -53.08 -29.41 -41.78
C VAL E 60 -52.07 -29.51 -40.63
N THR E 61 -52.49 -30.07 -39.49
CA THR E 61 -51.57 -30.27 -38.37
C THR E 61 -50.50 -31.30 -38.72
N GLU E 62 -50.89 -32.39 -39.38
CA GLU E 62 -49.93 -33.41 -39.80
C GLU E 62 -48.98 -32.87 -40.87
N GLN E 63 -49.50 -32.05 -41.80
CA GLN E 63 -48.65 -31.43 -42.81
C GLN E 63 -47.66 -30.44 -42.19
N ALA E 64 -48.10 -29.68 -41.18
CA ALA E 64 -47.20 -28.76 -40.48
C ALA E 64 -46.14 -29.53 -39.68
N VAL E 65 -46.52 -30.64 -39.06
CA VAL E 65 -45.56 -31.47 -38.32
C VAL E 65 -44.53 -32.06 -39.26
N GLU E 66 -44.97 -32.54 -40.44
CA GLU E 66 -44.04 -33.10 -41.43
C GLU E 66 -43.12 -32.03 -41.99
N ASP E 67 -43.63 -30.82 -42.24
CA ASP E 67 -42.78 -29.74 -42.74
C ASP E 67 -41.78 -29.26 -41.68
N VAL E 68 -42.20 -29.23 -40.41
CA VAL E 68 -41.31 -28.87 -39.32
C VAL E 68 -40.20 -29.91 -39.16
N TRP E 69 -40.56 -31.20 -39.27
CA TRP E 69 -39.57 -32.26 -39.20
C TRP E 69 -38.61 -32.22 -40.38
N ASN E 70 -39.11 -31.91 -41.58
CA ASN E 70 -38.24 -31.77 -42.74
C ASN E 70 -37.29 -30.59 -42.59
N LEU E 71 -37.77 -29.46 -42.05
CA LEU E 71 -36.91 -28.32 -41.78
C LEU E 71 -35.86 -28.63 -40.72
N PHE E 72 -36.25 -29.36 -39.67
CA PHE E 72 -35.33 -29.75 -38.62
C PHE E 72 -34.26 -30.73 -39.14
N GLU E 73 -34.65 -31.61 -40.06
CA GLU E 73 -33.67 -32.52 -40.64
C GLU E 73 -32.73 -31.81 -41.60
N THR E 74 -33.26 -30.92 -42.45
CA THR E 74 -32.45 -30.31 -43.49
C THR E 74 -31.55 -29.19 -42.97
N SER E 75 -32.03 -28.41 -42.00
CA SER E 75 -31.29 -27.23 -41.57
C SER E 75 -30.11 -27.59 -40.67
N ILE E 76 -30.39 -28.19 -39.52
CA ILE E 76 -29.34 -28.62 -38.59
C ILE E 76 -29.07 -30.08 -38.90
N LYS E 77 -28.09 -30.32 -39.75
CA LYS E 77 -27.78 -31.68 -40.18
C LYS E 77 -26.99 -32.40 -39.10
N PRO E 78 -27.48 -33.52 -38.58
CA PRO E 78 -26.69 -34.30 -37.63
C PRO E 78 -25.59 -35.08 -38.32
N CYS E 79 -24.55 -35.40 -37.54
CA CYS E 79 -23.43 -36.15 -38.09
C CYS E 79 -23.80 -37.62 -38.32
N VAL E 80 -24.55 -38.22 -37.41
CA VAL E 80 -24.95 -39.61 -37.51
C VAL E 80 -26.46 -39.68 -37.38
N LYS E 81 -27.12 -40.27 -38.38
CA LYS E 81 -28.54 -40.55 -38.33
C LYS E 81 -28.73 -42.05 -38.09
N LEU E 82 -29.47 -42.39 -37.03
CA LEU E 82 -29.61 -43.75 -36.56
C LEU E 82 -30.99 -44.30 -36.89
N THR E 83 -31.02 -45.55 -37.33
CA THR E 83 -32.24 -46.30 -37.60
C THR E 83 -32.33 -47.50 -36.67
N PRO E 84 -33.55 -47.92 -36.28
CA PRO E 84 -33.66 -49.10 -35.40
C PRO E 84 -33.36 -50.40 -36.11
N LEU E 85 -32.08 -50.70 -36.30
CA LEU E 85 -31.66 -51.93 -36.96
C LEU E 85 -30.88 -52.83 -36.00
N GLN E 105 -30.47 -25.44 1.49
CA GLN E 105 -31.92 -25.23 1.58
C GLN E 105 -32.27 -23.76 1.42
N ASN E 106 -31.26 -22.93 1.18
CA ASN E 106 -31.46 -21.50 0.98
C ASN E 106 -32.06 -21.24 -0.41
N ILE E 107 -33.00 -20.30 -0.46
CA ILE E 107 -33.62 -19.91 -1.73
C ILE E 107 -32.78 -18.78 -2.32
N THR E 108 -32.11 -19.07 -3.44
CA THR E 108 -31.22 -18.12 -4.10
C THR E 108 -31.79 -17.84 -5.49
N ILE E 109 -32.64 -16.82 -5.59
CA ILE E 109 -33.12 -16.37 -6.89
C ILE E 109 -32.00 -15.61 -7.58
N ILE E 110 -31.60 -16.09 -8.76
CA ILE E 110 -30.40 -15.61 -9.44
C ILE E 110 -30.82 -14.95 -10.74
N ASN E 111 -30.44 -13.68 -10.91
CA ASN E 111 -30.72 -12.94 -12.13
C ASN E 111 -29.51 -13.05 -13.07
N ASP E 112 -29.48 -12.21 -14.10
CA ASP E 112 -28.41 -12.24 -15.09
C ASP E 112 -27.18 -11.46 -14.66
N THR E 113 -27.20 -10.81 -13.49
CA THR E 113 -26.10 -9.99 -13.03
C THR E 113 -25.40 -10.57 -11.80
N SER E 114 -25.59 -11.86 -11.52
CA SER E 114 -24.93 -12.49 -10.38
C SER E 114 -23.44 -12.70 -10.69
N PRO E 115 -22.58 -12.67 -9.66
CA PRO E 115 -21.15 -12.89 -9.90
C PRO E 115 -20.78 -14.26 -10.45
N CYS E 116 -21.52 -15.32 -10.07
CA CYS E 116 -21.22 -16.64 -10.63
C CYS E 116 -21.77 -16.80 -12.04
N VAL E 117 -22.67 -15.92 -12.47
CA VAL E 117 -23.30 -16.04 -13.79
C VAL E 117 -22.28 -15.77 -14.89
N ARG E 118 -21.51 -14.68 -14.76
CA ARG E 118 -20.63 -14.26 -15.84
C ARG E 118 -19.38 -15.12 -15.93
N ALA E 119 -19.02 -15.84 -14.87
CA ALA E 119 -17.84 -16.69 -14.89
C ALA E 119 -18.17 -18.16 -15.11
N ASP E 120 -19.46 -18.53 -15.09
CA ASP E 120 -19.97 -19.89 -15.31
C ASP E 120 -19.37 -20.88 -14.32
N ASN E 121 -19.56 -20.58 -13.03
CA ASN E 121 -18.98 -21.40 -11.96
C ASN E 121 -19.98 -21.64 -10.83
N CYS E 122 -21.27 -21.58 -11.12
CA CYS E 122 -22.27 -21.84 -10.10
C CYS E 122 -22.39 -23.35 -9.88
N THR E 123 -23.06 -23.72 -8.79
CA THR E 123 -23.24 -25.13 -8.44
C THR E 123 -24.24 -25.77 -9.39
N GLY E 124 -23.75 -26.54 -10.36
CA GLY E 124 -24.55 -27.10 -11.41
C GLY E 124 -24.68 -28.61 -11.36
N LEU E 125 -25.16 -29.17 -12.47
CA LEU E 125 -25.34 -30.60 -12.58
C LEU E 125 -24.01 -31.31 -12.73
N LYS E 126 -23.96 -32.56 -12.27
CA LYS E 126 -22.78 -33.38 -12.42
C LYS E 126 -22.68 -33.88 -13.87
N GLU E 127 -21.47 -34.28 -14.24
CA GLU E 127 -21.22 -34.75 -15.60
C GLU E 127 -21.82 -36.13 -15.81
N GLU E 128 -22.49 -36.32 -16.94
CA GLU E 128 -23.09 -37.58 -17.30
C GLU E 128 -22.05 -38.57 -17.80
N HIS E 186 -24.85 -25.50 -39.06
CA HIS E 186 -25.80 -24.50 -39.50
C HIS E 186 -27.12 -24.64 -38.76
N TYR E 187 -27.53 -23.58 -38.08
CA TYR E 187 -28.79 -23.52 -37.36
C TYR E 187 -29.73 -22.54 -38.04
N TRP E 188 -31.00 -22.89 -38.12
CA TRP E 188 -31.96 -22.01 -38.78
C TRP E 188 -32.31 -20.84 -37.87
N ASP E 189 -32.61 -19.71 -38.51
CA ASP E 189 -32.90 -18.44 -37.84
C ASP E 189 -34.31 -17.91 -38.01
N ALA E 190 -35.07 -17.93 -36.90
CA ALA E 190 -36.25 -17.10 -36.71
C ALA E 190 -37.11 -17.36 -37.94
N MET E 191 -37.54 -18.61 -38.10
CA MET E 191 -38.27 -19.04 -39.28
C MET E 191 -39.72 -19.22 -38.88
N ARG E 192 -40.60 -18.59 -39.62
CA ARG E 192 -42.03 -18.58 -39.33
C ARG E 192 -42.79 -18.49 -40.65
N PHE E 193 -43.80 -19.34 -40.81
CA PHE E 193 -44.48 -19.52 -42.08
C PHE E 193 -45.98 -19.60 -41.85
N ARG E 194 -46.72 -19.57 -42.97
CA ARG E 194 -48.16 -19.76 -42.96
C ARG E 194 -48.54 -20.72 -44.08
N TYR E 195 -49.72 -21.33 -43.94
CA TYR E 195 -50.26 -22.26 -44.93
C TYR E 195 -51.34 -21.53 -45.72
N CYS E 196 -51.14 -21.41 -47.02
CA CYS E 196 -52.13 -20.82 -47.91
C CYS E 196 -52.79 -21.91 -48.75
N ALA E 197 -54.12 -21.92 -48.76
CA ALA E 197 -54.85 -22.93 -49.48
C ALA E 197 -54.77 -22.68 -50.99
N PRO E 198 -54.80 -23.74 -51.80
CA PRO E 198 -54.90 -23.58 -53.26
C PRO E 198 -56.27 -23.05 -53.65
N PRO E 199 -56.42 -22.47 -54.85
CA PRO E 199 -57.74 -22.07 -55.32
C PRO E 199 -58.69 -23.25 -55.46
N GLY E 200 -59.96 -23.01 -55.15
CA GLY E 200 -60.92 -24.07 -54.99
C GLY E 200 -60.94 -24.71 -53.62
N PHE E 201 -60.12 -24.22 -52.69
CA PHE E 201 -60.04 -24.76 -51.33
C PHE E 201 -60.13 -23.62 -50.34
N ALA E 202 -60.56 -23.94 -49.13
CA ALA E 202 -60.66 -22.98 -48.04
C ALA E 202 -60.23 -23.64 -46.75
N LEU E 203 -59.87 -22.80 -45.78
CA LEU E 203 -59.46 -23.25 -44.45
C LEU E 203 -60.41 -22.62 -43.44
N LEU E 204 -61.45 -23.37 -43.07
CA LEU E 204 -62.41 -22.89 -42.07
C LEU E 204 -61.77 -22.90 -40.70
N ARG E 205 -61.95 -21.81 -39.95
CA ARG E 205 -61.33 -21.63 -38.65
C ARG E 205 -62.41 -21.53 -37.59
N CYS E 206 -62.27 -22.31 -36.51
CA CYS E 206 -63.19 -22.26 -35.38
C CYS E 206 -62.75 -21.14 -34.45
N ASN E 207 -63.56 -20.09 -34.35
CA ASN E 207 -63.26 -18.94 -33.52
C ASN E 207 -63.95 -19.01 -32.16
N ASP E 208 -64.26 -20.22 -31.68
CA ASP E 208 -64.94 -20.37 -30.40
C ASP E 208 -63.98 -20.10 -29.26
N THR E 209 -64.47 -19.38 -28.25
CA THR E 209 -63.63 -19.05 -27.10
C THR E 209 -63.42 -20.25 -26.18
N ASN E 210 -64.42 -21.12 -26.06
CA ASN E 210 -64.32 -22.32 -25.22
C ASN E 210 -63.84 -23.53 -26.00
N TYR E 211 -63.06 -23.32 -27.07
CA TYR E 211 -62.55 -24.41 -27.88
C TYR E 211 -61.42 -25.12 -27.14
N SER E 212 -61.64 -26.39 -26.79
CA SER E 212 -60.65 -27.20 -26.08
C SER E 212 -59.99 -28.22 -26.99
N GLY E 213 -59.83 -27.89 -28.28
CA GLY E 213 -59.21 -28.77 -29.24
C GLY E 213 -60.14 -29.76 -29.91
N PHE E 214 -61.36 -29.92 -29.39
CA PHE E 214 -62.30 -30.88 -29.97
C PHE E 214 -63.71 -30.31 -29.79
N ALA E 215 -64.21 -29.64 -30.84
CA ALA E 215 -65.57 -29.11 -30.85
C ALA E 215 -66.33 -29.73 -32.01
N PRO E 216 -67.19 -30.72 -31.75
CA PRO E 216 -68.03 -31.27 -32.83
C PRO E 216 -69.07 -30.28 -33.36
N ASN E 217 -69.45 -29.28 -32.57
CA ASN E 217 -70.42 -28.26 -32.99
C ASN E 217 -69.81 -26.90 -32.65
N CYS E 218 -69.07 -26.34 -33.61
CA CYS E 218 -68.45 -25.03 -33.45
C CYS E 218 -69.29 -24.01 -34.22
N SER E 219 -69.88 -23.06 -33.47
CA SER E 219 -70.77 -22.09 -34.10
C SER E 219 -69.99 -21.03 -34.87
N LYS E 220 -68.88 -20.56 -34.32
CA LYS E 220 -68.10 -19.49 -34.93
C LYS E 220 -67.11 -20.09 -35.92
N VAL E 221 -67.53 -20.21 -37.17
CA VAL E 221 -66.69 -20.73 -38.25
C VAL E 221 -66.28 -19.56 -39.12
N VAL E 222 -64.97 -19.36 -39.27
CA VAL E 222 -64.41 -18.25 -40.03
C VAL E 222 -63.60 -18.82 -41.19
N ALA E 223 -63.91 -18.39 -42.40
CA ALA E 223 -63.21 -18.83 -43.59
C ALA E 223 -61.99 -17.96 -43.84
N ALA E 224 -60.87 -18.61 -44.20
CA ALA E 224 -59.63 -17.89 -44.49
C ALA E 224 -58.85 -18.66 -45.53
N THR E 225 -58.39 -17.94 -46.57
CA THR E 225 -57.56 -18.57 -47.59
C THR E 225 -56.15 -18.81 -47.09
N CYS E 226 -55.60 -17.88 -46.31
CA CYS E 226 -54.29 -18.04 -45.71
C CYS E 226 -54.44 -17.94 -44.20
N THR E 227 -53.68 -18.76 -43.49
CA THR E 227 -53.80 -18.90 -42.05
C THR E 227 -53.03 -17.79 -41.35
N ARG E 228 -52.96 -17.88 -40.02
CA ARG E 228 -52.13 -16.96 -39.25
C ARG E 228 -50.69 -17.51 -39.25
N MET E 229 -49.86 -16.96 -38.37
CA MET E 229 -48.42 -16.94 -38.61
C MET E 229 -47.74 -17.89 -37.61
N MET E 230 -47.60 -19.17 -37.96
CA MET E 230 -47.20 -20.18 -36.98
C MET E 230 -45.69 -20.23 -36.73
N GLU E 231 -45.32 -20.99 -35.70
CA GLU E 231 -43.96 -21.11 -35.18
C GLU E 231 -43.40 -22.52 -35.43
N THR E 232 -42.11 -22.59 -35.78
CA THR E 232 -41.45 -23.86 -36.08
C THR E 232 -40.50 -24.34 -34.97
N GLN E 233 -40.53 -23.71 -33.79
CA GLN E 233 -39.63 -24.11 -32.72
C GLN E 233 -40.09 -25.44 -32.10
N SER E 234 -39.14 -26.35 -31.90
CA SER E 234 -39.42 -27.69 -31.40
C SER E 234 -38.80 -27.87 -30.02
N SER E 235 -39.63 -28.16 -29.03
CA SER E 235 -39.16 -28.41 -27.66
C SER E 235 -40.20 -29.22 -26.92
N THR E 236 -39.76 -29.86 -25.83
CA THR E 236 -40.66 -30.49 -24.89
C THR E 236 -40.96 -29.54 -23.73
N TRP E 237 -41.98 -29.91 -22.94
CA TRP E 237 -42.31 -29.34 -21.63
C TRP E 237 -42.87 -27.91 -21.68
N PHE E 238 -42.82 -27.26 -22.84
CA PHE E 238 -43.08 -25.82 -22.94
C PHE E 238 -43.31 -25.50 -24.42
N GLY E 239 -43.45 -24.21 -24.71
CA GLY E 239 -43.54 -23.71 -26.06
C GLY E 239 -43.04 -22.28 -26.14
N PHE E 240 -42.25 -21.98 -27.16
CA PHE E 240 -41.60 -20.67 -27.28
C PHE E 240 -41.95 -20.01 -28.60
N ASN E 241 -42.04 -18.67 -28.55
CA ASN E 241 -42.30 -17.79 -29.70
C ASN E 241 -43.62 -18.11 -30.41
N GLY E 242 -44.61 -18.59 -29.65
CA GLY E 242 -45.91 -18.85 -30.22
C GLY E 242 -46.74 -17.58 -30.34
N THR E 243 -47.56 -17.53 -31.38
CA THR E 243 -48.40 -16.37 -31.64
C THR E 243 -49.85 -16.56 -31.17
N ARG E 244 -50.17 -17.68 -30.54
CA ARG E 244 -51.51 -17.93 -30.03
C ARG E 244 -51.62 -17.73 -28.53
N ALA E 245 -50.60 -17.16 -27.89
CA ALA E 245 -50.64 -16.89 -26.46
C ALA E 245 -51.49 -15.64 -26.24
N GLU E 246 -52.77 -15.85 -25.93
CA GLU E 246 -53.70 -14.75 -25.72
C GLU E 246 -53.58 -14.24 -24.28
N ASN E 247 -54.47 -13.33 -23.90
CA ASN E 247 -54.51 -12.82 -22.53
C ASN E 247 -55.46 -13.63 -21.66
N ARG E 248 -55.31 -14.95 -21.70
CA ARG E 248 -56.16 -15.89 -20.97
C ARG E 248 -55.46 -17.25 -20.99
N THR E 249 -56.03 -18.19 -20.24
CA THR E 249 -55.56 -19.57 -20.21
C THR E 249 -56.68 -20.47 -20.70
N TYR E 250 -56.41 -21.24 -21.75
CA TYR E 250 -57.33 -22.25 -22.24
C TYR E 250 -56.58 -23.56 -22.41
N ILE E 251 -57.27 -24.67 -22.14
CA ILE E 251 -56.65 -25.99 -22.09
C ILE E 251 -57.25 -26.83 -23.21
N TYR E 252 -56.39 -27.35 -24.09
CA TYR E 252 -56.79 -28.33 -25.09
C TYR E 252 -56.71 -29.72 -24.48
N TRP E 253 -57.79 -30.47 -24.58
CA TRP E 253 -57.83 -31.83 -24.04
C TRP E 253 -58.29 -32.79 -25.12
N HIS E 254 -57.49 -33.83 -25.36
CA HIS E 254 -57.86 -34.89 -26.30
C HIS E 254 -58.90 -35.80 -25.66
N GLY E 255 -59.91 -36.17 -26.44
CA GLY E 255 -61.06 -36.89 -25.90
C GLY E 255 -60.85 -38.35 -25.63
N LYS E 256 -59.71 -38.93 -26.04
CA LYS E 256 -59.47 -40.36 -25.86
C LYS E 256 -58.43 -40.69 -24.81
N ASN E 257 -57.55 -39.75 -24.46
CA ASN E 257 -56.50 -40.00 -23.47
C ASN E 257 -56.31 -38.75 -22.64
N ASN E 258 -55.21 -38.72 -21.88
CA ASN E 258 -54.92 -37.63 -20.96
C ASN E 258 -53.93 -36.62 -21.53
N ARG E 259 -53.76 -36.59 -22.85
CA ARG E 259 -52.87 -35.62 -23.47
C ARG E 259 -53.50 -34.23 -23.41
N THR E 260 -52.74 -33.26 -22.90
CA THR E 260 -53.25 -31.91 -22.67
C THR E 260 -52.30 -30.87 -23.24
N ILE E 261 -52.88 -29.82 -23.82
CA ILE E 261 -52.13 -28.64 -24.22
C ILE E 261 -52.74 -27.44 -23.52
N ILE E 262 -51.92 -26.70 -22.77
CA ILE E 262 -52.37 -25.55 -21.99
C ILE E 262 -51.70 -24.30 -22.53
N SER E 263 -52.50 -23.28 -22.83
CA SER E 263 -51.97 -22.00 -23.29
C SER E 263 -51.74 -21.07 -22.10
N LEU E 264 -50.87 -20.08 -22.31
CA LEU E 264 -50.43 -19.21 -21.24
C LEU E 264 -51.05 -17.82 -21.35
N ASN E 265 -50.93 -17.05 -20.28
CA ASN E 265 -51.40 -15.67 -20.24
C ASN E 265 -50.25 -14.74 -20.57
N ASN E 266 -50.47 -13.85 -21.54
CA ASN E 266 -49.46 -12.88 -21.94
C ASN E 266 -49.44 -11.64 -21.06
N PHE E 267 -50.40 -11.51 -20.13
CA PHE E 267 -50.41 -10.36 -19.23
C PHE E 267 -49.28 -10.43 -18.21
N TYR E 268 -48.88 -11.64 -17.80
CA TYR E 268 -47.84 -11.80 -16.79
C TYR E 268 -46.43 -11.60 -17.34
N ASN E 269 -46.28 -11.47 -18.67
CA ASN E 269 -45.00 -11.24 -19.37
C ASN E 269 -44.01 -12.37 -19.07
N LEU E 270 -44.38 -13.55 -19.53
CA LEU E 270 -43.67 -14.79 -19.22
C LEU E 270 -42.58 -15.03 -20.26
N THR E 271 -41.34 -14.68 -19.92
CA THR E 271 -40.19 -14.82 -20.81
C THR E 271 -39.05 -15.49 -20.07
N MET E 272 -38.12 -16.08 -20.84
CA MET E 272 -36.94 -16.71 -20.27
C MET E 272 -35.67 -16.11 -20.87
N HIS E 273 -34.56 -16.31 -20.17
CA HIS E 273 -33.24 -15.87 -20.61
C HIS E 273 -32.23 -16.98 -20.35
N CYS E 274 -31.45 -17.32 -21.38
CA CYS E 274 -30.42 -18.35 -21.26
C CYS E 274 -29.13 -17.84 -21.86
N LYS E 275 -28.03 -18.04 -21.16
CA LYS E 275 -26.72 -17.54 -21.56
C LYS E 275 -25.66 -18.54 -21.14
N ARG E 276 -24.84 -18.97 -22.09
CA ARG E 276 -23.71 -19.84 -21.80
C ARG E 276 -22.42 -19.04 -21.96
N PRO E 277 -21.73 -18.72 -20.88
CA PRO E 277 -20.40 -18.09 -21.01
C PRO E 277 -19.37 -19.09 -21.49
N GLY E 278 -18.58 -18.69 -22.47
CA GLY E 278 -17.57 -19.53 -23.06
C GLY E 278 -16.19 -19.21 -22.52
N ASN E 279 -15.18 -19.33 -23.39
CA ASN E 279 -13.81 -19.01 -23.02
C ASN E 279 -13.68 -17.50 -22.82
N LYS E 280 -13.71 -17.07 -21.57
CA LYS E 280 -13.69 -15.65 -21.28
C LYS E 280 -12.29 -15.08 -21.50
N THR E 281 -12.21 -14.07 -22.36
CA THR E 281 -10.94 -13.44 -22.67
C THR E 281 -10.83 -12.12 -21.93
N VAL E 282 -9.68 -11.46 -22.04
CA VAL E 282 -9.38 -10.23 -21.35
C VAL E 282 -9.11 -9.16 -22.40
N LEU E 283 -8.71 -7.98 -21.93
CA LEU E 283 -8.08 -7.01 -22.81
C LEU E 283 -6.83 -7.64 -23.42
N PRO E 284 -6.62 -7.49 -24.79
CA PRO E 284 -5.62 -8.28 -25.53
C PRO E 284 -4.22 -8.42 -24.96
N ILE E 285 -3.52 -9.44 -25.47
CA ILE E 285 -2.70 -10.41 -24.73
C ILE E 285 -1.89 -9.79 -23.60
N MET E 286 -1.18 -8.69 -23.89
CA MET E 286 -0.39 -7.87 -22.97
C MET E 286 0.65 -8.70 -22.18
N SER E 287 1.16 -9.72 -22.86
CA SER E 287 2.12 -10.63 -22.25
C SER E 287 3.49 -9.93 -22.28
N GLY E 288 3.86 -9.35 -21.13
CA GLY E 288 5.10 -8.59 -21.05
C GLY E 288 5.67 -8.63 -19.65
N PHE E 289 6.73 -7.84 -19.45
CA PHE E 289 7.41 -7.76 -18.15
C PHE E 289 6.50 -7.19 -17.07
N LYS E 290 5.87 -6.06 -17.37
CA LYS E 290 4.85 -5.49 -16.50
C LYS E 290 3.53 -5.44 -17.26
N PHE E 291 2.45 -5.27 -16.49
CA PHE E 291 1.06 -5.29 -16.99
C PHE E 291 0.78 -6.56 -17.79
N HIS E 292 0.76 -7.69 -17.08
CA HIS E 292 0.52 -9.00 -17.69
C HIS E 292 -0.75 -9.59 -17.12
N SER E 293 -1.61 -10.10 -18.01
CA SER E 293 -2.93 -10.61 -17.64
C SER E 293 -3.00 -12.12 -17.87
N LYS E 294 -4.19 -12.67 -17.62
CA LYS E 294 -4.47 -14.09 -17.79
C LYS E 294 -5.95 -14.31 -18.07
N PRO E 295 -6.30 -14.88 -19.22
CA PRO E 295 -7.72 -15.11 -19.53
C PRO E 295 -8.28 -16.28 -18.74
N VAL E 296 -9.61 -16.28 -18.62
CA VAL E 296 -10.33 -17.30 -17.86
C VAL E 296 -10.98 -18.25 -18.86
N ILE E 297 -10.36 -19.40 -19.06
CA ILE E 297 -10.88 -20.42 -19.98
C ILE E 297 -11.97 -21.21 -19.25
N ASN E 298 -13.12 -21.39 -19.92
CA ASN E 298 -14.23 -22.13 -19.35
C ASN E 298 -13.88 -23.61 -19.27
N LYS E 299 -13.81 -24.15 -18.06
CA LYS E 299 -13.48 -25.55 -17.85
C LYS E 299 -14.67 -26.48 -18.06
N LYS E 300 -15.88 -25.94 -18.17
CA LYS E 300 -17.09 -26.76 -18.31
C LYS E 300 -17.84 -26.32 -19.55
N PRO E 301 -17.51 -26.89 -20.72
CA PRO E 301 -18.32 -26.60 -21.92
C PRO E 301 -19.70 -27.23 -21.89
N ARG E 302 -19.94 -28.20 -21.00
CA ARG E 302 -21.23 -28.88 -20.90
C ARG E 302 -22.10 -28.32 -19.79
N GLN E 303 -21.91 -27.05 -19.43
CA GLN E 303 -22.70 -26.41 -18.39
C GLN E 303 -23.27 -25.10 -18.91
N ALA E 304 -24.58 -24.94 -18.83
CA ALA E 304 -25.27 -23.73 -19.24
C ALA E 304 -26.35 -23.40 -18.22
N TRP E 305 -26.85 -22.18 -18.27
CA TRP E 305 -27.81 -21.69 -17.28
C TRP E 305 -28.90 -20.89 -17.96
N CYS E 306 -30.14 -21.34 -17.81
CA CYS E 306 -31.32 -20.58 -18.25
C CYS E 306 -31.99 -19.99 -17.03
N TRP E 307 -32.24 -18.68 -17.06
CA TRP E 307 -32.94 -18.01 -15.97
C TRP E 307 -34.34 -17.63 -16.43
N PHE E 308 -35.31 -17.77 -15.54
CA PHE E 308 -36.70 -17.91 -15.92
C PHE E 308 -37.49 -16.80 -15.24
N LYS E 309 -38.19 -15.98 -16.03
CA LYS E 309 -38.77 -14.74 -15.53
C LYS E 309 -40.27 -14.70 -15.72
N GLY E 310 -40.93 -13.87 -14.94
CA GLY E 310 -42.35 -13.62 -15.04
C GLY E 310 -43.09 -13.98 -13.76
N GLU E 311 -44.38 -13.61 -13.75
CA GLU E 311 -45.29 -13.93 -12.65
C GLU E 311 -45.79 -15.36 -12.85
N TRP E 312 -44.97 -16.31 -12.40
CA TRP E 312 -45.27 -17.72 -12.66
C TRP E 312 -46.11 -18.36 -11.55
N LYS E 313 -46.12 -17.78 -10.35
CA LYS E 313 -47.05 -18.27 -9.33
C LYS E 313 -48.49 -17.93 -9.70
N GLU E 314 -48.71 -16.71 -10.21
CA GLU E 314 -50.05 -16.32 -10.67
C GLU E 314 -50.47 -17.12 -11.89
N ALA E 315 -49.54 -17.38 -12.81
CA ALA E 315 -49.86 -18.23 -13.96
C ALA E 315 -50.11 -19.67 -13.56
N MET E 316 -49.41 -20.15 -12.53
CA MET E 316 -49.66 -21.49 -12.00
C MET E 316 -51.05 -21.57 -11.38
N GLN E 317 -51.45 -20.54 -10.63
CA GLN E 317 -52.81 -20.49 -10.08
C GLN E 317 -53.86 -20.41 -11.18
N GLU E 318 -53.58 -19.64 -12.24
CA GLU E 318 -54.51 -19.55 -13.36
C GLU E 318 -54.65 -20.88 -14.11
N VAL E 319 -53.54 -21.60 -14.27
CA VAL E 319 -53.56 -22.92 -14.90
C VAL E 319 -54.35 -23.91 -14.05
N LYS E 320 -54.15 -23.88 -12.73
CA LYS E 320 -54.90 -24.77 -11.85
C LYS E 320 -56.38 -24.42 -11.81
N GLU E 321 -56.71 -23.13 -11.88
CA GLU E 321 -58.12 -22.71 -11.92
C GLU E 321 -58.78 -23.14 -13.22
N THR E 322 -58.07 -23.03 -14.35
CA THR E 322 -58.61 -23.48 -15.62
C THR E 322 -58.74 -25.00 -15.67
N LEU E 323 -57.83 -25.72 -15.01
CA LEU E 323 -57.97 -27.17 -14.93
C LEU E 323 -59.15 -27.57 -14.04
N ALA E 324 -59.37 -26.84 -12.95
CA ALA E 324 -60.51 -27.12 -12.09
C ALA E 324 -61.82 -26.73 -12.76
N LYS E 325 -61.79 -25.75 -13.66
CA LYS E 325 -62.99 -25.33 -14.38
C LYS E 325 -63.17 -26.05 -15.71
N HIS E 326 -62.28 -27.00 -16.04
CA HIS E 326 -62.43 -27.74 -17.28
C HIS E 326 -63.57 -28.74 -17.15
N PRO E 327 -64.40 -28.90 -18.20
CA PRO E 327 -65.51 -29.86 -18.14
C PRO E 327 -65.06 -31.32 -18.12
N ARG E 328 -63.84 -31.62 -18.56
CA ARG E 328 -63.32 -32.98 -18.55
C ARG E 328 -62.58 -33.32 -17.26
N TYR E 329 -62.59 -32.42 -16.28
CA TYR E 329 -61.87 -32.64 -15.03
C TYR E 329 -62.67 -33.56 -14.13
N LYS E 330 -62.09 -34.70 -13.77
CA LYS E 330 -62.73 -35.69 -12.92
C LYS E 330 -62.35 -35.55 -11.45
N GLY E 331 -61.47 -34.61 -11.11
CA GLY E 331 -61.05 -34.39 -9.74
C GLY E 331 -61.95 -33.41 -9.01
N ASN E 332 -61.46 -32.97 -7.86
CA ASN E 332 -62.18 -32.00 -7.04
C ASN E 332 -62.02 -30.62 -7.65
N ARG E 333 -63.11 -30.07 -8.20
CA ARG E 333 -63.09 -28.77 -8.84
C ARG E 333 -63.03 -27.63 -7.84
N SER E 334 -63.44 -27.85 -6.59
CA SER E 334 -63.41 -26.83 -5.56
C SER E 334 -62.12 -26.84 -4.75
N ARG E 335 -61.18 -27.72 -5.07
CA ARG E 335 -59.91 -27.81 -4.36
C ARG E 335 -58.78 -27.87 -5.37
N THR E 336 -58.02 -26.78 -5.46
CA THR E 336 -56.84 -26.75 -6.33
C THR E 336 -55.61 -27.36 -5.68
N GLU E 337 -55.65 -27.63 -4.37
CA GLU E 337 -54.54 -28.28 -3.69
C GLU E 337 -54.45 -29.76 -4.00
N ASN E 338 -55.55 -30.39 -4.45
CA ASN E 338 -55.46 -31.76 -4.95
C ASN E 338 -54.79 -31.84 -6.30
N ILE E 339 -54.70 -30.72 -7.03
CA ILE E 339 -53.87 -30.64 -8.22
C ILE E 339 -52.43 -30.43 -7.79
N LYS E 340 -51.51 -31.19 -8.39
CA LYS E 340 -50.10 -31.05 -8.10
C LYS E 340 -49.29 -31.28 -9.38
N PHE E 341 -48.37 -30.37 -9.66
CA PHE E 341 -47.50 -30.53 -10.82
C PHE E 341 -46.47 -31.63 -10.57
N LYS E 342 -46.14 -32.36 -11.62
CA LYS E 342 -45.27 -33.53 -11.50
C LYS E 342 -44.32 -33.60 -12.67
N ALA E 343 -43.35 -34.51 -12.56
CA ALA E 343 -42.38 -34.84 -13.58
C ALA E 343 -42.36 -36.35 -13.81
N PRO E 344 -41.98 -36.81 -15.01
CA PRO E 344 -41.82 -38.25 -15.21
C PRO E 344 -40.70 -38.82 -14.37
N GLY E 345 -40.85 -40.10 -14.01
CA GLY E 345 -39.90 -40.74 -13.13
C GLY E 345 -38.57 -41.04 -13.82
N ARG E 346 -37.57 -41.31 -12.99
CA ARG E 346 -36.24 -41.63 -13.49
C ARG E 346 -36.22 -43.00 -14.16
N GLY E 347 -35.45 -43.11 -15.23
CA GLY E 347 -35.43 -44.30 -16.06
C GLY E 347 -36.24 -44.16 -17.34
N SER E 348 -36.94 -43.05 -17.52
CA SER E 348 -37.69 -42.80 -18.74
C SER E 348 -36.79 -42.12 -19.77
N ASP E 349 -37.39 -41.60 -20.84
CA ASP E 349 -36.61 -40.90 -21.86
C ASP E 349 -36.11 -39.56 -21.32
N PRO E 350 -34.90 -39.14 -21.71
CA PRO E 350 -34.42 -37.81 -21.31
C PRO E 350 -35.18 -36.66 -21.97
N GLU E 351 -35.91 -36.92 -23.06
CA GLU E 351 -36.72 -35.88 -23.70
C GLU E 351 -37.89 -35.49 -22.81
N ALA E 352 -38.55 -36.47 -22.19
CA ALA E 352 -39.71 -36.18 -21.36
C ALA E 352 -39.33 -35.77 -19.94
N ALA E 353 -38.07 -35.96 -19.54
CA ALA E 353 -37.65 -35.67 -18.17
C ALA E 353 -36.79 -34.43 -18.05
N TYR E 354 -36.36 -33.83 -19.17
CA TYR E 354 -35.44 -32.70 -19.12
C TYR E 354 -35.91 -31.64 -20.11
N MET E 355 -35.16 -30.53 -20.16
CA MET E 355 -35.46 -29.38 -21.00
C MET E 355 -34.90 -29.64 -22.39
N TRP E 356 -35.62 -30.45 -23.16
CA TRP E 356 -35.22 -30.82 -24.51
C TRP E 356 -35.48 -29.64 -25.43
N THR E 357 -34.54 -28.70 -25.45
CA THR E 357 -34.70 -27.47 -26.22
C THR E 357 -33.38 -27.12 -26.90
N ASN E 358 -33.49 -26.28 -27.93
CA ASN E 358 -32.36 -25.87 -28.75
C ASN E 358 -31.89 -24.49 -28.32
N CYS E 359 -30.56 -24.29 -28.37
CA CYS E 359 -29.97 -22.98 -28.13
C CYS E 359 -28.93 -22.71 -29.23
N ARG E 360 -29.40 -22.13 -30.33
CA ARG E 360 -28.57 -21.68 -31.47
C ARG E 360 -27.74 -22.82 -32.06
N GLY E 361 -28.34 -24.00 -32.18
CA GLY E 361 -27.68 -25.16 -32.72
C GLY E 361 -27.17 -26.15 -31.69
N GLU E 362 -27.10 -25.76 -30.42
CA GLU E 362 -26.68 -26.64 -29.35
C GLU E 362 -27.89 -26.96 -28.48
N PHE E 363 -28.11 -28.24 -28.24
CA PHE E 363 -29.37 -28.72 -27.69
C PHE E 363 -29.20 -29.01 -26.20
N LEU E 364 -29.88 -28.23 -25.36
CA LEU E 364 -29.69 -28.30 -23.91
C LEU E 364 -30.45 -29.46 -23.30
N TYR E 365 -30.06 -29.81 -22.07
CA TYR E 365 -30.74 -30.80 -21.23
C TYR E 365 -30.64 -30.28 -19.79
N CYS E 366 -31.65 -29.54 -19.35
CA CYS E 366 -31.63 -28.92 -18.03
C CYS E 366 -32.51 -29.70 -17.05
N ASN E 367 -32.24 -29.49 -15.76
CA ASN E 367 -32.95 -30.16 -14.68
C ASN E 367 -33.82 -29.14 -13.97
N MET E 368 -35.15 -29.26 -14.15
CA MET E 368 -36.11 -28.35 -13.54
C MET E 368 -36.62 -28.85 -12.19
N THR E 369 -35.83 -29.64 -11.46
CA THR E 369 -36.23 -30.09 -10.13
C THR E 369 -36.30 -28.91 -9.17
N TRP E 370 -35.31 -28.01 -9.23
CA TRP E 370 -35.36 -26.78 -8.45
C TRP E 370 -36.49 -25.88 -8.94
N PHE E 371 -36.72 -25.85 -10.25
CA PHE E 371 -37.84 -25.13 -10.82
C PHE E 371 -39.18 -25.71 -10.37
N LEU E 372 -39.28 -27.03 -10.28
CA LEU E 372 -40.51 -27.65 -9.80
C LEU E 372 -40.72 -27.39 -8.31
N ASN E 373 -39.64 -27.32 -7.54
CA ASN E 373 -39.77 -26.94 -6.13
C ASN E 373 -40.17 -25.49 -5.98
N TRP E 374 -39.69 -24.61 -6.87
CA TRP E 374 -40.07 -23.20 -6.82
C TRP E 374 -41.52 -23.00 -7.24
N VAL E 375 -41.99 -23.75 -8.23
CA VAL E 375 -43.36 -23.61 -8.70
C VAL E 375 -44.35 -24.18 -7.68
N ASP E 376 -44.08 -25.39 -7.20
CA ASP E 376 -45.01 -26.07 -6.31
C ASP E 376 -44.85 -25.66 -4.85
N ASN E 377 -43.87 -24.79 -4.54
CA ASN E 377 -43.57 -24.29 -3.20
C ASN E 377 -43.31 -25.43 -2.21
N ARG E 378 -42.56 -26.44 -2.66
CA ARG E 378 -42.21 -27.56 -1.80
C ARG E 378 -41.15 -27.11 -0.81
N THR E 379 -41.54 -26.94 0.46
CA THR E 379 -40.65 -26.43 1.49
C THR E 379 -39.62 -27.49 1.88
N GLY E 380 -38.49 -27.00 2.39
CA GLY E 380 -37.39 -27.87 2.78
C GLY E 380 -36.51 -28.34 1.64
N GLN E 381 -36.73 -27.82 0.43
CA GLN E 381 -35.96 -28.21 -0.74
C GLN E 381 -35.43 -26.98 -1.44
N LYS E 382 -34.57 -27.21 -2.44
CA LYS E 382 -33.93 -26.12 -3.18
C LYS E 382 -34.94 -25.55 -4.17
N GLN E 383 -35.38 -24.32 -3.94
CA GLN E 383 -36.29 -23.62 -4.83
C GLN E 383 -35.51 -22.54 -5.56
N ARG E 384 -35.28 -22.75 -6.85
CA ARG E 384 -34.53 -21.81 -7.68
C ARG E 384 -35.36 -21.39 -8.88
N ASN E 385 -35.08 -20.19 -9.37
CA ASN E 385 -35.72 -19.67 -10.58
C ASN E 385 -34.93 -19.99 -11.84
N TYR E 386 -33.99 -20.93 -11.77
CA TYR E 386 -33.13 -21.27 -12.89
C TYR E 386 -33.06 -22.79 -13.00
N ALA E 387 -32.18 -23.27 -13.88
CA ALA E 387 -31.97 -24.70 -14.08
C ALA E 387 -30.58 -24.93 -14.67
N PRO E 388 -29.76 -25.81 -14.07
CA PRO E 388 -28.46 -26.15 -14.66
C PRO E 388 -28.63 -26.98 -15.92
N CYS E 389 -28.11 -26.47 -17.04
CA CYS E 389 -28.32 -27.07 -18.34
C CYS E 389 -27.08 -27.83 -18.77
N HIS E 390 -27.27 -29.07 -19.23
CA HIS E 390 -26.19 -29.94 -19.68
C HIS E 390 -26.31 -30.12 -21.18
N ILE E 391 -25.19 -29.98 -21.89
CA ILE E 391 -25.21 -30.14 -23.34
C ILE E 391 -25.09 -31.64 -23.66
N ARG E 392 -25.62 -32.02 -24.82
CA ARG E 392 -25.55 -33.41 -25.27
C ARG E 392 -25.37 -33.43 -26.78
N GLN E 393 -24.41 -34.23 -27.24
CA GLN E 393 -24.19 -34.37 -28.68
C GLN E 393 -25.25 -35.24 -29.35
N ILE E 394 -25.94 -36.08 -28.59
CA ILE E 394 -26.96 -36.97 -29.14
C ILE E 394 -28.33 -36.54 -28.62
N ILE E 395 -29.35 -36.80 -29.45
CA ILE E 395 -30.76 -36.59 -29.10
C ILE E 395 -31.55 -37.80 -29.58
N ASN E 396 -32.87 -37.72 -29.43
CA ASN E 396 -33.79 -38.69 -29.98
C ASN E 396 -34.73 -38.00 -30.96
N THR E 397 -35.14 -38.74 -31.99
CA THR E 397 -36.03 -38.21 -33.01
C THR E 397 -37.45 -38.12 -32.45
N TRP E 398 -38.01 -36.91 -32.44
CA TRP E 398 -39.34 -36.71 -31.87
C TRP E 398 -40.44 -37.18 -32.81
N HIS E 399 -40.23 -37.12 -34.12
CA HIS E 399 -41.25 -37.52 -35.08
C HIS E 399 -41.13 -38.98 -35.47
N ARG E 400 -39.93 -39.42 -35.84
CA ARG E 400 -39.68 -40.78 -36.29
C ARG E 400 -38.94 -41.57 -35.21
N VAL E 401 -38.55 -42.79 -35.55
CA VAL E 401 -37.84 -43.68 -34.63
C VAL E 401 -36.37 -43.63 -34.97
N GLY E 402 -35.55 -43.18 -34.03
CA GLY E 402 -34.12 -43.13 -34.24
C GLY E 402 -33.49 -42.07 -33.36
N LYS E 403 -32.19 -41.90 -33.54
CA LYS E 403 -31.40 -40.92 -32.81
C LYS E 403 -30.55 -40.11 -33.78
N ASN E 404 -30.21 -38.89 -33.34
CA ASN E 404 -29.39 -37.98 -34.14
C ASN E 404 -28.20 -37.54 -33.31
N VAL E 405 -27.00 -37.66 -33.89
CA VAL E 405 -25.75 -37.30 -33.23
C VAL E 405 -25.19 -36.07 -33.94
N TYR E 406 -24.85 -35.05 -33.16
CA TYR E 406 -24.41 -33.77 -33.70
C TYR E 406 -22.93 -33.55 -33.41
N LEU E 407 -22.44 -32.38 -33.81
CA LEU E 407 -21.05 -32.00 -33.62
C LEU E 407 -20.78 -31.69 -32.15
N PRO E 408 -19.52 -31.75 -31.73
CA PRO E 408 -19.15 -31.17 -30.45
C PRO E 408 -19.38 -29.68 -30.45
N PRO E 409 -19.69 -29.09 -29.30
CA PRO E 409 -20.04 -27.66 -29.25
C PRO E 409 -18.85 -26.76 -29.58
N ARG E 410 -19.16 -25.64 -30.24
CA ARG E 410 -18.16 -24.70 -30.68
C ARG E 410 -17.71 -23.80 -29.54
N GLU E 411 -16.62 -23.07 -29.78
CA GLU E 411 -16.09 -22.14 -28.80
C GLU E 411 -16.77 -20.78 -28.95
N GLY E 412 -17.12 -20.18 -27.82
CA GLY E 412 -17.72 -18.86 -27.80
C GLY E 412 -18.87 -18.80 -26.83
N GLU E 413 -19.61 -17.68 -26.90
CA GLU E 413 -20.69 -17.40 -25.98
C GLU E 413 -22.03 -17.74 -26.64
N LEU E 414 -22.86 -18.51 -25.94
CA LEU E 414 -24.13 -18.99 -26.46
C LEU E 414 -25.26 -18.30 -25.69
N THR E 415 -26.18 -17.68 -26.43
CA THR E 415 -27.28 -16.94 -25.84
C THR E 415 -28.58 -17.29 -26.56
N CYS E 416 -29.67 -17.40 -25.79
CA CYS E 416 -30.99 -17.63 -26.34
C CYS E 416 -32.00 -16.79 -25.59
N ASN E 417 -33.05 -16.38 -26.30
CA ASN E 417 -34.12 -15.57 -25.73
C ASN E 417 -35.39 -15.80 -26.52
N SER E 418 -36.48 -16.06 -25.82
CA SER E 418 -37.78 -16.31 -26.43
C SER E 418 -38.86 -15.98 -25.41
N THR E 419 -40.12 -16.12 -25.82
CA THR E 419 -41.27 -15.88 -24.97
C THR E 419 -42.02 -17.18 -24.75
N VAL E 420 -42.23 -17.55 -23.49
CA VAL E 420 -42.91 -18.79 -23.17
C VAL E 420 -44.40 -18.61 -23.40
N THR E 421 -44.98 -19.52 -24.19
CA THR E 421 -46.34 -19.31 -24.71
C THR E 421 -47.31 -20.44 -24.39
N SER E 422 -46.80 -21.66 -24.21
CA SER E 422 -47.68 -22.81 -24.03
C SER E 422 -46.95 -23.88 -23.22
N ILE E 423 -47.74 -24.81 -22.68
CA ILE E 423 -47.24 -25.93 -21.87
C ILE E 423 -47.75 -27.22 -22.48
N ILE E 424 -46.86 -28.23 -22.55
CA ILE E 424 -47.22 -29.58 -22.98
C ILE E 424 -47.07 -30.51 -21.78
N ALA E 425 -48.17 -31.15 -21.38
CA ALA E 425 -48.17 -32.01 -20.21
C ALA E 425 -49.32 -33.00 -20.31
N ASN E 426 -49.26 -34.04 -19.48
CA ASN E 426 -50.33 -35.02 -19.35
C ASN E 426 -50.91 -34.91 -17.95
N ILE E 427 -52.24 -34.80 -17.87
CA ILE E 427 -52.94 -34.57 -16.62
C ILE E 427 -53.77 -35.80 -16.29
N ASP E 428 -53.44 -36.45 -15.16
CA ASP E 428 -54.18 -37.61 -14.69
C ASP E 428 -55.12 -37.19 -13.56
N THR E 429 -56.38 -37.58 -13.67
CA THR E 429 -57.43 -37.17 -12.74
C THR E 429 -57.77 -38.33 -11.81
N GLY E 430 -57.80 -38.06 -10.51
CA GLY E 430 -58.14 -39.05 -9.51
C GLY E 430 -58.35 -38.43 -8.15
N ASP E 431 -57.88 -39.11 -7.11
CA ASP E 431 -57.90 -38.52 -5.76
C ASP E 431 -56.94 -37.33 -5.68
N GLN E 432 -55.76 -37.46 -6.28
CA GLN E 432 -54.80 -36.36 -6.40
C GLN E 432 -54.52 -36.16 -7.88
N THR E 433 -54.80 -34.96 -8.37
CA THR E 433 -54.59 -34.66 -9.78
C THR E 433 -53.11 -34.38 -10.03
N ASP E 434 -52.52 -35.14 -10.94
CA ASP E 434 -51.09 -35.04 -11.23
C ASP E 434 -50.90 -34.53 -12.66
N ILE E 435 -50.10 -33.47 -12.79
CA ILE E 435 -49.77 -32.88 -14.07
C ILE E 435 -48.36 -33.33 -14.43
N THR E 436 -48.26 -34.42 -15.20
CA THR E 436 -46.97 -34.94 -15.62
C THR E 436 -46.61 -34.35 -16.98
N PHE E 437 -45.42 -33.76 -17.07
CA PHE E 437 -45.01 -33.06 -18.28
C PHE E 437 -44.64 -34.06 -19.36
N SER E 438 -45.26 -33.91 -20.54
CA SER E 438 -45.10 -34.85 -21.63
C SER E 438 -44.01 -34.38 -22.60
N ALA E 439 -43.77 -35.19 -23.63
CA ALA E 439 -42.77 -34.89 -24.64
C ALA E 439 -43.37 -34.81 -26.04
N GLU E 440 -44.67 -34.54 -26.14
CA GLU E 440 -45.34 -34.46 -27.44
C GLU E 440 -45.04 -33.11 -28.07
N VAL E 441 -43.98 -33.09 -28.89
CA VAL E 441 -43.61 -31.86 -29.60
C VAL E 441 -44.63 -31.52 -30.68
N ALA E 442 -45.27 -32.54 -31.27
CA ALA E 442 -46.25 -32.32 -32.33
C ALA E 442 -47.52 -31.67 -31.81
N GLU E 443 -47.80 -31.77 -30.50
CA GLU E 443 -49.01 -31.17 -29.95
C GLU E 443 -48.94 -29.65 -29.93
N LEU E 444 -47.74 -29.06 -29.99
CA LEU E 444 -47.63 -27.61 -30.14
C LEU E 444 -48.18 -27.15 -31.48
N TYR E 445 -47.79 -27.83 -32.57
CA TYR E 445 -48.32 -27.48 -33.89
C TYR E 445 -49.78 -27.93 -34.02
N ARG E 446 -50.19 -28.95 -33.28
CA ARG E 446 -51.60 -29.34 -33.24
C ARG E 446 -52.44 -28.26 -32.55
N LEU E 447 -51.88 -27.61 -31.53
CA LEU E 447 -52.52 -26.43 -30.95
C LEU E 447 -52.55 -25.28 -31.96
N GLU E 448 -51.45 -25.08 -32.68
CA GLU E 448 -51.32 -23.93 -33.57
C GLU E 448 -52.24 -24.03 -34.78
N LEU E 449 -52.51 -25.23 -35.27
CA LEU E 449 -53.36 -25.40 -36.45
C LEU E 449 -54.61 -26.23 -36.16
N GLY E 450 -55.06 -26.27 -34.91
CA GLY E 450 -56.22 -27.07 -34.56
C GLY E 450 -57.55 -26.44 -34.94
N ASP E 451 -57.64 -25.12 -34.90
CA ASP E 451 -58.89 -24.46 -35.26
C ASP E 451 -59.10 -24.44 -36.77
N TYR E 452 -58.03 -24.37 -37.55
CA TYR E 452 -58.14 -24.39 -38.99
C TYR E 452 -58.44 -25.80 -39.48
N LYS E 453 -59.24 -25.88 -40.54
CA LYS E 453 -59.60 -27.17 -41.14
C LYS E 453 -59.79 -26.96 -42.63
N LEU E 454 -59.06 -27.74 -43.43
CA LEU E 454 -59.12 -27.61 -44.87
C LEU E 454 -60.44 -28.19 -45.41
N VAL E 455 -61.12 -27.40 -46.25
CA VAL E 455 -62.32 -27.86 -46.94
C VAL E 455 -62.13 -27.61 -48.43
N GLU E 456 -62.87 -28.37 -49.23
CA GLU E 456 -62.80 -28.27 -50.69
C GLU E 456 -64.09 -27.63 -51.20
N ILE E 457 -63.97 -26.43 -51.75
CA ILE E 457 -65.11 -25.71 -52.28
C ILE E 457 -65.54 -26.31 -53.62
#